data_4U59
#
_entry.id   4U59
#
_cell.length_a   254.960
_cell.length_b   82.230
_cell.length_c   98.920
_cell.angle_alpha   90.000
_cell.angle_beta   90.000
_cell.angle_gamma   90.000
#
_symmetry.space_group_name_H-M   'P 21 21 2'
#
_entity_poly.entity_id   1
_entity_poly.type   'polypeptide(L)'
_entity_poly.pdbx_seq_one_letter_code
;MGSSHHHHHHSSGLVPRGSHMDNNDKTAPTTKSEAPAVAQPSPAQDPAQLQKLAQQSQGKALTLLDASEAQLDGAATLVL
TFSIPLDPEQDFSRVVHVVDAASGSVDGAWELAPNLKELRLRHLEPERVLVVTVDPAVKALNNATFGKSYEKTITTRDVQ
PSVGFASRGSLLPGKIAEGLPVMALNVNHVDVNFFRVKPGSLASFVSQWEYRSSLSNWESDNLLKMADLVYTGRFDLNPA
RNTREKLLLPLSDIKPLQQAGVYVAVMNQAGHYNYSNAATLFTLSDIGVSAHRYHNRLDIFTQSLENGAAQSGIEIVLLN
DKGQTLAQATSDAQGHVQLEADKAAALLLARKEEQTTLLDLTLPALDLSEFNVAGAPGYSKQFFMFGPRDLYRPGETVIL
NGLLRDSDGKTLPDQPVKLEVVKPDGQVMRTVVSQPENGLYRLNYPLDINAPTGLWHVRANTGDNLLRSWDFHVEDFMPE
RMALNLTAQKTPLAPADEVKFSVVGYYLYGAPANGNTLQGQLFLRPLRDAVAALPGFQFGNIAEENLSRSLDEVQLTLDK
GGRGEVSAASQWQEAHSPLQVILQASLLESGGRPVTRRVEQAIWPADTLPGIRPQFAAKAVYDYRTDTTVNQPIVDEDSN
AAFDIVYANAQGEKKAVSGLQVRLIRERRDYYWNWSESEGWQSQFDQKDLVEGEQTLDLNADETGKVSFPVEWGAYRLEV
KAPNETVSSVRFWAGYSWQDNSDGSGAARPDRVTLKLDKANYRPGDTMKLHIAAPVAGKGYAMVESSDGPLWWQAIDVPA
QGLELTIPVDKTWNRHDLYLSTLVVRPGDKSRSATPKRAVGLLHLPLGDDNRRLDLALESPAKMRPNQPLTVRVKASVKH
GEMPKQINVLVSAVDSGVLNITDYATPDPWQAFFGQKRYGADIYDIYGQVIEGQGRLAALRFGGDGDDLKRGGKPPVNHV
NIIAQQAQPITLNEQGEGVVTLPIGDFNGELRVMAQAWTADDFGRGESKVVVAAPVIAELNMPRFLAGGDVSRLVLDVTN
LTDRPQTLNIALAASGLLELLSQQPQPVNLAPGVRTTLFVPVRALEGFGEGEIQATISGLNLPGETLDAQHKQWQIGVRP
AWPAQTVNSGIALAPGESWHVPEQHLANISPATLQGQLLLSGKPPLNLARYIRELKAYPYGCLE(MEQ)TTSGLFPALYT
NAAQLQSLGITGDSDEKRRAAVDIGISRILQMQRDNGGFALWDENGAEEPWLTAYAMDFLIRAGEQGYSVPPEAINRGNE
RLLRYLQDPGTMLIRYSDNTQASTFAAQAYAALVLARQQKAPLGTLREIWERRSQAASGLPLMQLGIALNTMGDARRGEE
AITLALNTPRQDERQWIADYGSSLRDNALMLSLLEENNLRPDAQNALLSSLSEQAFGQRWLSTQENNALFLAAHSRQASA
GAWQVQTSLEAQPLSGDKALTRNLDADQLAALEVTNTGSQPLWLRLDSSGYPSSAPEPASNVLQIERQILGTDGQRKSLS
SLRSGELVLVWLTVVADRNVPDALVVDLLPAGLELENQNLADSSASLPESGSEVQNLLNQMQQADIQYMEFRDDRFVAAV
VVNEGQPVTLVYLARAVTPGTYQLAQPQVESMYAPQWRATGASEGLLIVTP
;
_entity_poly.pdbx_strand_id   A
#
# COMPACT_ATOMS: atom_id res chain seq x y z
N LEU A 53 -0.56 -21.88 37.68
CA LEU A 53 -1.05 -22.60 38.85
C LEU A 53 0.03 -23.54 39.38
N ALA A 54 -0.04 -24.81 39.00
CA ALA A 54 0.99 -25.80 39.33
C ALA A 54 1.18 -26.03 40.84
N GLN A 55 0.35 -25.41 41.66
CA GLN A 55 0.40 -25.64 43.10
C GLN A 55 -0.43 -26.88 43.44
N GLN A 56 -1.09 -27.45 42.44
CA GLN A 56 -1.80 -28.70 42.60
C GLN A 56 -0.83 -29.81 43.01
N SER A 57 0.44 -29.59 42.73
CA SER A 57 1.50 -30.54 43.07
C SER A 57 2.09 -30.28 44.44
N GLN A 58 1.53 -29.32 45.17
CA GLN A 58 2.04 -28.95 46.48
C GLN A 58 1.77 -30.06 47.50
N GLY A 59 2.77 -30.33 48.34
CA GLY A 59 2.65 -31.36 49.37
C GLY A 59 3.14 -32.71 48.90
N LYS A 60 3.59 -32.78 47.64
CA LYS A 60 4.07 -34.03 47.06
C LYS A 60 5.59 -34.04 46.97
N ALA A 61 6.19 -35.21 47.15
CA ALA A 61 7.63 -35.38 47.01
C ALA A 61 7.99 -35.48 45.54
N LEU A 62 9.24 -35.85 45.26
CA LEU A 62 9.71 -36.04 43.89
C LEU A 62 10.48 -37.34 43.73
N THR A 63 9.82 -38.32 43.11
CA THR A 63 10.43 -39.61 42.80
C THR A 63 10.45 -39.82 41.29
N LEU A 64 11.44 -40.56 40.81
CA LEU A 64 11.55 -40.88 39.40
C LEU A 64 10.66 -42.08 39.07
N LEU A 65 9.69 -41.87 38.17
CA LEU A 65 8.74 -42.92 37.83
C LEU A 65 9.31 -43.88 36.78
N ASP A 66 9.82 -43.34 35.67
CA ASP A 66 10.33 -44.22 34.61
C ASP A 66 11.37 -43.58 33.69
N ALA A 67 12.59 -44.08 33.77
CA ALA A 67 13.66 -43.69 32.86
C ALA A 67 13.94 -44.81 31.87
N SER A 68 13.50 -44.65 30.62
CA SER A 68 13.67 -45.71 29.62
C SER A 68 13.68 -45.18 28.19
N GLU A 69 14.03 -46.06 27.26
CA GLU A 69 14.06 -45.73 25.84
C GLU A 69 12.67 -45.87 25.22
N ALA A 70 12.41 -45.09 24.19
CA ALA A 70 11.12 -45.16 23.48
C ALA A 70 11.23 -44.52 22.10
N GLN A 71 10.39 -44.98 21.18
CA GLN A 71 10.36 -44.44 19.83
C GLN A 71 9.48 -43.20 19.78
N LEU A 72 10.12 -42.03 19.65
CA LEU A 72 9.42 -40.76 19.62
C LEU A 72 9.65 -40.07 18.28
N ASP A 73 8.56 -39.71 17.61
CA ASP A 73 8.60 -39.07 16.30
C ASP A 73 9.48 -39.86 15.33
N GLY A 74 9.40 -41.18 15.42
CA GLY A 74 10.13 -42.05 14.52
C GLY A 74 11.59 -42.23 14.87
N ALA A 75 12.03 -41.62 15.97
CA ALA A 75 13.43 -41.68 16.39
C ALA A 75 13.57 -42.30 17.78
N ALA A 76 14.68 -43.02 17.97
CA ALA A 76 15.00 -43.59 19.28
C ALA A 76 15.31 -42.47 20.27
N THR A 77 14.49 -42.38 21.32
CA THR A 77 14.58 -41.30 22.28
C THR A 77 14.61 -41.82 23.71
N LEU A 78 15.47 -41.23 24.54
CA LEU A 78 15.52 -41.55 25.97
C LEU A 78 14.54 -40.65 26.70
N VAL A 79 13.71 -41.25 27.56
CA VAL A 79 12.69 -40.52 28.29
C VAL A 79 12.73 -40.84 29.77
N LEU A 80 12.92 -39.79 30.57
CA LEU A 80 12.78 -39.86 32.02
C LEU A 80 11.41 -39.31 32.42
N THR A 81 10.69 -40.08 33.21
CA THR A 81 9.36 -39.70 33.68
C THR A 81 9.37 -39.54 35.19
N PHE A 82 9.15 -38.31 35.64
CA PHE A 82 9.10 -38.00 37.07
C PHE A 82 7.65 -37.94 37.55
N SER A 83 7.48 -37.96 38.87
CA SER A 83 6.16 -38.05 39.48
C SER A 83 5.38 -36.74 39.43
N ILE A 84 6.08 -35.61 39.55
CA ILE A 84 5.44 -34.30 39.58
C ILE A 84 6.16 -33.30 38.68
N PRO A 85 5.45 -32.24 38.24
CA PRO A 85 6.00 -31.25 37.30
C PRO A 85 7.33 -30.63 37.75
N LEU A 86 8.28 -30.56 36.83
CA LEU A 86 9.62 -30.05 37.16
C LEU A 86 9.76 -28.56 36.89
N ASP A 87 10.88 -27.99 37.34
CA ASP A 87 11.19 -26.59 37.08
C ASP A 87 11.52 -26.40 35.60
N PRO A 88 10.65 -25.71 34.85
CA PRO A 88 10.81 -25.64 33.40
C PRO A 88 12.05 -24.88 32.92
N GLU A 89 12.75 -24.21 33.84
CA GLU A 89 13.95 -23.48 33.47
C GLU A 89 15.08 -24.45 33.13
N GLN A 90 15.77 -24.18 32.03
CA GLN A 90 16.81 -25.07 31.54
C GLN A 90 17.98 -25.16 32.51
N ASP A 91 17.91 -26.13 33.42
CA ASP A 91 18.97 -26.37 34.40
C ASP A 91 19.43 -27.82 34.33
N PHE A 92 19.07 -28.49 33.24
CA PHE A 92 19.32 -29.93 33.10
C PHE A 92 20.65 -30.19 32.40
N SER A 93 21.68 -30.42 33.21
CA SER A 93 23.02 -30.69 32.70
C SER A 93 23.97 -30.94 33.87
N ARG A 94 23.80 -30.13 34.92
CA ARG A 94 24.58 -30.29 36.15
C ARG A 94 23.87 -31.23 37.12
N VAL A 95 22.82 -31.90 36.65
CA VAL A 95 21.98 -32.72 37.52
C VAL A 95 21.61 -34.06 36.89
N VAL A 96 21.25 -34.03 35.60
CA VAL A 96 20.88 -35.25 34.88
C VAL A 96 21.79 -35.43 33.67
N HIS A 97 22.51 -36.55 33.62
CA HIS A 97 23.44 -36.78 32.52
C HIS A 97 23.53 -38.24 32.06
N VAL A 98 23.84 -38.40 30.77
CA VAL A 98 24.02 -39.71 30.16
C VAL A 98 25.48 -39.92 29.79
N VAL A 99 25.99 -41.13 30.03
CA VAL A 99 27.38 -41.45 29.71
C VAL A 99 27.53 -42.82 29.05
N ASP A 100 28.01 -42.82 27.82
CA ASP A 100 28.39 -44.06 27.14
C ASP A 100 29.59 -44.67 27.85
N ALA A 101 29.49 -45.94 28.22
CA ALA A 101 30.57 -46.61 28.96
C ALA A 101 31.71 -47.03 28.04
N ALA A 102 31.70 -46.54 26.80
CA ALA A 102 32.76 -46.82 25.83
C ALA A 102 33.23 -45.53 25.18
N SER A 103 32.31 -44.84 24.52
CA SER A 103 32.64 -43.62 23.79
C SER A 103 32.71 -42.40 24.71
N GLY A 104 32.01 -42.48 25.84
CA GLY A 104 31.98 -41.38 26.80
C GLY A 104 30.79 -40.46 26.60
N SER A 105 31.03 -39.16 26.69
CA SER A 105 29.96 -38.17 26.58
C SER A 105 29.29 -38.21 25.21
N VAL A 106 28.06 -37.74 25.15
CA VAL A 106 27.30 -37.68 23.90
C VAL A 106 26.48 -36.39 23.86
N ASP A 107 25.50 -36.34 22.94
CA ASP A 107 24.62 -35.18 22.84
C ASP A 107 23.87 -34.95 24.14
N GLY A 108 24.11 -33.80 24.77
CA GLY A 108 23.47 -33.48 26.04
C GLY A 108 22.32 -32.51 25.88
N ALA A 109 21.75 -32.45 24.68
CA ALA A 109 20.65 -31.52 24.39
C ALA A 109 19.36 -32.00 25.04
N TRP A 110 19.23 -31.77 26.34
CA TRP A 110 18.04 -32.18 27.08
C TRP A 110 16.82 -31.36 26.68
N GLU A 111 15.72 -32.06 26.40
CA GLU A 111 14.46 -31.43 26.02
C GLU A 111 13.40 -31.70 27.08
N LEU A 112 12.50 -30.74 27.29
CA LEU A 112 11.42 -30.89 28.25
C LEU A 112 10.07 -30.72 27.54
N ALA A 113 9.22 -31.74 27.70
CA ALA A 113 7.96 -31.82 26.96
C ALA A 113 7.01 -30.67 27.30
N PRO A 114 5.92 -30.53 26.55
CA PRO A 114 4.88 -29.59 26.97
C PRO A 114 4.41 -29.92 28.39
N ASN A 115 4.40 -31.22 28.69
CA ASN A 115 4.23 -31.70 30.05
C ASN A 115 5.50 -31.45 30.84
N LEU A 116 5.35 -31.05 32.10
CA LEU A 116 6.49 -30.69 32.94
C LEU A 116 7.08 -31.89 33.67
N LYS A 117 6.52 -33.07 33.43
CA LYS A 117 6.93 -34.27 34.17
C LYS A 117 7.97 -35.11 33.42
N GLU A 118 7.97 -35.03 32.10
CA GLU A 118 8.83 -35.90 31.27
C GLU A 118 10.02 -35.15 30.68
N LEU A 119 11.21 -35.65 30.97
CA LEU A 119 12.46 -35.10 30.45
C LEU A 119 13.01 -36.00 29.33
N ARG A 120 13.28 -35.41 28.16
CA ARG A 120 13.62 -36.19 26.97
C ARG A 120 15.05 -35.99 26.49
N LEU A 121 15.56 -36.99 25.76
CA LEU A 121 16.84 -36.87 25.05
C LEU A 121 16.76 -37.64 23.72
N ARG A 122 16.77 -36.90 22.62
CA ARG A 122 16.52 -37.46 21.29
C ARG A 122 17.75 -38.02 20.59
N HIS A 123 17.52 -38.95 19.68
CA HIS A 123 18.55 -39.48 18.77
C HIS A 123 19.67 -40.20 19.51
N LEU A 124 19.45 -41.49 19.77
CA LEU A 124 20.43 -42.34 20.44
C LEU A 124 21.04 -43.32 19.46
N GLU A 125 22.36 -43.40 19.43
CA GLU A 125 23.04 -44.32 18.53
C GLU A 125 22.72 -45.77 18.93
N PRO A 126 22.25 -46.59 17.98
CA PRO A 126 21.78 -47.94 18.32
C PRO A 126 22.84 -48.84 18.94
N GLU A 127 22.38 -49.82 19.71
CA GLU A 127 23.25 -50.88 20.24
C GLU A 127 24.37 -50.32 21.11
N ARG A 128 24.04 -49.32 21.92
CA ARG A 128 25.03 -48.63 22.75
C ARG A 128 24.67 -48.74 24.23
N VAL A 129 25.69 -48.92 25.07
CA VAL A 129 25.50 -49.03 26.51
C VAL A 129 25.52 -47.65 27.16
N LEU A 130 24.34 -47.14 27.52
CA LEU A 130 24.21 -45.83 28.15
C LEU A 130 24.04 -45.93 29.66
N VAL A 131 24.81 -45.12 30.38
CA VAL A 131 24.67 -44.99 31.82
C VAL A 131 23.99 -43.66 32.13
N VAL A 132 22.75 -43.74 32.59
CA VAL A 132 21.97 -42.57 32.96
C VAL A 132 22.13 -42.28 34.45
N THR A 133 22.49 -41.04 34.77
CA THR A 133 22.66 -40.61 36.16
C THR A 133 21.82 -39.37 36.46
N VAL A 134 21.06 -39.45 37.55
CA VAL A 134 20.28 -38.33 38.06
C VAL A 134 20.80 -37.93 39.43
N ASP A 135 21.28 -36.70 39.54
CA ASP A 135 21.86 -36.18 40.77
C ASP A 135 20.78 -35.71 41.74
N PRO A 136 21.14 -35.57 43.03
CA PRO A 136 20.17 -35.06 44.01
C PRO A 136 20.04 -33.54 43.94
N ALA A 137 19.16 -33.07 43.05
CA ALA A 137 18.92 -31.63 42.90
C ALA A 137 17.57 -31.40 42.24
N VAL A 138 17.57 -31.27 40.91
CA VAL A 138 16.38 -31.11 40.06
C VAL A 138 15.33 -30.07 40.51
N LYS A 139 15.15 -29.88 41.81
CA LYS A 139 14.32 -28.81 42.35
C LYS A 139 12.83 -29.06 42.16
N ALA A 140 12.44 -29.23 40.89
CA ALA A 140 11.03 -29.32 40.50
C ALA A 140 10.32 -27.99 40.74
N LEU A 141 9.00 -27.99 40.55
CA LEU A 141 8.23 -26.75 40.62
C LEU A 141 7.95 -26.34 42.05
N ASN A 142 7.58 -27.30 42.90
CA ASN A 142 7.31 -27.04 44.31
C ASN A 142 8.57 -27.25 45.15
N ASN A 143 9.71 -26.86 44.59
CA ASN A 143 11.03 -26.99 45.22
C ASN A 143 11.18 -28.21 46.14
N ALA A 144 10.69 -29.36 45.67
CA ALA A 144 10.70 -30.58 46.46
C ALA A 144 12.10 -31.18 46.56
N THR A 145 12.82 -31.16 45.43
CA THR A 145 14.17 -31.72 45.32
C THR A 145 14.15 -33.25 45.37
N PHE A 146 14.98 -33.86 44.52
CA PHE A 146 15.10 -35.32 44.47
C PHE A 146 16.08 -35.79 45.55
N GLY A 147 15.82 -36.99 46.08
CA GLY A 147 16.55 -37.52 47.21
C GLY A 147 18.06 -37.61 47.04
N LYS A 148 18.52 -38.72 46.50
CA LYS A 148 19.96 -39.00 46.34
C LYS A 148 20.31 -39.15 44.87
N SER A 149 21.40 -39.86 44.58
CA SER A 149 21.82 -40.12 43.20
C SER A 149 21.18 -41.40 42.68
N TYR A 150 20.64 -41.35 41.45
CA TYR A 150 20.07 -42.52 40.81
C TYR A 150 20.83 -42.86 39.54
N GLU A 151 21.42 -44.05 39.51
CA GLU A 151 22.19 -44.51 38.35
C GLU A 151 21.55 -45.75 37.73
N LYS A 152 21.26 -45.67 36.43
CA LYS A 152 20.68 -46.80 35.70
C LYS A 152 21.40 -47.02 34.37
N THR A 153 21.74 -48.28 34.10
CA THR A 153 22.39 -48.66 32.84
C THR A 153 21.39 -49.27 31.88
N ILE A 154 21.48 -48.89 30.60
CA ILE A 154 20.59 -49.43 29.58
C ILE A 154 21.31 -49.63 28.24
N THR A 155 20.85 -50.62 27.48
CA THR A 155 21.32 -50.83 26.11
C THR A 155 20.25 -50.31 25.14
N THR A 156 20.69 -49.56 24.13
CA THR A 156 19.77 -48.78 23.31
C THR A 156 19.08 -49.56 22.19
N ARG A 157 19.37 -50.87 22.10
CA ARG A 157 18.70 -51.78 21.15
C ARG A 157 18.94 -51.41 19.68
N ASP A 158 18.80 -52.41 18.80
CA ASP A 158 19.07 -52.23 17.38
C ASP A 158 17.91 -51.57 16.65
N VAL A 159 18.17 -51.14 15.42
CA VAL A 159 17.15 -50.48 14.60
C VAL A 159 16.50 -51.48 13.63
N GLN A 160 15.21 -51.30 13.40
CA GLN A 160 14.48 -52.17 12.48
C GLN A 160 14.97 -51.95 11.06
N PRO A 161 15.20 -53.06 10.31
CA PRO A 161 15.76 -52.91 8.96
C PRO A 161 14.82 -52.19 8.00
N SER A 162 15.36 -51.77 6.86
CA SER A 162 14.57 -51.07 5.85
C SER A 162 15.32 -51.07 4.53
N VAL A 163 14.57 -50.95 3.43
CA VAL A 163 15.17 -50.91 2.11
C VAL A 163 14.15 -50.45 1.07
N GLY A 164 14.63 -49.67 0.10
CA GLY A 164 13.78 -49.15 -0.96
C GLY A 164 14.57 -48.26 -1.90
N PHE A 165 14.00 -47.99 -3.07
CA PHE A 165 14.68 -47.15 -4.06
C PHE A 165 14.72 -45.70 -3.61
N ALA A 166 15.83 -45.03 -3.90
CA ALA A 166 16.03 -43.66 -3.48
C ALA A 166 15.13 -42.69 -4.24
N SER A 167 14.63 -43.13 -5.39
CA SER A 167 13.78 -42.30 -6.24
C SER A 167 12.67 -43.11 -6.87
N ARG A 168 11.52 -42.46 -7.08
CA ARG A 168 10.38 -43.09 -7.74
C ARG A 168 10.72 -43.39 -9.20
N GLY A 169 11.76 -42.73 -9.70
CA GLY A 169 12.22 -42.94 -11.06
C GLY A 169 12.34 -41.65 -11.83
N SER A 170 12.85 -41.76 -13.06
CA SER A 170 12.96 -40.61 -13.95
C SER A 170 12.75 -41.05 -15.40
N LEU A 171 12.25 -40.13 -16.21
CA LEU A 171 11.94 -40.44 -17.61
C LEU A 171 13.14 -40.21 -18.52
N LEU A 172 14.31 -40.01 -17.91
CA LEU A 172 15.54 -39.82 -18.68
C LEU A 172 15.96 -41.14 -19.32
N PRO A 173 16.11 -41.17 -20.66
CA PRO A 173 16.45 -42.42 -21.36
C PRO A 173 17.94 -42.74 -21.31
N GLY A 174 18.31 -43.92 -21.82
CA GLY A 174 19.70 -44.34 -21.88
C GLY A 174 19.88 -45.47 -22.86
N LYS A 175 21.13 -45.68 -23.29
CA LYS A 175 21.44 -46.75 -24.24
C LYS A 175 21.59 -48.09 -23.50
N ILE A 176 21.88 -48.02 -22.21
CA ILE A 176 22.02 -49.22 -21.38
C ILE A 176 21.42 -48.99 -20.00
N ALA A 177 21.64 -47.80 -19.45
CA ALA A 177 21.07 -47.39 -18.16
C ALA A 177 21.33 -48.41 -17.05
N GLU A 178 22.57 -48.48 -16.59
CA GLU A 178 22.93 -49.33 -15.46
C GLU A 178 22.70 -48.57 -14.15
N GLY A 179 23.02 -49.22 -13.03
CA GLY A 179 23.02 -48.55 -11.74
C GLY A 179 21.68 -48.03 -11.25
N LEU A 180 21.08 -48.75 -10.31
CA LEU A 180 19.86 -48.29 -9.63
C LEU A 180 20.15 -48.02 -8.15
N PRO A 181 20.07 -46.75 -7.73
CA PRO A 181 20.42 -46.42 -6.35
C PRO A 181 19.37 -46.86 -5.32
N VAL A 182 19.83 -47.46 -4.23
CA VAL A 182 18.94 -47.93 -3.16
C VAL A 182 19.49 -47.57 -1.79
N MET A 183 18.59 -47.34 -0.84
CA MET A 183 18.95 -47.01 0.54
C MET A 183 18.70 -48.18 1.47
N ALA A 184 19.74 -48.95 1.75
CA ALA A 184 19.64 -50.15 2.58
C ALA A 184 20.12 -49.89 4.01
N LEU A 185 19.51 -50.59 4.96
CA LEU A 185 19.88 -50.47 6.37
C LEU A 185 19.69 -51.79 7.09
N ASN A 186 20.81 -52.44 7.43
CA ASN A 186 20.80 -53.74 8.07
C ASN A 186 20.02 -54.77 7.26
N VAL A 187 20.42 -54.93 5.99
CA VAL A 187 19.81 -55.90 5.09
C VAL A 187 20.89 -56.60 4.28
N ASN A 188 20.79 -57.92 4.18
CA ASN A 188 21.81 -58.73 3.52
C ASN A 188 21.58 -58.85 2.02
N HIS A 189 20.32 -58.78 1.60
CA HIS A 189 19.98 -58.95 0.19
C HIS A 189 18.59 -58.40 -0.12
N VAL A 190 18.31 -58.24 -1.40
CA VAL A 190 17.02 -57.72 -1.85
C VAL A 190 16.56 -58.43 -3.13
N ASP A 191 15.30 -58.86 -3.14
CA ASP A 191 14.70 -59.45 -4.33
C ASP A 191 13.88 -58.41 -5.07
N VAL A 192 14.20 -58.21 -6.34
CA VAL A 192 13.51 -57.21 -7.16
C VAL A 192 13.07 -57.80 -8.50
N ASN A 193 11.82 -57.54 -8.87
CA ASN A 193 11.29 -57.95 -10.17
C ASN A 193 11.55 -56.86 -11.21
N PHE A 194 11.68 -57.27 -12.47
CA PHE A 194 11.90 -56.32 -13.57
C PHE A 194 10.87 -56.51 -14.66
N PHE A 195 9.93 -55.56 -14.77
CA PHE A 195 8.85 -55.65 -15.74
C PHE A 195 9.16 -54.85 -17.00
N ARG A 196 8.44 -55.15 -18.07
CA ARG A 196 8.51 -54.39 -19.32
C ARG A 196 7.10 -53.97 -19.71
N VAL A 197 6.86 -52.66 -19.73
CA VAL A 197 5.52 -52.13 -19.96
C VAL A 197 5.06 -52.43 -21.39
N LYS A 198 3.78 -52.80 -21.52
CA LYS A 198 3.19 -53.07 -22.82
C LYS A 198 3.15 -51.79 -23.66
N PRO A 199 3.68 -51.84 -24.90
CA PRO A 199 3.61 -50.66 -25.76
C PRO A 199 2.18 -50.17 -26.03
N GLY A 200 1.20 -51.04 -25.79
CA GLY A 200 -0.20 -50.70 -26.02
C GLY A 200 -0.78 -49.88 -24.89
N SER A 201 -0.70 -50.42 -23.67
CA SER A 201 -1.23 -49.74 -22.49
C SER A 201 -0.16 -48.88 -21.82
N LEU A 202 0.90 -48.57 -22.57
CA LEU A 202 1.98 -47.72 -22.09
C LEU A 202 1.46 -46.37 -21.63
N ALA A 203 0.73 -45.71 -22.52
CA ALA A 203 0.14 -44.40 -22.26
C ALA A 203 -0.61 -44.36 -20.93
N SER A 204 -1.62 -45.22 -20.82
CA SER A 204 -2.44 -45.28 -19.61
C SER A 204 -1.59 -45.59 -18.38
N PHE A 205 -0.67 -46.52 -18.54
CA PHE A 205 0.20 -46.92 -17.43
C PHE A 205 1.01 -45.75 -16.90
N VAL A 206 1.70 -45.04 -17.78
CA VAL A 206 2.50 -43.90 -17.37
C VAL A 206 1.61 -42.78 -16.85
N SER A 207 0.45 -42.58 -17.45
CA SER A 207 -0.47 -41.55 -17.00
C SER A 207 -1.01 -41.90 -15.61
N GLN A 208 -1.14 -43.20 -15.32
CA GLN A 208 -1.50 -43.63 -13.97
C GLN A 208 -0.34 -43.33 -13.01
N TRP A 209 0.88 -43.53 -13.49
CA TRP A 209 2.07 -43.10 -12.78
C TRP A 209 2.09 -41.56 -12.76
N GLU A 210 3.04 -40.98 -12.04
CA GLU A 210 3.23 -39.52 -12.01
C GLU A 210 2.08 -38.82 -11.30
N TYR A 211 0.87 -39.00 -11.82
CA TYR A 211 -0.31 -38.34 -11.28
C TYR A 211 -1.19 -39.33 -10.52
N MET A 226 -0.36 -54.38 -16.64
CA MET A 226 -0.12 -53.71 -17.91
C MET A 226 1.32 -53.86 -18.37
N ALA A 227 1.97 -54.95 -17.93
CA ALA A 227 3.38 -55.16 -18.26
C ALA A 227 3.79 -56.62 -18.13
N ASP A 228 4.76 -57.03 -18.94
CA ASP A 228 5.31 -58.38 -18.88
C ASP A 228 6.23 -58.52 -17.66
N LEU A 229 7.14 -59.49 -17.71
CA LEU A 229 8.05 -59.74 -16.60
C LEU A 229 9.36 -60.35 -17.09
N VAL A 230 10.47 -59.73 -16.71
CA VAL A 230 11.80 -60.23 -17.06
C VAL A 230 12.67 -60.25 -15.81
N TYR A 231 12.25 -61.06 -14.85
CA TYR A 231 12.89 -61.10 -13.53
C TYR A 231 14.33 -61.59 -13.57
N THR A 232 15.17 -60.96 -12.76
CA THR A 232 16.53 -61.42 -12.50
C THR A 232 16.74 -61.47 -10.99
N GLY A 233 16.73 -60.30 -10.36
CA GLY A 233 16.62 -60.18 -8.92
C GLY A 233 17.76 -60.69 -8.09
N ARG A 234 17.56 -60.65 -6.77
CA ARG A 234 18.54 -61.06 -5.78
C ARG A 234 19.87 -60.31 -5.96
N PHE A 235 19.91 -59.09 -5.44
CA PHE A 235 21.14 -58.31 -5.38
C PHE A 235 21.73 -58.39 -3.97
N ASP A 236 23.02 -58.65 -3.87
CA ASP A 236 23.67 -58.84 -2.58
C ASP A 236 24.17 -57.51 -2.01
N LEU A 237 23.39 -56.95 -1.08
CA LEU A 237 23.74 -55.71 -0.42
C LEU A 237 24.35 -55.99 0.94
N ASN A 238 25.58 -55.54 1.15
CA ASN A 238 26.27 -55.74 2.43
C ASN A 238 26.68 -54.41 3.07
N PRO A 239 25.69 -53.67 3.61
CA PRO A 239 25.95 -52.41 4.30
C PRO A 239 26.43 -52.63 5.72
N ALA A 240 27.11 -51.63 6.28
CA ALA A 240 27.57 -51.71 7.66
C ALA A 240 26.37 -51.75 8.60
N ARG A 241 26.59 -52.21 9.82
CA ARG A 241 25.52 -52.37 10.79
C ARG A 241 25.05 -51.01 11.32
N ASN A 242 23.73 -50.90 11.53
CA ASN A 242 23.14 -49.71 12.12
C ASN A 242 23.50 -48.40 11.40
N THR A 243 23.77 -48.50 10.11
CA THR A 243 24.08 -47.32 9.30
C THR A 243 23.47 -47.44 7.91
N ARG A 244 22.67 -46.45 7.53
CA ARG A 244 22.00 -46.46 6.25
C ARG A 244 22.96 -46.03 5.14
N GLU A 245 23.21 -46.92 4.19
CA GLU A 245 24.13 -46.66 3.09
C GLU A 245 23.41 -46.58 1.75
N LYS A 246 23.95 -45.76 0.85
CA LYS A 246 23.40 -45.62 -0.49
C LYS A 246 24.16 -46.53 -1.46
N LEU A 247 23.52 -47.66 -1.80
CA LEU A 247 24.14 -48.66 -2.67
C LEU A 247 23.51 -48.61 -4.07
N LEU A 248 24.26 -49.08 -5.07
CA LEU A 248 23.78 -49.11 -6.45
C LEU A 248 23.66 -50.54 -6.98
N LEU A 249 22.63 -50.78 -7.78
CA LEU A 249 22.38 -52.09 -8.36
C LEU A 249 22.84 -52.16 -9.82
N PRO A 250 23.84 -53.01 -10.12
CA PRO A 250 24.29 -53.13 -11.51
C PRO A 250 23.22 -53.74 -12.42
N LEU A 251 23.28 -53.42 -13.72
CA LEU A 251 22.38 -54.00 -14.71
C LEU A 251 23.13 -54.37 -16.00
N SER A 252 24.40 -53.98 -16.08
CA SER A 252 25.17 -54.17 -17.31
C SER A 252 25.32 -55.63 -17.69
N ASP A 253 25.40 -56.50 -16.68
CA ASP A 253 25.56 -57.94 -16.90
C ASP A 253 24.21 -58.66 -16.89
N ILE A 254 23.19 -57.99 -17.42
CA ILE A 254 21.86 -58.58 -17.56
C ILE A 254 21.42 -58.46 -19.01
N LYS A 255 21.71 -59.48 -19.80
CA LYS A 255 21.39 -59.50 -21.22
C LYS A 255 19.92 -59.19 -21.53
N PRO A 256 18.99 -59.82 -20.80
CA PRO A 256 17.58 -59.55 -21.11
C PRO A 256 17.10 -58.22 -20.53
N LEU A 257 17.73 -57.11 -20.95
CA LEU A 257 17.31 -55.79 -20.48
C LEU A 257 17.85 -54.64 -21.32
N GLN A 258 18.96 -54.86 -22.04
CA GLN A 258 19.53 -53.82 -22.90
C GLN A 258 18.57 -53.45 -24.03
N GLN A 259 17.65 -54.37 -24.35
CA GLN A 259 16.65 -54.12 -25.37
C GLN A 259 15.79 -52.90 -24.99
N ALA A 260 15.66 -51.96 -25.93
CA ALA A 260 14.97 -50.71 -25.67
C ALA A 260 13.53 -50.92 -25.22
N GLY A 261 13.02 -49.94 -24.47
CA GLY A 261 11.65 -50.01 -23.96
C GLY A 261 11.51 -49.24 -22.66
N VAL A 262 10.40 -49.46 -21.96
CA VAL A 262 10.15 -48.85 -20.67
C VAL A 262 10.08 -49.93 -19.60
N TYR A 263 10.89 -49.78 -18.55
CA TYR A 263 11.01 -50.80 -17.51
C TYR A 263 10.66 -50.26 -16.14
N VAL A 264 10.25 -51.17 -15.26
CA VAL A 264 9.86 -50.84 -13.89
C VAL A 264 10.37 -51.90 -12.92
N ALA A 265 11.15 -51.46 -11.93
CA ALA A 265 11.66 -52.34 -10.90
C ALA A 265 10.74 -52.31 -9.68
N VAL A 266 10.68 -53.43 -8.96
CA VAL A 266 9.83 -53.52 -7.77
C VAL A 266 10.36 -54.59 -6.81
N MET A 267 10.46 -54.23 -5.53
CA MET A 267 10.96 -55.15 -4.52
C MET A 267 9.83 -56.05 -4.01
N ASN A 268 9.43 -55.86 -2.76
CA ASN A 268 8.30 -56.60 -2.18
C ASN A 268 7.91 -56.06 -0.81
N SER A 276 7.30 -47.80 1.12
CA SER A 276 8.51 -46.99 1.26
C SER A 276 9.31 -47.00 -0.05
N ASN A 277 8.69 -46.55 -1.13
CA ASN A 277 9.30 -46.56 -2.45
C ASN A 277 9.79 -47.96 -2.82
N ALA A 278 8.86 -48.91 -2.84
CA ALA A 278 9.20 -50.30 -3.12
C ALA A 278 9.45 -50.52 -4.62
N ALA A 279 9.14 -49.52 -5.43
CA ALA A 279 9.28 -49.64 -6.88
C ALA A 279 9.80 -48.34 -7.50
N THR A 280 10.56 -48.48 -8.58
CA THR A 280 11.08 -47.34 -9.33
C THR A 280 10.88 -47.57 -10.83
N LEU A 281 11.13 -46.53 -11.63
CA LEU A 281 10.94 -46.61 -13.07
C LEU A 281 12.14 -46.03 -13.82
N PHE A 282 12.42 -46.59 -14.99
CA PHE A 282 13.48 -46.06 -15.86
C PHE A 282 13.23 -46.48 -17.30
N THR A 283 13.68 -45.64 -18.24
CA THR A 283 13.46 -45.87 -19.66
C THR A 283 14.75 -46.10 -20.42
N LEU A 284 14.72 -47.02 -21.38
CA LEU A 284 15.82 -47.22 -22.31
C LEU A 284 15.36 -46.86 -23.72
N SER A 285 16.06 -45.91 -24.34
CA SER A 285 15.66 -45.42 -25.65
C SER A 285 16.80 -44.66 -26.32
N ASP A 286 16.65 -44.40 -27.62
CA ASP A 286 17.65 -43.69 -28.40
C ASP A 286 17.13 -42.32 -28.83
N ILE A 287 15.81 -42.17 -28.81
CA ILE A 287 15.17 -40.92 -29.21
C ILE A 287 15.41 -39.81 -28.19
N GLY A 288 16.22 -38.83 -28.58
CA GLY A 288 16.43 -37.63 -27.78
C GLY A 288 15.47 -36.54 -28.22
N VAL A 289 14.54 -36.18 -27.35
CA VAL A 289 13.48 -35.22 -27.69
C VAL A 289 13.71 -33.87 -27.02
N SER A 290 13.36 -32.80 -27.73
CA SER A 290 13.36 -31.46 -27.18
C SER A 290 12.02 -30.78 -27.52
N ALA A 291 11.61 -29.83 -26.69
CA ALA A 291 10.30 -29.20 -26.88
C ALA A 291 10.27 -27.73 -26.43
N HIS A 292 9.71 -26.88 -27.28
CA HIS A 292 9.44 -25.49 -26.95
C HIS A 292 7.94 -25.25 -26.86
N ARG A 293 7.46 -24.98 -25.65
CA ARG A 293 6.04 -24.70 -25.44
C ARG A 293 5.77 -23.22 -25.30
N TYR A 294 4.72 -22.75 -25.97
CA TYR A 294 4.28 -21.37 -25.88
C TYR A 294 2.94 -21.34 -25.16
N HIS A 295 2.32 -20.18 -25.08
CA HIS A 295 1.07 -20.03 -24.32
C HIS A 295 -0.09 -20.79 -24.97
N ASN A 296 0.10 -21.21 -26.21
CA ASN A 296 -0.95 -21.96 -26.92
C ASN A 296 -0.40 -22.85 -28.03
N ARG A 297 0.92 -22.94 -28.14
CA ARG A 297 1.56 -23.75 -29.18
C ARG A 297 2.69 -24.59 -28.59
N LEU A 298 2.91 -25.77 -29.18
CA LEU A 298 3.93 -26.69 -28.70
C LEU A 298 4.74 -27.25 -29.87
N ASP A 299 6.02 -26.85 -29.93
CA ASP A 299 6.91 -27.29 -31.00
C ASP A 299 7.90 -28.34 -30.51
N ILE A 300 7.96 -29.47 -31.19
CA ILE A 300 8.83 -30.58 -30.79
C ILE A 300 9.93 -30.83 -31.81
N PHE A 301 11.13 -31.09 -31.31
CA PHE A 301 12.27 -31.48 -32.13
C PHE A 301 12.81 -32.83 -31.66
N THR A 302 12.68 -33.83 -32.53
CA THR A 302 13.11 -35.19 -32.22
C THR A 302 14.41 -35.51 -32.94
N GLN A 303 15.45 -35.83 -32.16
CA GLN A 303 16.73 -36.24 -32.74
C GLN A 303 17.28 -37.44 -31.99
N SER A 304 18.48 -37.88 -32.37
CA SER A 304 19.07 -39.09 -31.82
C SER A 304 20.00 -38.80 -30.65
N LEU A 305 19.95 -39.66 -29.64
CA LEU A 305 20.92 -39.62 -28.55
C LEU A 305 22.26 -40.15 -29.06
N GLU A 306 22.21 -41.04 -30.04
CA GLU A 306 23.40 -41.74 -30.51
C GLU A 306 24.15 -40.99 -31.61
N ASN A 307 23.69 -41.12 -32.84
CA ASN A 307 24.44 -40.64 -34.00
C ASN A 307 24.28 -39.14 -34.25
N GLY A 308 24.57 -38.34 -33.23
CA GLY A 308 24.60 -36.89 -33.38
C GLY A 308 23.24 -36.22 -33.20
N ALA A 309 22.46 -36.18 -34.27
CA ALA A 309 21.15 -35.54 -34.23
C ALA A 309 20.32 -35.93 -35.46
N ALA A 310 19.18 -35.25 -35.64
CA ALA A 310 18.28 -35.48 -36.76
C ALA A 310 17.65 -36.86 -36.75
N GLN A 311 16.32 -36.92 -36.62
CA GLN A 311 15.61 -38.18 -36.54
C GLN A 311 14.11 -38.00 -36.78
N SER A 312 13.46 -39.08 -37.22
CA SER A 312 12.02 -39.09 -37.43
C SER A 312 11.29 -39.66 -36.22
N GLY A 313 10.13 -40.28 -36.45
CA GLY A 313 9.37 -40.93 -35.39
C GLY A 313 8.03 -40.27 -35.14
N ILE A 314 7.17 -40.96 -34.40
CA ILE A 314 5.82 -40.47 -34.09
C ILE A 314 5.75 -40.04 -32.63
N GLU A 315 4.91 -39.06 -32.32
CA GLU A 315 4.70 -38.68 -30.93
C GLU A 315 3.28 -38.16 -30.67
N ILE A 316 2.89 -38.26 -29.40
CA ILE A 316 1.54 -37.97 -28.94
C ILE A 316 1.59 -37.09 -27.68
N VAL A 317 0.60 -36.20 -27.52
CA VAL A 317 0.45 -35.44 -26.28
C VAL A 317 -0.78 -35.92 -25.50
N LEU A 318 -0.60 -36.13 -24.21
CA LEU A 318 -1.62 -36.74 -23.35
C LEU A 318 -2.14 -35.79 -22.26
N LEU A 319 -3.21 -36.21 -21.59
CA LEU A 319 -3.83 -35.42 -20.53
C LEU A 319 -3.16 -35.67 -19.17
N ASN A 320 -3.58 -34.91 -18.17
CA ASN A 320 -3.15 -35.13 -16.79
C ASN A 320 -3.92 -36.30 -16.19
N ASP A 321 -3.20 -37.24 -15.58
CA ASP A 321 -3.80 -38.46 -15.03
C ASP A 321 -4.51 -39.25 -16.13
N LYS A 322 -5.52 -38.64 -16.73
CA LYS A 322 -6.15 -39.17 -17.93
C LYS A 322 -5.09 -39.44 -18.99
N GLY A 323 -5.09 -40.65 -19.55
CA GLY A 323 -4.13 -41.01 -20.58
C GLY A 323 -4.65 -40.72 -21.98
N GLN A 324 -5.70 -39.91 -22.06
CA GLN A 324 -6.35 -39.61 -23.33
C GLN A 324 -5.49 -38.70 -24.20
N THR A 325 -5.53 -38.95 -25.51
CA THR A 325 -4.76 -38.16 -26.48
C THR A 325 -5.43 -36.81 -26.73
N LEU A 326 -4.61 -35.78 -26.91
CA LEU A 326 -5.08 -34.46 -27.32
C LEU A 326 -4.65 -34.19 -28.75
N ALA A 327 -3.43 -34.59 -29.09
CA ALA A 327 -2.90 -34.40 -30.42
C ALA A 327 -1.78 -35.39 -30.74
N GLN A 328 -1.62 -35.65 -32.03
CA GLN A 328 -0.68 -36.64 -32.53
C GLN A 328 0.11 -36.05 -33.70
N ALA A 329 1.36 -36.46 -33.86
CA ALA A 329 2.14 -36.03 -35.01
C ALA A 329 3.33 -36.92 -35.30
N THR A 330 3.94 -36.70 -36.47
CA THR A 330 5.13 -37.44 -36.88
C THR A 330 6.20 -36.47 -37.36
N SER A 331 7.45 -36.74 -36.97
CA SER A 331 8.57 -35.88 -37.30
C SER A 331 8.80 -35.79 -38.81
N ASP A 332 9.31 -34.64 -39.24
CA ASP A 332 9.62 -34.41 -40.66
C ASP A 332 11.10 -34.70 -40.93
N ALA A 333 11.61 -34.16 -42.03
CA ALA A 333 13.00 -34.41 -42.42
C ALA A 333 13.98 -33.55 -41.64
N GLN A 334 13.45 -32.62 -40.83
CA GLN A 334 14.27 -31.72 -40.03
C GLN A 334 14.20 -32.07 -38.55
N GLY A 335 13.20 -32.86 -38.17
CA GLY A 335 12.98 -33.23 -36.79
C GLY A 335 11.86 -32.45 -36.15
N HIS A 336 11.48 -31.34 -36.77
CA HIS A 336 10.49 -30.43 -36.21
C HIS A 336 9.07 -30.97 -36.27
N VAL A 337 8.28 -30.64 -35.26
CA VAL A 337 6.85 -30.94 -35.24
C VAL A 337 6.10 -29.79 -34.57
N GLN A 338 4.88 -29.53 -35.05
CA GLN A 338 4.05 -28.42 -34.57
C GLN A 338 2.71 -28.91 -34.05
N LEU A 339 2.46 -28.70 -32.76
CA LEU A 339 1.20 -29.08 -32.12
C LEU A 339 0.50 -27.91 -31.47
N GLU A 340 -0.84 -27.96 -31.44
CA GLU A 340 -1.64 -26.97 -30.73
C GLU A 340 -2.14 -27.56 -29.41
N ALA A 341 -1.72 -26.95 -28.31
CA ALA A 341 -2.13 -27.39 -26.99
C ALA A 341 -1.96 -26.29 -25.95
N ASP A 342 -2.88 -26.23 -25.00
CA ASP A 342 -2.83 -25.27 -23.92
C ASP A 342 -2.35 -25.97 -22.63
N LYS A 343 -3.12 -25.85 -21.55
CA LYS A 343 -2.81 -26.56 -20.31
C LYS A 343 -3.39 -27.97 -20.37
N ALA A 344 -3.30 -28.69 -19.25
CA ALA A 344 -3.77 -30.08 -19.15
C ALA A 344 -2.94 -31.04 -20.00
N ALA A 345 -2.52 -30.61 -21.19
CA ALA A 345 -1.58 -31.36 -22.01
C ALA A 345 -0.30 -31.62 -21.22
N ALA A 346 -0.30 -32.70 -20.44
CA ALA A 346 0.82 -33.00 -19.55
C ALA A 346 1.86 -33.89 -20.21
N LEU A 347 1.68 -35.21 -20.10
CA LEU A 347 2.67 -36.16 -20.59
C LEU A 347 2.82 -36.10 -22.11
N LEU A 348 4.07 -36.19 -22.56
CA LEU A 348 4.39 -36.25 -23.98
C LEU A 348 5.13 -37.55 -24.27
N LEU A 349 4.69 -38.26 -25.31
CA LEU A 349 5.21 -39.60 -25.61
C LEU A 349 5.69 -39.70 -27.05
N ALA A 350 6.97 -40.06 -27.22
CA ALA A 350 7.59 -40.14 -28.55
C ALA A 350 8.07 -41.55 -28.87
N ARG A 351 7.42 -42.18 -29.85
CA ARG A 351 7.71 -43.55 -30.26
C ARG A 351 8.32 -43.66 -31.66
N LYS A 352 9.17 -44.67 -31.82
CA LYS A 352 9.61 -45.11 -33.14
C LYS A 352 9.64 -46.64 -33.13
N GLU A 353 8.50 -47.25 -33.43
CA GLU A 353 8.33 -48.70 -33.37
C GLU A 353 8.55 -49.22 -31.96
N GLU A 354 9.72 -49.77 -31.68
CA GLU A 354 9.99 -50.40 -30.39
C GLU A 354 10.60 -49.41 -29.39
N GLN A 355 11.37 -48.45 -29.89
CA GLN A 355 11.98 -47.44 -29.04
C GLN A 355 10.97 -46.36 -28.66
N THR A 356 11.01 -45.95 -27.39
CA THR A 356 10.06 -44.97 -26.88
C THR A 356 10.68 -44.08 -25.81
N THR A 357 10.54 -42.77 -25.99
CA THR A 357 11.02 -41.79 -25.02
C THR A 357 9.88 -40.86 -24.60
N LEU A 358 9.76 -40.63 -23.29
CA LEU A 358 8.68 -39.82 -22.75
C LEU A 358 9.20 -38.54 -22.09
N LEU A 359 8.30 -37.57 -21.95
CA LEU A 359 8.64 -36.29 -21.33
C LEU A 359 7.45 -35.70 -20.58
N ASP A 360 7.66 -35.38 -19.30
CA ASP A 360 6.60 -34.86 -18.45
C ASP A 360 6.64 -33.34 -18.40
N LEU A 361 5.70 -32.70 -19.09
CA LEU A 361 5.70 -31.24 -19.23
C LEU A 361 5.17 -30.52 -18.01
N THR A 362 4.70 -31.27 -17.01
CA THR A 362 4.19 -30.67 -15.78
C THR A 362 5.33 -30.35 -14.82
N LEU A 363 6.50 -30.94 -15.07
CA LEU A 363 7.69 -30.66 -14.26
C LEU A 363 8.18 -29.25 -14.52
N PRO A 364 9.14 -28.76 -13.71
CA PRO A 364 9.72 -27.45 -13.96
C PRO A 364 10.51 -27.41 -15.26
N ALA A 365 10.37 -26.34 -16.04
CA ALA A 365 11.10 -26.20 -17.29
C ALA A 365 12.58 -25.92 -17.01
N LEU A 366 13.33 -25.60 -18.07
CA LEU A 366 14.73 -25.26 -17.91
C LEU A 366 14.89 -23.86 -17.34
N ASP A 367 15.78 -23.72 -16.36
CA ASP A 367 16.04 -22.43 -15.73
C ASP A 367 16.95 -21.58 -16.60
N LEU A 368 16.48 -20.39 -16.96
CA LEU A 368 17.24 -19.47 -17.79
C LEU A 368 17.52 -18.17 -17.06
N SER A 369 17.75 -18.27 -15.75
CA SER A 369 17.91 -17.10 -14.90
C SER A 369 19.17 -16.31 -15.22
N GLU A 370 20.20 -17.00 -15.73
CA GLU A 370 21.49 -16.37 -16.00
C GLU A 370 21.56 -15.77 -17.40
N PHE A 371 20.52 -16.00 -18.20
CA PHE A 371 20.45 -15.43 -19.55
C PHE A 371 19.74 -14.08 -19.53
N ASN A 372 20.06 -13.23 -20.48
CA ASN A 372 19.39 -11.94 -20.61
C ASN A 372 17.99 -12.11 -21.20
N VAL A 373 17.10 -12.69 -20.40
CA VAL A 373 15.72 -12.97 -20.82
C VAL A 373 14.70 -12.19 -19.99
N ALA A 374 15.18 -11.45 -19.00
CA ALA A 374 14.29 -10.67 -18.14
C ALA A 374 13.67 -9.52 -18.91
N GLY A 375 12.52 -9.04 -18.44
CA GLY A 375 11.84 -7.92 -19.07
C GLY A 375 10.34 -7.96 -18.85
N ALA A 376 9.65 -7.00 -19.43
CA ALA A 376 8.20 -6.90 -19.29
C ALA A 376 7.51 -7.94 -20.17
N PRO A 377 6.33 -8.42 -19.74
CA PRO A 377 5.56 -9.33 -20.60
C PRO A 377 5.25 -8.71 -21.96
N GLY A 378 5.23 -9.54 -23.00
CA GLY A 378 4.93 -9.07 -24.35
C GLY A 378 3.45 -9.22 -24.66
N TYR A 379 2.76 -8.09 -24.81
CA TYR A 379 1.34 -8.09 -25.14
C TYR A 379 1.10 -7.61 -26.56
N SER A 380 0.02 -8.08 -27.17
CA SER A 380 -0.40 -7.57 -28.48
C SER A 380 -0.79 -6.11 -28.34
N LYS A 381 -1.54 -5.81 -27.27
CA LYS A 381 -1.89 -4.44 -26.92
C LYS A 381 -1.03 -3.97 -25.75
N GLN A 382 -0.25 -2.93 -25.98
CA GLN A 382 0.59 -2.34 -24.94
C GLN A 382 -0.09 -1.13 -24.31
N PHE A 383 -0.46 -1.27 -23.04
CA PHE A 383 -1.10 -0.19 -22.29
C PHE A 383 -0.13 0.35 -21.24
N PHE A 384 0.42 1.53 -21.50
CA PHE A 384 1.39 2.15 -20.63
C PHE A 384 0.72 3.13 -19.66
N MET A 385 0.68 2.74 -18.38
CA MET A 385 0.13 3.58 -17.33
C MET A 385 1.24 4.34 -16.62
N PHE A 386 1.00 5.60 -16.28
CA PHE A 386 2.03 6.41 -15.63
C PHE A 386 1.46 7.63 -14.92
N GLY A 387 2.26 8.22 -14.03
CA GLY A 387 1.85 9.40 -13.31
C GLY A 387 3.01 10.10 -12.63
N PRO A 388 2.74 11.28 -12.03
CA PRO A 388 3.80 12.06 -11.37
C PRO A 388 4.37 11.40 -10.12
N ARG A 389 3.66 10.44 -9.55
CA ARG A 389 4.14 9.78 -8.34
C ARG A 389 3.35 8.52 -8.00
N ASP A 390 3.90 7.74 -7.06
CA ASP A 390 3.30 6.47 -6.65
C ASP A 390 3.09 6.44 -5.14
N LEU A 391 3.23 7.59 -4.49
CA LEU A 391 3.09 7.69 -3.04
C LEU A 391 2.10 8.79 -2.68
N TYR A 392 0.93 8.40 -2.21
CA TYR A 392 -0.12 9.34 -1.84
C TYR A 392 -0.51 9.20 -0.38
N ARG A 393 -1.21 10.21 0.13
CA ARG A 393 -1.74 10.17 1.48
C ARG A 393 -3.27 10.12 1.41
N PRO A 394 -3.92 9.57 2.45
CA PRO A 394 -5.38 9.56 2.43
C PRO A 394 -5.95 10.97 2.32
N GLY A 395 -6.90 11.17 1.42
CA GLY A 395 -7.53 12.47 1.24
C GLY A 395 -7.27 13.08 -0.12
N GLU A 396 -6.01 13.12 -0.54
CA GLU A 396 -5.66 13.72 -1.83
C GLU A 396 -5.94 12.76 -2.98
N THR A 397 -6.10 13.32 -4.17
CA THR A 397 -6.53 12.56 -5.34
C THR A 397 -5.36 11.93 -6.08
N VAL A 398 -5.46 10.63 -6.32
CA VAL A 398 -4.47 9.92 -7.14
C VAL A 398 -4.69 10.25 -8.61
N ILE A 399 -3.61 10.65 -9.29
CA ILE A 399 -3.64 10.97 -10.71
C ILE A 399 -2.99 9.85 -11.52
N LEU A 400 -3.72 9.35 -12.51
CA LEU A 400 -3.17 8.34 -13.41
C LEU A 400 -3.41 8.67 -14.88
N ASN A 401 -2.36 8.47 -15.67
CA ASN A 401 -2.40 8.64 -17.12
C ASN A 401 -2.18 7.31 -17.82
N GLY A 402 -2.68 7.18 -19.03
CA GLY A 402 -2.54 5.95 -19.81
C GLY A 402 -2.40 6.17 -21.30
N LEU A 403 -1.49 5.43 -21.92
CA LEU A 403 -1.34 5.45 -23.38
C LEU A 403 -1.39 4.03 -23.94
N LEU A 404 -2.22 3.85 -24.98
CA LEU A 404 -2.45 2.52 -25.57
C LEU A 404 -1.89 2.42 -26.98
N ARG A 405 -1.07 1.40 -27.22
CA ARG A 405 -0.47 1.16 -28.54
C ARG A 405 -0.39 -0.33 -28.85
N ASP A 406 0.12 -0.67 -30.04
CA ASP A 406 0.27 -2.07 -30.44
C ASP A 406 1.64 -2.60 -29.99
N SER A 407 2.05 -3.73 -30.55
CA SER A 407 3.29 -4.38 -30.14
C SER A 407 4.54 -3.68 -30.67
N ASP A 408 4.35 -2.59 -31.42
CA ASP A 408 5.47 -1.83 -31.96
C ASP A 408 5.25 -0.32 -31.75
N GLY A 409 4.45 0.01 -30.75
CA GLY A 409 4.25 1.40 -30.36
C GLY A 409 3.53 2.24 -31.40
N LYS A 410 2.77 1.58 -32.27
CA LYS A 410 1.97 2.27 -33.29
C LYS A 410 0.51 2.33 -32.86
N THR A 411 -0.21 3.35 -33.33
CA THR A 411 -1.57 3.59 -32.88
C THR A 411 -2.54 2.48 -33.29
N LEU A 412 -3.42 2.12 -32.37
CA LEU A 412 -4.51 1.20 -32.63
C LEU A 412 -5.81 1.98 -32.74
N PRO A 413 -6.86 1.36 -33.30
CA PRO A 413 -8.16 2.04 -33.38
C PRO A 413 -8.71 2.42 -32.01
N ASP A 414 -9.47 3.51 -31.94
CA ASP A 414 -10.03 3.99 -30.68
C ASP A 414 -10.84 2.92 -29.97
N GLN A 415 -10.59 2.78 -28.67
CA GLN A 415 -11.28 1.78 -27.85
C GLN A 415 -11.24 2.19 -26.39
N PRO A 416 -12.19 1.69 -25.58
CA PRO A 416 -12.18 1.97 -24.15
C PRO A 416 -11.23 1.06 -23.38
N VAL A 417 -10.97 1.37 -22.12
CA VAL A 417 -10.19 0.48 -21.25
C VAL A 417 -10.85 0.41 -19.88
N LYS A 418 -10.95 -0.79 -19.32
CA LYS A 418 -11.61 -0.97 -18.04
C LYS A 418 -10.62 -0.87 -16.89
N LEU A 419 -10.74 0.22 -16.12
CA LEU A 419 -9.84 0.48 -15.01
C LEU A 419 -10.54 0.23 -13.68
N GLU A 420 -9.85 -0.47 -12.78
CA GLU A 420 -10.37 -0.76 -11.44
C GLU A 420 -9.39 -0.38 -10.36
N VAL A 421 -9.85 0.38 -9.36
CA VAL A 421 -9.02 0.72 -8.22
C VAL A 421 -9.11 -0.37 -7.16
N VAL A 422 -7.96 -0.90 -6.76
CA VAL A 422 -7.89 -2.01 -5.81
C VAL A 422 -7.08 -1.63 -4.57
N LYS A 423 -7.72 -1.70 -3.41
CA LYS A 423 -7.05 -1.41 -2.15
C LYS A 423 -6.39 -2.68 -1.61
N PRO A 424 -5.47 -2.54 -0.64
CA PRO A 424 -4.59 -3.63 -0.19
C PRO A 424 -5.25 -4.98 0.08
N ASP A 425 -6.46 -5.01 0.63
CA ASP A 425 -7.09 -6.28 0.99
C ASP A 425 -7.71 -6.96 -0.24
N GLY A 426 -7.47 -6.40 -1.42
CA GLY A 426 -7.88 -7.02 -2.67
C GLY A 426 -9.20 -6.52 -3.22
N GLN A 427 -9.99 -5.83 -2.40
CA GLN A 427 -11.31 -5.40 -2.80
C GLN A 427 -11.28 -4.20 -3.74
N VAL A 428 -12.25 -4.14 -4.66
CA VAL A 428 -12.33 -3.08 -5.65
C VAL A 428 -13.09 -1.87 -5.12
N MET A 429 -12.45 -0.70 -5.18
CA MET A 429 -13.05 0.53 -4.68
C MET A 429 -13.79 1.31 -5.76
N ARG A 430 -13.34 1.21 -7.00
CA ARG A 430 -14.00 1.88 -8.12
C ARG A 430 -13.72 1.17 -9.43
N THR A 431 -14.73 1.11 -10.29
CA THR A 431 -14.64 0.44 -11.60
C THR A 431 -15.15 1.35 -12.71
N VAL A 432 -14.23 1.85 -13.54
CA VAL A 432 -14.60 2.77 -14.61
C VAL A 432 -14.22 2.23 -15.98
N VAL A 433 -15.13 2.41 -16.94
CA VAL A 433 -14.85 2.16 -18.34
C VAL A 433 -14.28 3.44 -18.94
N SER A 434 -12.96 3.54 -18.93
CA SER A 434 -12.28 4.78 -19.31
C SER A 434 -12.20 4.95 -20.82
N GLN A 435 -12.60 6.13 -21.28
CA GLN A 435 -12.48 6.52 -22.68
C GLN A 435 -11.30 7.48 -22.84
N PRO A 436 -10.59 7.41 -23.96
CA PRO A 436 -9.45 8.31 -24.18
C PRO A 436 -9.90 9.69 -24.69
N GLU A 437 -9.05 10.69 -24.50
CA GLU A 437 -9.32 12.04 -24.99
C GLU A 437 -8.09 12.55 -25.74
N ASN A 438 -8.22 12.63 -27.06
CA ASN A 438 -7.10 12.96 -27.93
C ASN A 438 -5.92 12.02 -27.72
N GLY A 439 -6.25 10.75 -27.46
CA GLY A 439 -5.25 9.70 -27.38
C GLY A 439 -4.74 9.40 -25.99
N LEU A 440 -5.19 10.18 -25.01
CA LEU A 440 -4.70 10.05 -23.63
C LEU A 440 -5.78 9.60 -22.66
N TYR A 441 -5.52 8.47 -22.00
CA TYR A 441 -6.41 7.97 -20.95
C TYR A 441 -6.05 8.62 -19.62
N ARG A 442 -7.05 9.10 -18.89
CA ARG A 442 -6.81 9.72 -17.60
C ARG A 442 -7.77 9.22 -16.52
N LEU A 443 -7.27 9.13 -15.30
CA LEU A 443 -8.04 8.64 -14.17
C LEU A 443 -7.65 9.38 -12.90
N ASN A 444 -8.63 10.01 -12.27
CA ASN A 444 -8.46 10.64 -10.97
C ASN A 444 -9.24 9.86 -9.92
N TYR A 445 -8.58 9.51 -8.81
CA TYR A 445 -9.27 8.82 -7.72
C TYR A 445 -9.08 9.52 -6.38
N PRO A 446 -10.15 10.10 -5.82
CA PRO A 446 -10.03 10.70 -4.48
C PRO A 446 -9.89 9.66 -3.38
N LEU A 447 -8.72 9.57 -2.78
CA LEU A 447 -8.52 8.70 -1.63
C LEU A 447 -9.30 9.25 -0.44
N ASP A 448 -10.04 8.38 0.24
CA ASP A 448 -10.81 8.79 1.40
C ASP A 448 -9.87 9.24 2.51
N ILE A 449 -10.39 10.00 3.47
CA ILE A 449 -9.58 10.53 4.55
C ILE A 449 -9.12 9.40 5.45
N ASN A 450 -9.93 8.35 5.54
CA ASN A 450 -9.59 7.16 6.31
C ASN A 450 -9.39 5.96 5.39
N ALA A 451 -8.67 6.17 4.30
CA ALA A 451 -8.37 5.09 3.37
C ALA A 451 -7.32 4.17 3.98
N PRO A 452 -7.42 2.86 3.71
CA PRO A 452 -6.39 1.96 4.26
C PRO A 452 -5.02 2.25 3.68
N THR A 453 -4.01 2.31 4.55
CA THR A 453 -2.63 2.52 4.09
C THR A 453 -2.04 1.18 3.66
N GLY A 454 -1.21 1.22 2.62
CA GLY A 454 -0.61 0.02 2.08
C GLY A 454 -0.48 0.06 0.57
N LEU A 455 -0.41 -1.12 -0.04
CA LEU A 455 -0.20 -1.24 -1.47
C LEU A 455 -1.52 -1.26 -2.25
N TRP A 456 -1.73 -0.22 -3.05
CA TRP A 456 -2.90 -0.14 -3.92
C TRP A 456 -2.53 -0.45 -5.36
N HIS A 457 -3.50 -0.91 -6.14
CA HIS A 457 -3.29 -1.17 -7.56
C HIS A 457 -4.34 -0.46 -8.41
N VAL A 458 -3.94 0.00 -9.59
CA VAL A 458 -4.90 0.31 -10.64
C VAL A 458 -4.82 -0.80 -11.67
N ARG A 459 -5.91 -1.56 -11.75
CA ARG A 459 -6.01 -2.75 -12.58
C ARG A 459 -6.71 -2.42 -13.90
N ALA A 460 -5.98 -2.54 -15.00
CA ALA A 460 -6.49 -2.19 -16.32
C ALA A 460 -6.75 -3.43 -17.17
N ASN A 461 -7.90 -3.44 -17.84
CA ASN A 461 -8.24 -4.47 -18.80
C ASN A 461 -8.51 -3.85 -20.17
N THR A 462 -7.73 -4.29 -21.16
CA THR A 462 -7.82 -3.77 -22.52
C THR A 462 -8.71 -4.63 -23.41
N GLY A 463 -9.17 -5.76 -22.87
CA GLY A 463 -10.07 -6.65 -23.58
C GLY A 463 -9.57 -8.08 -23.63
N ASP A 464 -8.27 -8.27 -23.52
CA ASP A 464 -7.67 -9.61 -23.62
C ASP A 464 -7.85 -10.42 -22.34
N ASN A 465 -8.43 -9.79 -21.31
CA ASN A 465 -8.56 -10.41 -19.99
C ASN A 465 -7.19 -10.79 -19.43
N LEU A 466 -6.16 -10.08 -19.88
CA LEU A 466 -4.85 -10.11 -19.26
C LEU A 466 -4.65 -8.79 -18.52
N LEU A 467 -4.75 -8.84 -17.19
CA LEU A 467 -4.84 -7.63 -16.38
C LEU A 467 -3.51 -6.90 -16.21
N ARG A 468 -3.49 -5.63 -16.57
CA ARG A 468 -2.35 -4.76 -16.35
C ARG A 468 -2.47 -4.14 -14.97
N SER A 469 -1.35 -3.89 -14.29
CA SER A 469 -1.39 -3.38 -12.93
C SER A 469 -0.41 -2.23 -12.68
N TRP A 470 -0.95 -1.08 -12.28
CA TRP A 470 -0.14 0.05 -11.85
C TRP A 470 -0.20 0.20 -10.33
N ASP A 471 0.90 -0.17 -9.66
CA ASP A 471 0.95 -0.14 -8.20
C ASP A 471 1.19 1.27 -7.68
N PHE A 472 0.60 1.58 -6.53
CA PHE A 472 0.89 2.83 -5.83
C PHE A 472 0.62 2.69 -4.34
N HIS A 473 1.51 3.26 -3.53
CA HIS A 473 1.44 3.12 -2.08
C HIS A 473 0.63 4.25 -1.45
N VAL A 474 -0.10 3.90 -0.40
CA VAL A 474 -0.80 4.88 0.41
C VAL A 474 -0.27 4.84 1.84
N GLU A 475 0.29 5.95 2.28
CA GLU A 475 0.86 6.07 3.61
C GLU A 475 0.41 7.37 4.25
N ASP A 476 0.41 7.40 5.58
CA ASP A 476 0.09 8.61 6.32
C ASP A 476 1.25 8.95 7.25
N PHE A 477 1.60 10.23 7.29
CA PHE A 477 2.73 10.70 8.09
C PHE A 477 2.23 11.49 9.29
N MET A 478 2.64 11.08 10.48
CA MET A 478 2.27 11.79 11.70
C MET A 478 3.25 12.95 11.92
N PRO A 479 2.76 14.07 12.49
CA PRO A 479 3.63 15.23 12.73
C PRO A 479 4.84 14.95 13.63
N GLU A 480 5.70 15.95 13.81
CA GLU A 480 6.97 15.78 14.50
C GLU A 480 6.95 16.32 15.93
N ARG A 481 6.07 17.28 16.19
CA ARG A 481 5.94 17.94 17.49
C ARG A 481 7.26 18.39 18.10
N MET A 482 8.31 18.48 17.29
CA MET A 482 9.59 19.02 17.70
C MET A 482 10.28 19.66 16.50
N ALA A 483 11.30 20.48 16.77
CA ALA A 483 12.05 21.16 15.72
C ALA A 483 13.55 21.04 15.98
N LEU A 484 14.28 20.62 14.94
CA LEU A 484 15.74 20.52 15.01
C LEU A 484 16.37 21.38 13.93
N ASN A 485 17.33 22.21 14.34
CA ASN A 485 18.08 23.05 13.42
C ASN A 485 19.56 22.69 13.42
N LEU A 486 20.07 22.38 12.22
CA LEU A 486 21.47 22.04 12.02
C LEU A 486 22.10 23.04 11.05
N THR A 487 23.18 23.69 11.48
CA THR A 487 23.84 24.68 10.60
C THR A 487 25.36 24.54 10.57
N ALA A 488 25.95 25.03 9.48
CA ALA A 488 27.39 24.93 9.24
C ALA A 488 27.98 26.30 8.89
N GLN A 489 29.15 26.31 8.23
CA GLN A 489 29.90 27.55 7.99
C GLN A 489 29.73 28.09 6.57
N LYS A 490 28.88 27.45 5.78
CA LYS A 490 28.63 27.89 4.40
C LYS A 490 29.89 27.86 3.54
N THR A 491 30.75 28.87 3.70
CA THR A 491 31.96 28.99 2.88
C THR A 491 32.87 27.76 3.06
N PRO A 492 33.46 27.26 1.95
CA PRO A 492 34.32 26.07 2.02
C PRO A 492 35.49 26.20 2.99
N LEU A 493 35.93 25.07 3.53
CA LEU A 493 37.08 25.00 4.43
C LEU A 493 38.26 24.34 3.73
N ALA A 494 39.47 24.67 4.17
CA ALA A 494 40.66 23.97 3.72
C ALA A 494 40.71 22.61 4.40
N PRO A 495 41.47 21.65 3.84
CA PRO A 495 41.54 20.32 4.46
C PRO A 495 42.06 20.36 5.89
N ALA A 496 42.88 21.36 6.21
CA ALA A 496 43.49 21.45 7.53
C ALA A 496 42.44 21.72 8.62
N ASP A 497 41.45 22.55 8.29
CA ASP A 497 40.41 22.90 9.26
C ASP A 497 39.59 21.69 9.70
N GLU A 498 39.04 21.77 10.92
CA GLU A 498 38.09 20.78 11.40
C GLU A 498 36.68 21.32 11.16
N VAL A 499 35.72 20.41 10.99
CA VAL A 499 34.35 20.81 10.68
C VAL A 499 33.46 20.73 11.92
N LYS A 500 32.84 21.86 12.27
CA LYS A 500 31.95 21.93 13.42
C LYS A 500 30.53 22.31 12.99
N PHE A 501 29.55 21.57 13.52
CA PHE A 501 28.14 21.82 13.22
C PHE A 501 27.39 22.38 14.41
N SER A 502 26.58 23.40 14.17
CA SER A 502 25.75 24.01 15.20
C SER A 502 24.38 23.36 15.26
N VAL A 503 24.01 22.90 16.46
CA VAL A 503 22.75 22.22 16.71
C VAL A 503 21.83 23.08 17.59
N VAL A 504 20.56 23.19 17.18
CA VAL A 504 19.56 23.91 17.97
C VAL A 504 18.21 23.19 17.91
N GLY A 505 17.83 22.54 19.00
CA GLY A 505 16.58 21.81 19.07
C GLY A 505 15.57 22.49 20.00
N TYR A 506 14.29 22.41 19.65
CA TYR A 506 13.25 23.02 20.47
C TYR A 506 11.86 22.44 20.18
N TYR A 507 10.97 22.56 21.16
CA TYR A 507 9.59 22.10 21.02
C TYR A 507 8.76 23.14 20.28
N LEU A 508 7.74 22.68 19.56
CA LEU A 508 6.94 23.55 18.71
C LEU A 508 6.17 24.61 19.50
N TYR A 509 5.86 24.31 20.76
CA TYR A 509 5.09 25.24 21.58
C TYR A 509 5.98 26.30 22.24
N GLY A 510 7.19 26.45 21.73
CA GLY A 510 8.09 27.51 22.18
C GLY A 510 8.82 27.16 23.46
N ALA A 511 9.54 26.05 23.44
CA ALA A 511 10.32 25.62 24.61
C ALA A 511 11.62 24.96 24.17
N PRO A 512 12.75 25.35 24.79
CA PRO A 512 14.03 24.70 24.46
C PRO A 512 14.03 23.19 24.75
N ALA A 513 14.50 22.40 23.79
CA ALA A 513 14.66 20.97 23.98
C ALA A 513 15.82 20.73 24.94
N ASN A 514 15.49 20.46 26.20
CA ASN A 514 16.48 20.35 27.27
C ASN A 514 16.78 18.91 27.65
N GLY A 515 18.04 18.53 27.55
CA GLY A 515 18.47 17.19 27.95
C GLY A 515 18.11 16.12 26.94
N ASN A 516 17.64 16.54 25.76
CA ASN A 516 17.30 15.61 24.70
C ASN A 516 18.55 15.04 24.04
N THR A 517 18.65 13.72 24.02
CA THR A 517 19.83 13.05 23.46
C THR A 517 19.76 13.00 21.93
N LEU A 518 20.59 13.82 21.29
CA LEU A 518 20.71 13.79 19.84
C LEU A 518 21.62 12.65 19.41
N GLN A 519 21.18 11.87 18.43
CA GLN A 519 22.02 10.77 17.92
C GLN A 519 22.03 10.79 16.40
N GLY A 520 23.23 10.74 15.82
CA GLY A 520 23.38 10.84 14.38
C GLY A 520 24.67 10.24 13.87
N GLN A 521 25.04 10.63 12.66
CA GLN A 521 26.24 10.10 12.03
C GLN A 521 26.82 11.08 11.01
N LEU A 522 28.15 11.07 10.89
CA LEU A 522 28.86 11.90 9.92
C LEU A 522 29.22 11.08 8.69
N PHE A 523 29.06 11.68 7.52
CA PHE A 523 29.42 11.04 6.26
C PHE A 523 30.36 11.93 5.46
N LEU A 524 31.19 11.32 4.63
CA LEU A 524 32.07 12.05 3.73
C LEU A 524 31.68 11.75 2.29
N ARG A 525 31.42 12.79 1.50
CA ARG A 525 31.03 12.61 0.11
C ARG A 525 31.74 13.60 -0.81
N PRO A 526 31.86 13.25 -2.10
CA PRO A 526 32.48 14.16 -3.07
C PRO A 526 31.55 15.27 -3.52
N LEU A 527 31.93 16.52 -3.26
CA LEU A 527 31.16 17.67 -3.71
C LEU A 527 31.53 18.01 -5.15
N ARG A 528 30.54 17.89 -6.04
CA ARG A 528 30.78 18.14 -7.47
C ARG A 528 30.02 19.38 -7.94
N ASP A 529 28.90 19.67 -7.29
CA ASP A 529 28.16 20.91 -7.53
C ASP A 529 28.62 21.96 -6.52
N ALA A 530 29.88 22.37 -6.64
CA ALA A 530 30.53 23.17 -5.60
C ALA A 530 30.39 24.68 -5.83
N VAL A 531 29.92 25.08 -7.01
CA VAL A 531 29.74 26.49 -7.32
C VAL A 531 28.33 26.74 -7.87
N ALA A 532 27.50 27.36 -7.04
CA ALA A 532 26.11 27.63 -7.41
C ALA A 532 26.01 28.69 -8.49
N ALA A 533 26.90 29.67 -8.45
CA ALA A 533 26.93 30.74 -9.44
C ALA A 533 27.20 30.18 -10.84
N LEU A 534 27.74 28.97 -10.89
CA LEU A 534 28.07 28.31 -12.15
C LEU A 534 27.46 26.91 -12.20
N PRO A 535 26.19 26.81 -12.63
CA PRO A 535 25.51 25.52 -12.73
C PRO A 535 25.95 24.73 -13.96
N GLY A 536 26.01 23.40 -13.83
CA GLY A 536 26.43 22.54 -14.92
C GLY A 536 27.90 22.19 -14.82
N PHE A 537 28.67 23.08 -14.20
CA PHE A 537 30.10 22.86 -14.03
C PHE A 537 30.36 21.84 -12.93
N GLN A 538 31.09 20.79 -13.28
CA GLN A 538 31.44 19.74 -12.33
C GLN A 538 32.87 19.92 -11.84
N PHE A 539 33.08 19.68 -10.55
CA PHE A 539 34.39 19.86 -9.92
C PHE A 539 34.83 18.56 -9.23
N GLY A 540 36.12 18.26 -9.33
CA GLY A 540 36.70 17.11 -8.65
C GLY A 540 36.97 15.92 -9.56
N ASN A 541 38.04 15.20 -9.26
CA ASN A 541 38.42 14.02 -10.04
C ASN A 541 37.51 12.83 -9.72
N ILE A 542 36.61 12.52 -10.66
CA ILE A 542 35.65 11.44 -10.51
C ILE A 542 36.33 10.06 -10.38
N ALA A 543 37.65 10.01 -10.57
CA ALA A 543 38.40 8.78 -10.46
C ALA A 543 39.14 8.66 -9.13
N GLU A 544 39.14 9.74 -8.35
CA GLU A 544 39.88 9.78 -7.10
C GLU A 544 39.30 8.81 -6.07
N GLU A 545 40.16 8.04 -5.42
CA GLU A 545 39.74 7.06 -4.42
C GLU A 545 39.66 7.70 -3.03
N ASN A 546 38.89 7.06 -2.15
CA ASN A 546 38.68 7.54 -0.77
C ASN A 546 38.03 8.92 -0.73
N LEU A 547 36.98 9.09 -1.54
CA LEU A 547 36.21 10.34 -1.56
C LEU A 547 34.82 10.14 -0.97
N SER A 548 34.43 8.89 -0.74
CA SER A 548 33.11 8.56 -0.23
C SER A 548 33.17 7.47 0.83
N ARG A 549 33.17 7.87 2.10
CA ARG A 549 33.23 6.93 3.21
C ARG A 549 32.49 7.46 4.44
N SER A 550 32.29 6.58 5.42
CA SER A 550 31.58 6.92 6.64
C SER A 550 32.56 7.40 7.72
N LEU A 551 32.13 8.37 8.52
CA LEU A 551 32.96 8.96 9.56
C LEU A 551 32.40 8.60 10.95
N ASP A 552 32.65 9.47 11.94
CA ASP A 552 32.25 9.21 13.31
C ASP A 552 30.73 9.18 13.50
N GLU A 553 30.29 8.50 14.56
CA GLU A 553 28.89 8.47 14.95
C GLU A 553 28.64 9.49 16.06
N VAL A 554 27.56 10.25 15.91
CA VAL A 554 27.25 11.33 16.85
C VAL A 554 26.32 10.86 17.96
N GLN A 555 26.72 11.16 19.20
CA GLN A 555 25.88 10.90 20.38
C GLN A 555 26.03 12.06 21.36
N LEU A 556 25.13 13.04 21.25
CA LEU A 556 25.21 14.27 22.03
C LEU A 556 24.03 14.41 22.97
N THR A 557 24.31 14.51 24.27
CA THR A 557 23.27 14.64 25.29
C THR A 557 22.58 16.01 25.18
N LEU A 558 23.24 16.94 24.49
CA LEU A 558 22.71 18.27 24.21
C LEU A 558 22.79 19.17 25.45
N ASP A 559 22.28 18.67 26.58
CA ASP A 559 22.40 19.36 27.86
C ASP A 559 21.77 20.75 27.87
N LYS A 560 22.41 21.70 27.19
CA LYS A 560 22.00 23.10 27.23
C LYS A 560 20.55 23.31 26.78
N GLY A 561 20.01 24.48 27.12
CA GLY A 561 18.67 24.84 26.70
C GLY A 561 18.53 24.87 25.19
N GLY A 562 18.48 23.69 24.59
CA GLY A 562 18.24 23.55 23.15
C GLY A 562 19.48 23.39 22.31
N ARG A 563 20.54 24.13 22.64
CA ARG A 563 21.72 24.20 21.79
C ARG A 563 22.71 23.06 21.99
N GLY A 564 23.48 22.79 20.93
CA GLY A 564 24.54 21.80 20.97
C GLY A 564 25.57 22.06 19.88
N GLU A 565 26.72 21.41 19.98
CA GLU A 565 27.81 21.60 19.02
C GLU A 565 28.48 20.28 18.66
N VAL A 566 28.45 19.94 17.37
CA VAL A 566 29.13 18.75 16.86
C VAL A 566 30.44 19.19 16.21
N SER A 567 31.43 18.31 16.18
CA SER A 567 32.72 18.62 15.59
C SER A 567 33.33 17.40 14.89
N ALA A 568 34.15 17.66 13.87
CA ALA A 568 34.75 16.60 13.07
C ALA A 568 36.19 16.94 12.70
N ALA A 569 37.11 16.11 13.16
CA ALA A 569 38.53 16.29 12.86
C ALA A 569 38.83 15.87 11.42
N SER A 570 39.77 16.57 10.80
CA SER A 570 40.07 16.34 9.39
C SER A 570 40.81 15.03 9.14
N GLN A 571 40.10 14.06 8.57
CA GLN A 571 40.71 12.82 8.11
C GLN A 571 41.11 12.94 6.63
N TRP A 572 40.99 14.16 6.10
CA TRP A 572 41.25 14.43 4.69
C TRP A 572 42.32 15.49 4.53
N GLN A 573 43.32 15.20 3.69
CA GLN A 573 44.40 16.14 3.39
C GLN A 573 44.85 15.94 1.96
N GLU A 574 45.11 14.69 1.60
CA GLU A 574 45.56 14.32 0.27
C GLU A 574 44.55 14.69 -0.83
N ALA A 575 43.32 14.99 -0.42
CA ALA A 575 42.25 15.28 -1.36
C ALA A 575 42.58 16.43 -2.30
N HIS A 576 42.31 16.22 -3.59
CA HIS A 576 42.53 17.24 -4.61
C HIS A 576 41.21 17.66 -5.24
N SER A 577 40.12 17.09 -4.75
CA SER A 577 38.78 17.40 -5.24
C SER A 577 37.95 18.07 -4.15
N PRO A 578 36.93 18.85 -4.54
CA PRO A 578 36.05 19.42 -3.51
C PRO A 578 35.25 18.35 -2.78
N LEU A 579 35.34 18.34 -1.47
CA LEU A 579 34.61 17.40 -0.63
C LEU A 579 33.45 18.07 0.09
N GLN A 580 32.54 17.25 0.60
CA GLN A 580 31.51 17.73 1.51
C GLN A 580 31.32 16.72 2.62
N VAL A 581 31.24 17.20 3.86
CA VAL A 581 30.98 16.33 5.00
C VAL A 581 29.53 16.53 5.43
N ILE A 582 28.78 15.42 5.42
CA ILE A 582 27.35 15.44 5.66
C ILE A 582 26.98 14.87 7.01
N LEU A 583 26.45 15.73 7.89
CA LEU A 583 25.90 15.30 9.16
C LEU A 583 24.44 14.89 8.99
N GLN A 584 24.10 13.71 9.49
CA GLN A 584 22.72 13.26 9.54
C GLN A 584 22.36 12.91 10.98
N ALA A 585 21.44 13.68 11.57
CA ALA A 585 21.19 13.58 13.00
C ALA A 585 19.70 13.48 13.33
N SER A 586 19.39 12.60 14.29
CA SER A 586 18.04 12.41 14.80
C SER A 586 17.94 12.90 16.24
N LEU A 587 17.02 13.84 16.47
CA LEU A 587 16.72 14.34 17.81
C LEU A 587 15.63 13.48 18.45
N LEU A 588 15.87 13.09 19.70
CA LEU A 588 14.98 12.18 20.43
C LEU A 588 14.15 12.93 21.48
N GLU A 589 12.89 12.50 21.62
CA GLU A 589 11.97 13.08 22.59
C GLU A 589 11.83 12.18 23.82
N SER A 590 11.23 11.02 23.61
CA SER A 590 10.99 10.06 24.69
C SER A 590 11.15 8.65 24.15
N GLY A 591 12.00 8.50 23.14
CA GLY A 591 12.15 7.23 22.46
C GLY A 591 10.91 6.92 21.63
N GLY A 592 10.29 7.96 21.10
CA GLY A 592 9.08 7.82 20.32
C GLY A 592 8.99 8.86 19.22
N ARG A 593 9.18 8.42 17.98
CA ARG A 593 9.12 9.29 16.81
C ARG A 593 10.14 10.43 16.89
N PRO A 594 11.37 10.18 16.42
CA PRO A 594 12.44 11.18 16.45
C PRO A 594 12.31 12.22 15.34
N VAL A 595 13.10 13.28 15.42
CA VAL A 595 13.13 14.29 14.35
C VAL A 595 14.50 14.26 13.67
N THR A 596 14.54 13.72 12.46
CA THR A 596 15.78 13.56 11.71
C THR A 596 16.01 14.73 10.75
N ARG A 597 17.25 15.20 10.70
CA ARG A 597 17.64 16.26 9.78
C ARG A 597 19.06 16.02 9.26
N ARG A 598 19.43 16.70 8.18
CA ARG A 598 20.75 16.56 7.58
C ARG A 598 21.33 17.91 7.17
N VAL A 599 22.66 18.03 7.31
CA VAL A 599 23.36 19.26 6.93
C VAL A 599 24.74 18.91 6.38
N GLU A 600 25.23 19.70 5.44
CA GLU A 600 26.51 19.44 4.78
C GLU A 600 27.46 20.64 4.84
N GLN A 601 28.74 20.35 5.02
CA GLN A 601 29.80 21.36 4.98
C GLN A 601 30.73 21.12 3.81
N ALA A 602 30.90 22.13 2.97
CA ALA A 602 31.78 22.08 1.81
C ALA A 602 33.24 22.23 2.24
N ILE A 603 34.13 21.54 1.51
CA ILE A 603 35.56 21.53 1.83
C ILE A 603 36.38 21.55 0.53
N TRP A 604 37.19 22.59 0.35
CA TRP A 604 37.98 22.74 -0.87
C TRP A 604 39.48 22.59 -0.60
N PRO A 605 40.21 21.95 -1.54
CA PRO A 605 41.66 21.79 -1.39
C PRO A 605 42.47 23.00 -1.84
N ALA A 606 41.78 23.99 -2.41
CA ALA A 606 42.44 25.21 -2.87
C ALA A 606 41.40 26.32 -3.02
N ASP A 607 41.82 27.55 -2.79
CA ASP A 607 40.92 28.70 -2.82
C ASP A 607 40.34 28.96 -4.22
N THR A 608 40.92 28.32 -5.23
CA THR A 608 40.41 28.40 -6.59
C THR A 608 40.63 27.07 -7.29
N LEU A 609 39.68 26.67 -8.14
CA LEU A 609 39.70 25.35 -8.75
C LEU A 609 39.24 25.35 -10.20
N PRO A 610 39.60 24.29 -10.96
CA PRO A 610 39.14 24.10 -12.33
C PRO A 610 37.75 23.46 -12.38
N GLY A 611 36.99 23.74 -13.43
CA GLY A 611 35.64 23.21 -13.56
C GLY A 611 35.25 22.96 -15.01
N ILE A 612 34.67 21.78 -15.25
CA ILE A 612 34.28 21.35 -16.59
C ILE A 612 32.76 21.29 -16.75
N ARG A 613 32.27 21.80 -17.87
CA ARG A 613 30.86 21.67 -18.23
C ARG A 613 30.71 21.26 -19.69
N PRO A 614 30.29 20.00 -19.95
CA PRO A 614 30.08 19.53 -21.32
C PRO A 614 29.06 20.36 -22.10
N GLN A 615 29.41 20.74 -23.32
CA GLN A 615 28.49 21.49 -24.18
C GLN A 615 27.37 20.58 -24.68
N PHE A 616 27.71 19.33 -24.96
CA PHE A 616 26.72 18.36 -25.45
C PHE A 616 25.78 17.95 -24.32
N ALA A 617 24.51 17.77 -24.67
CA ALA A 617 23.46 17.50 -23.69
C ALA A 617 23.37 16.01 -23.36
N ALA A 618 22.82 15.70 -22.19
CA ALA A 618 22.64 14.31 -21.77
C ALA A 618 21.46 13.67 -22.49
N LYS A 619 21.68 12.45 -22.98
CA LYS A 619 20.64 11.72 -23.70
C LYS A 619 20.07 10.59 -22.86
N ALA A 620 18.85 10.18 -23.19
CA ALA A 620 18.14 9.17 -22.42
C ALA A 620 18.48 7.75 -22.89
N VAL A 621 18.95 6.93 -21.95
CA VAL A 621 19.37 5.57 -22.26
C VAL A 621 18.93 4.60 -21.16
N TYR A 622 18.80 3.32 -21.52
CA TYR A 622 18.34 2.30 -20.58
C TYR A 622 19.50 1.75 -19.74
N ASP A 623 19.20 1.48 -18.47
CA ASP A 623 20.17 0.88 -17.56
C ASP A 623 19.57 -0.35 -16.89
N TYR A 624 20.02 -1.52 -17.31
CA TYR A 624 19.46 -2.79 -16.83
C TYR A 624 19.64 -2.94 -15.32
N ARG A 625 20.62 -2.26 -14.75
CA ARG A 625 20.84 -2.28 -13.31
C ARG A 625 19.72 -1.54 -12.59
N THR A 626 19.25 -0.46 -13.19
CA THR A 626 18.19 0.36 -12.61
C THR A 626 16.83 -0.01 -13.21
N ASP A 627 16.85 -0.62 -14.39
CA ASP A 627 15.63 -1.04 -15.09
C ASP A 627 14.73 0.14 -15.41
N THR A 628 15.34 1.32 -15.59
CA THR A 628 14.59 2.53 -15.94
C THR A 628 15.43 3.40 -16.86
N THR A 629 14.77 4.35 -17.53
CA THR A 629 15.45 5.26 -18.43
C THR A 629 16.23 6.31 -17.63
N VAL A 630 17.54 6.35 -17.86
CA VAL A 630 18.42 7.31 -17.18
C VAL A 630 19.10 8.24 -18.18
N ASN A 631 19.30 9.49 -17.76
CA ASN A 631 20.03 10.47 -18.56
C ASN A 631 21.54 10.27 -18.42
N GLN A 632 22.24 10.27 -19.54
CA GLN A 632 23.69 10.17 -19.52
C GLN A 632 24.33 11.04 -20.60
N PRO A 633 25.52 11.60 -20.31
CA PRO A 633 26.21 12.44 -21.29
C PRO A 633 26.85 11.62 -22.41
N ILE A 634 26.24 11.65 -23.59
CA ILE A 634 26.68 10.82 -24.70
C ILE A 634 26.82 11.64 -25.98
N VAL A 635 27.83 11.28 -26.78
CA VAL A 635 28.04 11.87 -28.09
C VAL A 635 28.10 10.73 -29.11
N ASP A 636 27.93 11.05 -30.40
CA ASP A 636 27.95 10.03 -31.44
C ASP A 636 29.34 9.42 -31.61
N GLU A 637 29.37 8.20 -32.13
CA GLU A 637 30.62 7.48 -32.37
C GLU A 637 31.47 8.19 -33.43
N ASP A 638 32.78 8.22 -33.21
CA ASP A 638 33.71 8.88 -34.14
C ASP A 638 33.30 10.34 -34.34
N SER A 639 33.51 11.16 -33.33
CA SER A 639 32.96 12.52 -33.30
C SER A 639 33.88 13.51 -32.59
N ASN A 640 33.31 14.65 -32.21
CA ASN A 640 34.04 15.70 -31.49
C ASN A 640 33.31 16.11 -30.22
N ALA A 641 33.96 15.90 -29.08
CA ALA A 641 33.38 16.25 -27.79
C ALA A 641 33.83 17.63 -27.34
N ALA A 642 32.88 18.53 -27.16
CA ALA A 642 33.15 19.92 -26.77
C ALA A 642 32.91 20.12 -25.28
N PHE A 643 33.74 20.95 -24.66
CA PHE A 643 33.64 21.22 -23.23
C PHE A 643 33.98 22.66 -22.87
N ASP A 644 33.25 23.20 -21.89
CA ASP A 644 33.55 24.51 -21.32
C ASP A 644 34.34 24.35 -20.03
N ILE A 645 35.55 24.90 -20.00
CA ILE A 645 36.42 24.82 -18.83
C ILE A 645 36.53 26.18 -18.17
N VAL A 646 36.54 26.20 -16.85
CA VAL A 646 36.73 27.45 -16.10
C VAL A 646 37.62 27.24 -14.88
N TYR A 647 38.30 28.30 -14.46
CA TYR A 647 39.12 28.29 -13.26
C TYR A 647 38.54 29.28 -12.26
N ALA A 648 37.71 28.78 -11.35
CA ALA A 648 36.88 29.64 -10.51
C ALA A 648 36.88 29.24 -9.04
N ASN A 649 36.35 30.12 -8.21
CA ASN A 649 36.28 29.91 -6.76
C ASN A 649 34.84 29.83 -6.27
N ALA A 650 34.66 29.65 -4.96
CA ALA A 650 33.33 29.50 -4.37
C ALA A 650 32.44 30.68 -4.73
N GLN A 651 32.70 31.84 -4.13
CA GLN A 651 31.99 33.05 -4.49
C GLN A 651 32.45 33.52 -5.85
N GLY A 652 31.60 34.29 -6.53
CA GLY A 652 31.96 34.88 -7.82
C GLY A 652 32.29 33.86 -8.88
N GLU A 653 33.00 34.30 -9.91
CA GLU A 653 33.28 33.47 -11.08
C GLU A 653 34.61 33.84 -11.76
N LYS A 654 35.29 32.83 -12.28
CA LYS A 654 36.34 33.01 -13.29
C LYS A 654 37.57 33.79 -12.83
N LYS A 655 38.68 33.09 -12.63
CA LYS A 655 39.97 33.70 -12.34
C LYS A 655 40.98 33.35 -13.43
N ALA A 656 42.16 33.95 -13.36
CA ALA A 656 43.19 33.77 -14.39
C ALA A 656 44.16 32.64 -14.02
N VAL A 657 44.64 31.94 -15.06
CA VAL A 657 45.57 30.84 -14.88
C VAL A 657 46.20 30.52 -16.23
N SER A 658 47.34 29.83 -16.23
CA SER A 658 48.02 29.48 -17.47
C SER A 658 48.66 28.10 -17.38
N GLY A 659 48.31 27.23 -18.32
CA GLY A 659 48.94 25.92 -18.41
C GLY A 659 48.07 24.83 -17.83
N LEU A 660 46.75 24.95 -18.04
CA LEU A 660 45.82 23.93 -17.61
C LEU A 660 46.03 22.65 -18.40
N GLN A 661 46.40 21.58 -17.70
CA GLN A 661 46.67 20.31 -18.35
C GLN A 661 45.36 19.57 -18.62
N VAL A 662 44.95 19.56 -19.89
CA VAL A 662 43.67 18.98 -20.29
C VAL A 662 43.86 17.64 -21.01
N ARG A 663 43.68 16.54 -20.28
CA ARG A 663 43.86 15.20 -20.83
C ARG A 663 42.54 14.52 -21.16
N LEU A 664 42.50 13.82 -22.29
CA LEU A 664 41.37 12.96 -22.63
C LEU A 664 41.74 11.51 -22.32
N ILE A 665 41.15 10.96 -21.28
CA ILE A 665 41.49 9.61 -20.84
C ILE A 665 40.46 8.59 -21.29
N ARG A 666 40.90 7.62 -22.09
CA ARG A 666 40.06 6.50 -22.48
C ARG A 666 40.13 5.41 -21.43
N GLU A 667 38.97 4.93 -21.00
CA GLU A 667 38.87 3.86 -20.02
C GLU A 667 38.63 2.54 -20.72
N ARG A 668 39.70 1.81 -21.00
CA ARG A 668 39.60 0.55 -21.72
C ARG A 668 39.32 -0.60 -20.76
N ARG A 669 38.31 -1.41 -21.09
CA ARG A 669 37.96 -2.57 -20.28
C ARG A 669 38.09 -3.85 -21.08
N ASP A 670 38.73 -4.86 -20.47
CA ASP A 670 38.84 -6.19 -21.07
C ASP A 670 38.11 -7.20 -20.19
N TYR A 671 36.98 -7.69 -20.68
CA TYR A 671 36.13 -8.61 -19.93
C TYR A 671 36.60 -10.05 -20.03
N TYR A 672 36.38 -10.81 -18.95
CA TYR A 672 36.70 -12.23 -18.94
C TYR A 672 35.87 -12.95 -17.88
N TRP A 673 35.49 -14.19 -18.16
CA TRP A 673 34.66 -14.97 -17.25
C TRP A 673 35.52 -15.65 -16.18
N ASN A 674 34.94 -15.84 -14.99
CA ASN A 674 35.67 -16.40 -13.87
C ASN A 674 34.77 -17.30 -13.01
N TRP A 675 35.26 -18.51 -12.71
CA TRP A 675 34.49 -19.51 -11.96
C TRP A 675 34.93 -19.55 -10.50
N SER A 676 34.02 -19.97 -9.61
CA SER A 676 34.33 -20.13 -8.20
C SER A 676 33.37 -21.10 -7.52
N GLU A 677 33.56 -21.30 -6.22
CA GLU A 677 32.80 -22.30 -5.47
C GLU A 677 31.35 -21.89 -5.21
N SER A 678 31.14 -20.64 -4.79
CA SER A 678 29.81 -20.17 -4.42
C SER A 678 29.36 -18.97 -5.25
N GLU A 679 30.21 -18.57 -6.21
CA GLU A 679 29.89 -17.46 -7.08
C GLU A 679 29.37 -17.96 -8.43
N GLY A 680 29.89 -19.12 -8.85
CA GLY A 680 29.57 -19.65 -10.16
C GLY A 680 30.31 -18.89 -11.22
N TRP A 681 29.81 -18.92 -12.45
CA TRP A 681 30.43 -18.18 -13.54
C TRP A 681 30.07 -16.71 -13.48
N GLN A 682 31.06 -15.88 -13.12
CA GLN A 682 30.89 -14.44 -13.03
C GLN A 682 31.71 -13.73 -14.11
N SER A 683 31.19 -12.62 -14.60
CA SER A 683 31.86 -11.84 -15.63
C SER A 683 32.74 -10.76 -15.02
N GLN A 684 34.05 -10.99 -15.05
CA GLN A 684 35.02 -10.03 -14.52
C GLN A 684 35.57 -9.17 -15.64
N PHE A 685 36.37 -8.17 -15.29
CA PHE A 685 36.96 -7.29 -16.31
C PHE A 685 38.16 -6.51 -15.76
N ASP A 686 39.21 -6.43 -16.57
CA ASP A 686 40.40 -5.64 -16.22
C ASP A 686 40.39 -4.30 -16.96
N GLN A 687 40.53 -3.22 -16.21
CA GLN A 687 40.45 -1.87 -16.76
C GLN A 687 41.83 -1.24 -16.90
N LYS A 688 41.97 -0.34 -17.87
CA LYS A 688 43.20 0.41 -18.05
C LYS A 688 42.90 1.80 -18.63
N ASP A 689 43.53 2.82 -18.04
CA ASP A 689 43.33 4.20 -18.48
C ASP A 689 44.43 4.61 -19.45
N LEU A 690 44.02 5.05 -20.64
CA LEU A 690 44.95 5.43 -21.70
C LEU A 690 44.74 6.90 -22.10
N VAL A 691 45.84 7.61 -22.31
CA VAL A 691 45.79 9.02 -22.70
C VAL A 691 45.69 9.14 -24.22
N GLU A 692 44.48 9.34 -24.74
CA GLU A 692 44.29 9.46 -26.18
C GLU A 692 44.65 10.84 -26.69
N GLY A 693 44.22 11.87 -25.96
CA GLY A 693 44.47 13.24 -26.36
C GLY A 693 44.98 14.09 -25.21
N GLU A 694 45.63 15.19 -25.55
CA GLU A 694 46.12 16.13 -24.54
C GLU A 694 46.27 17.52 -25.15
N GLN A 695 45.83 18.52 -24.39
CA GLN A 695 45.97 19.91 -24.79
C GLN A 695 46.49 20.72 -23.62
N THR A 696 46.88 21.97 -23.88
CA THR A 696 47.33 22.88 -22.84
C THR A 696 46.61 24.21 -23.02
N LEU A 697 46.04 24.71 -21.92
CA LEU A 697 45.13 25.86 -22.01
C LEU A 697 45.53 27.01 -21.09
N ASP A 698 45.20 28.22 -21.54
CA ASP A 698 45.42 29.44 -20.78
C ASP A 698 44.10 30.20 -20.63
N LEU A 699 43.90 30.80 -19.46
CA LEU A 699 42.67 31.53 -19.17
C LEU A 699 42.96 32.86 -18.48
N ASN A 700 42.35 33.93 -18.98
CA ASN A 700 42.42 35.23 -18.34
C ASN A 700 41.25 35.42 -17.39
N ALA A 701 41.17 36.58 -16.77
CA ALA A 701 40.07 36.90 -15.86
C ALA A 701 38.76 36.97 -16.64
N ASP A 702 37.71 36.39 -16.08
CA ASP A 702 36.40 36.36 -16.72
C ASP A 702 36.47 35.76 -18.12
N GLU A 703 36.81 34.47 -18.19
CA GLU A 703 36.90 33.76 -19.47
C GLU A 703 36.37 32.35 -19.34
N THR A 704 35.60 31.92 -20.34
CA THR A 704 35.11 30.54 -20.42
C THR A 704 35.80 29.82 -21.58
N GLY A 705 36.93 29.19 -21.28
CA GLY A 705 37.66 28.44 -22.28
C GLY A 705 36.82 27.31 -22.83
N LYS A 706 36.94 27.06 -24.13
CA LYS A 706 36.18 26.01 -24.79
C LYS A 706 37.12 25.06 -25.54
N VAL A 707 37.09 23.78 -25.17
CA VAL A 707 37.96 22.80 -25.80
C VAL A 707 37.13 21.77 -26.56
N SER A 708 37.72 21.24 -27.63
CA SER A 708 37.08 20.18 -28.42
C SER A 708 38.07 19.03 -28.62
N PHE A 709 37.63 17.82 -28.29
CA PHE A 709 38.46 16.63 -28.43
C PHE A 709 37.83 15.62 -29.38
N PRO A 710 38.59 15.21 -30.43
CA PRO A 710 38.09 14.10 -31.27
C PRO A 710 38.02 12.79 -30.51
N VAL A 711 36.85 12.13 -30.56
CA VAL A 711 36.64 10.86 -29.86
C VAL A 711 36.15 9.79 -30.83
N GLU A 712 36.31 8.53 -30.43
CA GLU A 712 35.95 7.39 -31.28
C GLU A 712 34.82 6.56 -30.65
N TRP A 713 35.17 5.60 -29.81
CA TRP A 713 34.19 4.72 -29.18
C TRP A 713 34.64 4.27 -27.80
N GLY A 714 33.66 4.01 -26.93
CA GLY A 714 33.93 3.51 -25.59
C GLY A 714 33.71 4.57 -24.52
N ALA A 715 34.19 4.28 -23.32
CA ALA A 715 34.06 5.20 -22.19
C ALA A 715 35.29 6.08 -22.06
N TYR A 716 35.06 7.39 -21.98
CA TYR A 716 36.13 8.37 -21.80
C TYR A 716 35.90 9.18 -20.54
N ARG A 717 36.92 9.88 -20.09
CA ARG A 717 36.75 10.94 -19.12
C ARG A 717 37.71 12.08 -19.43
N LEU A 718 37.19 13.30 -19.41
CA LEU A 718 37.99 14.49 -19.62
C LEU A 718 38.53 14.99 -18.30
N GLU A 719 39.86 15.06 -18.21
CA GLU A 719 40.54 15.48 -16.98
C GLU A 719 41.23 16.82 -17.18
N VAL A 720 40.94 17.76 -16.30
CA VAL A 720 41.61 19.06 -16.26
C VAL A 720 42.40 19.18 -14.97
N LYS A 721 43.71 19.39 -15.10
CA LYS A 721 44.60 19.55 -13.96
C LYS A 721 45.25 20.93 -13.97
N ALA A 722 45.22 21.59 -12.81
CA ALA A 722 45.82 22.91 -12.64
C ALA A 722 47.15 22.80 -11.90
N PRO A 723 48.04 23.80 -12.05
CA PRO A 723 49.39 23.79 -11.45
C PRO A 723 49.40 23.56 -9.94
N ASN A 724 48.28 23.83 -9.28
CA ASN A 724 48.18 23.63 -7.83
C ASN A 724 47.74 22.20 -7.48
N GLU A 725 48.06 21.26 -8.38
CA GLU A 725 47.78 19.85 -8.17
C GLU A 725 46.30 19.55 -7.90
N THR A 726 45.42 20.44 -8.35
CA THR A 726 43.97 20.21 -8.25
C THR A 726 43.44 19.64 -9.55
N VAL A 727 42.59 18.62 -9.44
CA VAL A 727 42.10 17.87 -10.60
C VAL A 727 40.58 17.93 -10.70
N SER A 728 40.06 18.02 -11.92
CA SER A 728 38.63 17.92 -12.16
C SER A 728 38.36 17.04 -13.39
N SER A 729 37.61 15.95 -13.18
CA SER A 729 37.36 14.97 -14.24
C SER A 729 35.87 14.78 -14.52
N VAL A 730 35.52 14.62 -15.79
CA VAL A 730 34.14 14.34 -16.20
C VAL A 730 34.09 13.13 -17.14
N ARG A 731 33.36 12.10 -16.74
CA ARG A 731 33.22 10.88 -17.53
C ARG A 731 32.08 10.99 -18.55
N PHE A 732 32.27 10.35 -19.70
CA PHE A 732 31.25 10.32 -20.74
C PHE A 732 31.51 9.14 -21.67
N TRP A 733 30.64 8.97 -22.67
CA TRP A 733 30.71 7.84 -23.59
C TRP A 733 30.54 8.29 -25.03
N ALA A 734 31.21 7.59 -25.94
CA ALA A 734 31.20 7.95 -27.37
C ALA A 734 30.27 7.03 -28.16
N GLY A 735 29.95 5.88 -27.60
CA GLY A 735 29.00 4.95 -28.19
C GLY A 735 27.83 4.72 -27.27
N TYR A 736 26.67 4.40 -27.85
CA TYR A 736 25.47 4.14 -27.06
C TYR A 736 25.59 2.80 -26.33
N SER A 737 26.66 2.08 -26.61
CA SER A 737 27.01 0.88 -25.84
C SER A 737 27.90 1.27 -24.66
N TRP A 738 27.30 1.36 -23.48
CA TRP A 738 28.02 1.78 -22.28
C TRP A 738 27.69 0.85 -21.11
N PRO A 750 31.37 -20.34 -22.04
CA PRO A 750 32.15 -21.33 -21.29
C PRO A 750 31.34 -22.59 -21.00
N ASP A 751 30.25 -22.43 -20.24
CA ASP A 751 29.35 -23.54 -19.94
C ASP A 751 28.09 -23.45 -20.80
N ARG A 752 28.15 -22.61 -21.84
CA ARG A 752 27.00 -22.37 -22.71
C ARG A 752 27.44 -22.21 -24.15
N VAL A 753 26.46 -22.07 -25.06
CA VAL A 753 26.73 -21.80 -26.46
C VAL A 753 26.75 -20.29 -26.68
N THR A 754 27.93 -19.73 -26.93
CA THR A 754 28.05 -18.28 -27.08
C THR A 754 27.56 -17.85 -28.46
N LEU A 755 26.56 -16.98 -28.46
CA LEU A 755 25.97 -16.44 -29.69
C LEU A 755 26.40 -15.00 -29.88
N LYS A 756 26.73 -14.62 -31.12
CA LYS A 756 27.09 -13.25 -31.42
C LYS A 756 26.47 -12.77 -32.74
N LEU A 757 26.21 -11.46 -32.82
CA LEU A 757 25.61 -10.86 -34.01
C LEU A 757 26.54 -9.80 -34.61
N ASP A 758 26.43 -9.62 -35.92
CA ASP A 758 27.32 -8.72 -36.64
C ASP A 758 27.23 -7.28 -36.15
N LYS A 759 26.01 -6.75 -36.09
CA LYS A 759 25.78 -5.37 -35.64
C LYS A 759 24.60 -5.31 -34.68
N ALA A 760 24.73 -4.48 -33.65
CA ALA A 760 23.63 -4.25 -32.72
C ALA A 760 22.54 -3.46 -33.42
N ASN A 761 21.28 -3.77 -33.09
CA ASN A 761 20.12 -3.07 -33.65
C ASN A 761 19.89 -3.42 -35.12
N TYR A 762 18.65 -3.74 -35.46
CA TYR A 762 18.26 -4.08 -36.83
C TYR A 762 16.98 -3.34 -37.23
N ARG A 763 16.45 -3.71 -38.39
CA ARG A 763 15.17 -3.20 -38.86
C ARG A 763 14.47 -4.30 -39.67
N PRO A 764 13.13 -4.22 -39.78
CA PRO A 764 12.40 -5.30 -40.46
C PRO A 764 12.63 -5.30 -41.97
N GLY A 765 13.86 -5.56 -42.37
CA GLY A 765 14.23 -5.57 -43.78
C GLY A 765 15.66 -6.05 -44.00
N ASP A 766 16.53 -5.78 -43.03
CA ASP A 766 17.93 -6.16 -43.11
C ASP A 766 18.12 -7.67 -42.99
N THR A 767 19.36 -8.09 -42.78
CA THR A 767 19.69 -9.51 -42.63
C THR A 767 20.68 -9.72 -41.50
N MET A 768 20.46 -10.77 -40.72
CA MET A 768 21.26 -11.06 -39.54
C MET A 768 22.37 -12.06 -39.82
N LYS A 769 23.60 -11.71 -39.45
CA LYS A 769 24.71 -12.66 -39.45
C LYS A 769 24.89 -13.22 -38.04
N LEU A 770 24.53 -14.48 -37.86
CA LEU A 770 24.57 -15.13 -36.56
C LEU A 770 25.79 -16.02 -36.41
N HIS A 771 26.64 -15.70 -35.44
CA HIS A 771 27.79 -16.53 -35.11
C HIS A 771 27.49 -17.39 -33.88
N ILE A 772 27.63 -18.69 -34.06
CA ILE A 772 27.40 -19.67 -33.01
C ILE A 772 28.70 -20.33 -32.61
N ALA A 773 29.06 -20.22 -31.33
CA ALA A 773 30.26 -20.86 -30.81
C ALA A 773 29.96 -21.69 -29.56
N ALA A 774 30.19 -22.99 -29.66
CA ALA A 774 29.97 -23.93 -28.56
C ALA A 774 31.30 -24.43 -28.00
N PRO A 775 31.33 -24.81 -26.72
CA PRO A 775 32.58 -25.33 -26.13
C PRO A 775 33.03 -26.63 -26.78
N VAL A 776 32.07 -27.52 -27.03
CA VAL A 776 32.34 -28.80 -27.66
C VAL A 776 31.47 -28.95 -28.90
N ALA A 777 32.09 -29.37 -30.01
CA ALA A 777 31.38 -29.55 -31.27
C ALA A 777 30.22 -30.52 -31.10
N GLY A 778 29.16 -30.30 -31.86
CA GLY A 778 27.97 -31.13 -31.73
C GLY A 778 26.89 -30.78 -32.72
N LYS A 779 25.71 -31.39 -32.53
CA LYS A 779 24.59 -31.19 -33.44
C LYS A 779 23.33 -30.80 -32.68
N GLY A 780 22.41 -30.15 -33.36
CA GLY A 780 21.14 -29.76 -32.75
C GLY A 780 20.36 -28.81 -33.65
N TYR A 781 19.92 -27.68 -33.10
CA TYR A 781 19.12 -26.75 -33.89
C TYR A 781 19.10 -25.35 -33.31
N ALA A 782 19.05 -24.36 -34.20
CA ALA A 782 18.94 -22.96 -33.83
C ALA A 782 17.54 -22.45 -34.19
N MET A 783 17.12 -21.38 -33.53
CA MET A 783 15.75 -20.89 -33.69
C MET A 783 15.63 -19.39 -33.43
N VAL A 784 14.78 -18.74 -34.21
CA VAL A 784 14.34 -17.37 -33.95
C VAL A 784 12.85 -17.41 -33.61
N GLU A 785 12.52 -16.99 -32.39
CA GLU A 785 11.16 -17.13 -31.89
C GLU A 785 10.73 -15.97 -31.01
N SER A 786 9.50 -16.06 -30.50
CA SER A 786 8.93 -15.05 -29.63
C SER A 786 7.92 -15.70 -28.69
N SER A 787 6.94 -14.92 -28.24
CA SER A 787 5.76 -15.49 -27.64
C SER A 787 4.92 -16.09 -28.77
N ASP A 788 3.75 -16.62 -28.44
CA ASP A 788 2.86 -17.21 -29.44
C ASP A 788 3.50 -18.40 -30.14
N GLY A 789 4.57 -18.15 -30.90
CA GLY A 789 5.26 -19.23 -31.59
C GLY A 789 6.58 -18.80 -32.23
N PRO A 790 7.26 -19.75 -32.89
CA PRO A 790 8.54 -19.51 -33.57
C PRO A 790 8.37 -18.91 -34.96
N LEU A 791 9.26 -18.00 -35.32
CA LEU A 791 9.20 -17.31 -36.61
C LEU A 791 10.21 -17.87 -37.59
N TRP A 792 11.25 -18.53 -37.07
CA TRP A 792 12.20 -19.24 -37.92
C TRP A 792 12.97 -20.27 -37.11
N TRP A 793 13.44 -21.32 -37.79
CA TRP A 793 14.21 -22.37 -37.12
C TRP A 793 14.98 -23.23 -38.12
N GLN A 794 16.10 -23.79 -37.68
CA GLN A 794 16.92 -24.63 -38.55
C GLN A 794 17.79 -25.60 -37.75
N ALA A 795 17.78 -26.86 -38.16
CA ALA A 795 18.65 -27.88 -37.57
C ALA A 795 20.09 -27.63 -38.03
N ILE A 796 21.03 -27.72 -37.12
CA ILE A 796 22.42 -27.37 -37.41
C ILE A 796 23.43 -28.36 -36.84
N ASP A 797 24.62 -28.35 -37.44
CA ASP A 797 25.75 -29.16 -36.98
C ASP A 797 26.94 -28.23 -36.74
N VAL A 798 27.28 -28.01 -35.48
CA VAL A 798 28.33 -27.08 -35.10
C VAL A 798 29.66 -27.82 -34.91
N PRO A 799 30.68 -27.47 -35.72
CA PRO A 799 32.00 -28.08 -35.54
C PRO A 799 32.78 -27.44 -34.39
N ALA A 800 34.06 -27.78 -34.26
CA ALA A 800 34.89 -27.27 -33.17
C ALA A 800 35.53 -25.93 -33.52
N GLN A 801 35.01 -25.27 -34.55
CA GLN A 801 35.51 -23.97 -34.97
C GLN A 801 34.38 -22.97 -35.19
N GLY A 802 33.25 -23.22 -34.53
CA GLY A 802 32.11 -22.32 -34.60
C GLY A 802 31.30 -22.52 -35.87
N LEU A 803 30.19 -21.78 -35.97
CA LEU A 803 29.34 -21.84 -37.15
C LEU A 803 28.74 -20.47 -37.47
N GLU A 804 28.62 -20.16 -38.76
CA GLU A 804 28.05 -18.88 -39.21
C GLU A 804 26.75 -19.12 -39.98
N LEU A 805 25.69 -18.42 -39.57
CA LEU A 805 24.40 -18.49 -40.24
C LEU A 805 23.95 -17.11 -40.71
N THR A 806 23.13 -17.09 -41.75
CA THR A 806 22.56 -15.85 -42.26
C THR A 806 21.03 -15.95 -42.23
N ILE A 807 20.41 -15.12 -41.40
CA ILE A 807 18.96 -15.19 -41.18
C ILE A 807 18.26 -13.95 -41.73
N PRO A 808 17.18 -14.14 -42.51
CA PRO A 808 16.43 -12.98 -43.01
C PRO A 808 15.46 -12.42 -41.98
N VAL A 809 15.24 -11.10 -42.02
CA VAL A 809 14.34 -10.43 -41.10
C VAL A 809 13.04 -10.06 -41.83
N ASP A 810 12.00 -10.86 -41.62
CA ASP A 810 10.73 -10.66 -42.30
C ASP A 810 10.08 -9.33 -41.93
N LYS A 811 9.01 -8.99 -42.64
CA LYS A 811 8.26 -7.77 -42.36
C LYS A 811 7.36 -7.96 -41.15
N THR A 812 7.09 -9.21 -40.80
CA THR A 812 6.25 -9.53 -39.66
C THR A 812 7.07 -9.62 -38.37
N TRP A 813 8.31 -9.13 -38.42
CA TRP A 813 9.19 -9.11 -37.25
C TRP A 813 9.28 -7.70 -36.67
N ASN A 814 8.34 -7.37 -35.80
CA ASN A 814 8.31 -6.06 -35.16
C ASN A 814 7.58 -6.16 -33.82
N ARG A 815 8.21 -6.83 -32.87
CA ARG A 815 7.54 -7.22 -31.62
C ARG A 815 8.31 -6.83 -30.37
N HIS A 816 9.64 -6.82 -30.46
CA HIS A 816 10.53 -6.48 -29.34
C HIS A 816 10.52 -7.54 -28.22
N ASP A 817 9.79 -8.64 -28.43
CA ASP A 817 9.87 -9.80 -27.53
C ASP A 817 10.53 -10.95 -28.27
N LEU A 818 11.32 -10.61 -29.29
CA LEU A 818 11.99 -11.60 -30.12
C LEU A 818 13.25 -12.13 -29.45
N TYR A 819 13.45 -13.44 -29.52
CA TYR A 819 14.65 -14.07 -28.98
C TYR A 819 15.20 -15.11 -29.95
N LEU A 820 16.52 -15.29 -29.87
CA LEU A 820 17.24 -16.20 -30.76
C LEU A 820 17.84 -17.33 -29.93
N SER A 821 17.27 -18.52 -30.08
CA SER A 821 17.66 -19.68 -29.30
C SER A 821 18.59 -20.62 -30.06
N THR A 822 19.36 -21.41 -29.32
CA THR A 822 20.27 -22.38 -29.90
C THR A 822 20.42 -23.59 -28.98
N LEU A 823 20.26 -24.78 -29.55
CA LEU A 823 20.45 -26.02 -28.81
C LEU A 823 21.47 -26.89 -29.52
N VAL A 824 22.55 -27.20 -28.80
CA VAL A 824 23.64 -28.03 -29.30
C VAL A 824 23.82 -29.27 -28.43
N VAL A 825 24.10 -30.41 -29.07
CA VAL A 825 24.21 -31.68 -28.38
C VAL A 825 25.43 -32.48 -28.81
N ARG A 826 26.09 -33.12 -27.84
CA ARG A 826 27.23 -33.99 -28.09
C ARG A 826 26.76 -35.38 -28.54
N PRO A 827 27.46 -35.99 -29.51
CA PRO A 827 27.00 -37.29 -30.02
C PRO A 827 26.97 -38.43 -28.99
N GLY A 828 28.12 -38.75 -28.41
CA GLY A 828 28.24 -39.91 -27.53
C GLY A 828 27.37 -39.86 -26.29
N ASP A 829 26.65 -40.96 -26.04
CA ASP A 829 25.86 -41.09 -24.82
C ASP A 829 26.78 -41.12 -23.61
N LYS A 830 27.79 -41.98 -23.68
CA LYS A 830 28.81 -42.07 -22.65
C LYS A 830 30.10 -41.43 -23.15
N SER A 831 30.83 -40.81 -22.24
CA SER A 831 32.09 -40.16 -22.58
C SER A 831 32.88 -39.85 -21.31
N ARG A 832 34.10 -39.35 -21.50
CA ARG A 832 34.95 -38.96 -20.39
C ARG A 832 35.08 -37.44 -20.39
N SER A 833 35.90 -36.92 -19.47
CA SER A 833 36.09 -35.48 -19.34
C SER A 833 34.76 -34.77 -19.09
N ALA A 834 33.85 -35.47 -18.42
CA ALA A 834 32.51 -34.95 -18.11
C ALA A 834 31.77 -34.52 -19.38
N THR A 835 31.92 -33.24 -19.75
CA THR A 835 31.27 -32.67 -20.94
C THR A 835 29.75 -32.62 -20.81
N PRO A 836 29.17 -31.41 -20.73
CA PRO A 836 27.71 -31.31 -20.78
C PRO A 836 27.18 -31.75 -22.15
N LYS A 837 26.45 -32.86 -22.19
CA LYS A 837 25.96 -33.37 -23.47
C LYS A 837 24.96 -32.40 -24.09
N ARG A 838 24.36 -31.54 -23.26
CA ARG A 838 23.45 -30.51 -23.73
C ARG A 838 24.08 -29.13 -23.53
N ALA A 839 23.97 -28.29 -24.56
CA ALA A 839 24.45 -26.91 -24.46
C ALA A 839 23.43 -25.95 -25.07
N VAL A 840 23.03 -24.96 -24.28
CA VAL A 840 22.00 -24.00 -24.71
C VAL A 840 22.57 -22.60 -24.86
N GLY A 841 22.13 -21.91 -25.91
CA GLY A 841 22.49 -20.53 -26.15
C GLY A 841 21.22 -19.75 -26.47
N LEU A 842 21.12 -18.55 -25.94
CA LEU A 842 19.91 -17.76 -26.07
C LEU A 842 20.22 -16.26 -25.99
N LEU A 843 19.87 -15.54 -27.05
CA LEU A 843 20.19 -14.11 -27.14
C LEU A 843 18.99 -13.28 -27.58
N HIS A 844 18.74 -12.17 -26.90
CA HIS A 844 17.68 -11.26 -27.30
C HIS A 844 17.99 -10.66 -28.67
N LEU A 845 16.98 -10.62 -29.53
CA LEU A 845 17.14 -10.14 -30.89
C LEU A 845 16.84 -8.64 -30.97
N PRO A 846 17.88 -7.79 -31.02
CA PRO A 846 17.63 -6.34 -31.03
C PRO A 846 16.89 -5.90 -32.29
N LEU A 847 15.85 -5.07 -32.12
CA LEU A 847 15.02 -4.66 -33.23
C LEU A 847 14.46 -3.24 -33.05
N GLY A 848 14.75 -2.61 -31.92
CA GLY A 848 14.27 -1.27 -31.65
C GLY A 848 14.84 -0.25 -32.62
N ASP A 849 14.47 1.01 -32.42
CA ASP A 849 14.97 2.10 -33.26
C ASP A 849 15.09 3.39 -32.45
N ASP A 850 16.28 3.99 -32.50
CA ASP A 850 16.54 5.20 -31.73
C ASP A 850 16.06 6.44 -32.48
N ASN A 851 15.47 6.24 -33.65
CA ASN A 851 14.94 7.34 -34.44
C ASN A 851 13.52 7.70 -34.00
N ARG A 852 12.92 6.84 -33.18
CA ARG A 852 11.54 7.03 -32.74
C ARG A 852 11.46 7.62 -31.33
N ARG A 853 12.59 8.09 -30.80
CA ARG A 853 12.61 8.70 -29.48
C ARG A 853 12.56 10.23 -29.55
N LEU A 854 11.55 10.82 -28.94
CA LEU A 854 11.52 12.27 -28.74
C LEU A 854 12.51 12.66 -27.65
N ASP A 855 13.57 13.35 -28.03
CA ASP A 855 14.49 13.89 -27.04
C ASP A 855 13.93 15.21 -26.52
N LEU A 856 13.65 15.25 -25.22
CA LEU A 856 13.02 16.41 -24.60
C LEU A 856 13.99 17.23 -23.78
N ALA A 857 14.14 18.50 -24.16
CA ALA A 857 14.91 19.46 -23.38
C ALA A 857 13.94 20.37 -22.63
N LEU A 858 13.98 20.27 -21.31
CA LEU A 858 13.14 21.09 -20.43
C LEU A 858 13.97 22.26 -19.89
N GLU A 859 13.54 23.48 -20.23
CA GLU A 859 14.25 24.68 -19.80
C GLU A 859 13.44 25.42 -18.74
N SER A 860 14.08 25.63 -17.60
CA SER A 860 13.48 26.35 -16.48
C SER A 860 14.56 26.78 -15.51
N PRO A 861 14.33 27.89 -14.78
CA PRO A 861 15.34 28.40 -13.85
C PRO A 861 15.61 27.44 -12.69
N ALA A 862 16.87 27.30 -12.31
CA ALA A 862 17.25 26.38 -11.25
C ALA A 862 16.80 26.86 -9.88
N LYS A 863 16.36 28.12 -9.80
CA LYS A 863 15.85 28.67 -8.55
C LYS A 863 14.70 29.63 -8.77
N MET A 864 13.74 29.61 -7.86
CA MET A 864 12.56 30.46 -7.93
C MET A 864 12.02 30.76 -6.53
N ARG A 865 11.04 31.65 -6.47
CA ARG A 865 10.41 32.02 -5.20
C ARG A 865 9.01 31.41 -5.09
N PRO A 866 8.63 30.94 -3.89
CA PRO A 866 7.29 30.35 -3.70
C PRO A 866 6.15 31.29 -4.07
N ASN A 867 4.97 30.71 -4.31
CA ASN A 867 3.78 31.47 -4.69
C ASN A 867 4.01 32.34 -5.92
N GLN A 868 4.54 31.71 -6.97
CA GLN A 868 4.69 32.36 -8.27
C GLN A 868 4.82 31.27 -9.34
N PRO A 869 4.18 31.46 -10.50
CA PRO A 869 4.17 30.42 -11.54
C PRO A 869 5.55 29.96 -12.00
N LEU A 870 5.76 28.65 -11.98
CA LEU A 870 6.96 28.05 -12.56
C LEU A 870 6.77 27.89 -14.06
N THR A 871 7.60 28.59 -14.83
CA THR A 871 7.53 28.51 -16.29
C THR A 871 8.50 27.44 -16.79
N VAL A 872 7.94 26.43 -17.45
CA VAL A 872 8.74 25.36 -18.04
C VAL A 872 8.60 25.39 -19.55
N ARG A 873 9.73 25.46 -20.25
CA ARG A 873 9.73 25.50 -21.71
C ARG A 873 10.24 24.18 -22.28
N VAL A 874 9.44 23.58 -23.16
CA VAL A 874 9.78 22.30 -23.77
C VAL A 874 10.41 22.49 -25.14
N LYS A 875 11.50 21.77 -25.39
CA LYS A 875 12.11 21.74 -26.72
C LYS A 875 12.41 20.31 -27.15
N ALA A 876 11.71 19.86 -28.19
CA ALA A 876 11.85 18.50 -28.69
C ALA A 876 12.92 18.40 -29.77
N SER A 877 13.60 17.25 -29.83
CA SER A 877 14.50 16.95 -30.95
C SER A 877 14.44 15.46 -31.29
N VAL A 878 14.92 15.11 -32.48
CA VAL A 878 14.73 13.76 -33.04
C VAL A 878 16.02 13.20 -33.65
N LYS A 879 16.98 14.08 -33.95
CA LYS A 879 18.28 13.70 -34.52
C LYS A 879 18.18 13.41 -36.02
N HIS A 880 17.63 12.26 -36.38
CA HIS A 880 17.49 11.89 -37.79
C HIS A 880 16.10 12.23 -38.31
N GLY A 881 16.05 13.02 -39.37
CA GLY A 881 14.79 13.35 -40.03
C GLY A 881 14.20 14.67 -39.56
N GLU A 882 13.01 14.97 -40.06
CA GLU A 882 12.32 16.21 -39.71
C GLU A 882 11.64 16.10 -38.35
N MET A 883 11.06 17.21 -37.90
CA MET A 883 10.30 17.24 -36.67
C MET A 883 8.90 16.65 -36.91
N PRO A 884 8.53 15.58 -36.16
CA PRO A 884 7.19 15.03 -36.29
C PRO A 884 6.10 16.05 -36.01
N LYS A 885 4.88 15.78 -36.47
CA LYS A 885 3.78 16.71 -36.33
C LYS A 885 2.93 16.38 -35.11
N GLN A 886 2.42 17.42 -34.46
CA GLN A 886 1.50 17.27 -33.33
C GLN A 886 2.12 16.45 -32.19
N ILE A 887 3.21 16.96 -31.63
CA ILE A 887 3.83 16.33 -30.46
C ILE A 887 3.06 16.73 -29.20
N ASN A 888 2.44 15.74 -28.55
CA ASN A 888 1.73 15.97 -27.30
C ASN A 888 2.65 15.77 -26.10
N VAL A 889 2.79 16.82 -25.28
CA VAL A 889 3.66 16.78 -24.10
C VAL A 889 2.82 16.92 -22.83
N LEU A 890 3.18 16.14 -21.81
CA LEU A 890 2.44 16.12 -20.54
C LEU A 890 3.36 16.42 -19.37
N VAL A 891 3.41 17.69 -18.97
CA VAL A 891 4.36 18.15 -17.96
C VAL A 891 3.79 18.04 -16.54
N SER A 892 4.67 17.70 -15.60
CA SER A 892 4.29 17.58 -14.19
C SER A 892 5.42 18.08 -13.28
N ALA A 893 5.07 18.35 -12.03
CA ALA A 893 6.05 18.80 -11.03
C ALA A 893 5.73 18.19 -9.67
N VAL A 894 6.73 17.56 -9.07
CA VAL A 894 6.55 16.86 -7.80
C VAL A 894 7.74 17.09 -6.89
N ASP A 895 7.47 17.22 -5.59
CA ASP A 895 8.52 17.33 -4.58
C ASP A 895 9.40 16.08 -4.61
N SER A 896 10.70 16.29 -4.81
CA SER A 896 11.65 15.19 -4.99
C SER A 896 11.70 14.28 -3.76
N GLY A 897 11.39 14.84 -2.59
CA GLY A 897 11.38 14.08 -1.36
C GLY A 897 10.42 12.91 -1.45
N VAL A 898 9.19 13.21 -1.89
CA VAL A 898 8.15 12.19 -2.04
C VAL A 898 8.58 11.11 -3.02
N LEU A 899 9.34 11.51 -4.05
CA LEU A 899 9.78 10.57 -5.07
C LEU A 899 10.93 9.70 -4.57
N ASN A 900 11.84 10.31 -3.81
CA ASN A 900 13.00 9.58 -3.30
C ASN A 900 12.61 8.53 -2.26
N ILE A 901 11.42 8.66 -1.69
CA ILE A 901 10.91 7.66 -0.75
C ILE A 901 10.76 6.32 -1.43
N THR A 902 10.22 6.34 -2.65
CA THR A 902 9.93 5.11 -3.40
C THR A 902 10.97 4.85 -4.48
N ASP A 903 11.98 5.72 -4.56
CA ASP A 903 12.98 5.65 -5.63
C ASP A 903 12.27 5.69 -6.98
N TYR A 904 11.33 6.62 -7.10
CA TYR A 904 10.47 6.72 -8.28
C TYR A 904 11.24 7.25 -9.47
N ALA A 905 11.43 6.40 -10.48
CA ALA A 905 12.05 6.82 -11.72
C ALA A 905 11.01 7.48 -12.62
N THR A 906 11.39 8.59 -13.25
CA THR A 906 10.50 9.28 -14.18
C THR A 906 10.06 8.31 -15.27
N PRO A 907 8.74 8.10 -15.40
CA PRO A 907 8.29 7.09 -16.36
C PRO A 907 8.54 7.49 -17.81
N ASP A 908 9.00 6.54 -18.62
CA ASP A 908 9.34 6.77 -20.01
C ASP A 908 8.48 5.87 -20.90
N PRO A 909 7.74 6.45 -21.85
CA PRO A 909 6.93 5.57 -22.71
C PRO A 909 7.79 4.78 -23.70
N TRP A 910 8.93 5.34 -24.09
CA TRP A 910 9.81 4.69 -25.04
C TRP A 910 10.25 3.32 -24.53
N GLN A 911 10.78 3.29 -23.31
CA GLN A 911 11.24 2.04 -22.72
C GLN A 911 10.06 1.10 -22.47
N ALA A 912 8.86 1.67 -22.38
CA ALA A 912 7.66 0.89 -22.16
C ALA A 912 7.22 0.18 -23.44
N PHE A 913 7.21 0.91 -24.56
CA PHE A 913 6.74 0.36 -25.82
C PHE A 913 7.83 -0.35 -26.61
N PHE A 914 9.08 0.04 -26.43
CA PHE A 914 10.19 -0.49 -27.23
C PHE A 914 11.23 -1.23 -26.39
N GLY A 915 11.01 -1.32 -25.09
CA GLY A 915 11.95 -1.99 -24.20
C GLY A 915 12.04 -3.47 -24.49
N GLN A 916 13.04 -4.12 -23.88
CA GLN A 916 13.23 -5.56 -24.06
C GLN A 916 12.18 -6.35 -23.31
N LYS A 917 11.26 -6.96 -24.06
CA LYS A 917 10.23 -7.81 -23.47
C LYS A 917 10.81 -9.18 -23.13
N ARG A 918 10.18 -9.87 -22.19
CA ARG A 918 10.71 -11.13 -21.68
C ARG A 918 10.64 -12.25 -22.71
N TYR A 919 11.40 -13.32 -22.44
CA TYR A 919 11.36 -14.52 -23.26
C TYR A 919 10.10 -15.32 -22.94
N GLY A 920 9.12 -15.25 -23.82
CA GLY A 920 7.81 -15.84 -23.59
C GLY A 920 7.68 -17.25 -24.12
N ALA A 921 8.46 -18.17 -23.57
CA ALA A 921 8.42 -19.56 -23.97
C ALA A 921 9.13 -20.45 -22.94
N ASP A 922 8.60 -21.65 -22.75
CA ASP A 922 9.18 -22.61 -21.82
C ASP A 922 9.86 -23.75 -22.57
N ILE A 923 11.15 -23.96 -22.28
CA ILE A 923 11.92 -25.03 -22.89
C ILE A 923 11.89 -26.28 -22.01
N TYR A 924 11.37 -27.37 -22.56
CA TYR A 924 11.38 -28.66 -21.88
C TYR A 924 12.36 -29.59 -22.59
N ASP A 925 13.16 -30.30 -21.81
CA ASP A 925 14.26 -31.11 -22.34
C ASP A 925 14.27 -32.50 -21.73
N ILE A 926 15.01 -33.41 -22.35
CA ILE A 926 15.13 -34.78 -21.86
C ILE A 926 16.55 -35.03 -21.34
N TYR A 927 17.50 -34.22 -21.78
CA TYR A 927 18.88 -34.33 -21.33
C TYR A 927 18.99 -33.93 -19.86
N GLY A 928 20.23 -33.86 -19.36
CA GLY A 928 20.48 -33.53 -17.98
C GLY A 928 19.80 -32.26 -17.51
N GLN A 929 19.46 -32.21 -16.23
CA GLN A 929 18.82 -31.05 -15.62
C GLN A 929 19.76 -29.84 -15.68
N VAL A 930 19.18 -28.64 -15.69
CA VAL A 930 19.96 -27.42 -15.64
C VAL A 930 20.78 -27.39 -14.35
N ILE A 931 21.93 -26.72 -14.37
CA ILE A 931 22.80 -26.67 -13.21
C ILE A 931 22.06 -26.12 -11.99
N GLU A 932 21.57 -24.89 -12.09
CA GLU A 932 20.86 -24.19 -11.01
C GLU A 932 20.67 -22.73 -11.42
N GLY A 933 21.72 -22.16 -11.99
CA GLY A 933 21.68 -20.78 -12.46
C GLY A 933 22.22 -19.78 -11.45
N GLN A 934 22.43 -20.24 -10.22
CA GLN A 934 22.89 -19.40 -9.11
C GLN A 934 21.92 -18.25 -8.85
N GLY A 935 21.70 -17.40 -9.85
CA GLY A 935 20.73 -16.32 -9.75
C GLY A 935 21.14 -15.09 -10.52
N ARG A 936 20.14 -14.32 -10.96
CA ARG A 936 20.38 -13.11 -11.73
C ARG A 936 21.01 -12.03 -10.86
N LEU A 937 21.90 -11.25 -11.45
CA LEU A 937 22.58 -10.17 -10.71
C LEU A 937 21.61 -9.05 -10.36
N ALA A 938 21.99 -8.26 -9.36
CA ALA A 938 21.21 -7.09 -8.96
C ALA A 938 22.07 -5.84 -9.11
N ALA A 939 21.61 -4.73 -8.54
CA ALA A 939 22.34 -3.47 -8.61
C ALA A 939 22.67 -2.96 -7.21
N LEU A 940 23.53 -1.94 -7.15
CA LEU A 940 23.99 -1.40 -5.88
C LEU A 940 24.30 0.09 -6.00
N ARG A 941 23.62 0.90 -5.21
CA ARG A 941 23.91 2.33 -5.11
C ARG A 941 23.19 2.94 -3.92
N HIS A 959 -1.10 19.16 9.12
CA HIS A 959 0.05 18.51 8.51
C HIS A 959 0.37 19.11 7.15
N VAL A 960 1.64 19.05 6.75
CA VAL A 960 2.05 19.59 5.46
C VAL A 960 1.36 18.88 4.31
N ASN A 961 0.85 19.66 3.36
CA ASN A 961 0.22 19.11 2.16
C ASN A 961 1.19 19.13 0.99
N ILE A 962 1.38 17.97 0.37
CA ILE A 962 2.40 17.77 -0.66
C ILE A 962 2.14 18.62 -1.90
N ILE A 963 3.23 19.08 -2.52
CA ILE A 963 3.18 19.71 -3.83
C ILE A 963 3.33 18.64 -4.90
N ALA A 964 2.27 18.43 -5.67
CA ALA A 964 2.27 17.45 -6.75
C ALA A 964 1.26 17.85 -7.81
N GLN A 965 1.74 18.51 -8.85
CA GLN A 965 0.88 19.05 -9.90
C GLN A 965 1.04 18.29 -11.21
N GLN A 966 0.17 18.62 -12.16
CA GLN A 966 0.24 18.06 -13.51
C GLN A 966 -0.64 18.87 -14.45
N ALA A 967 -0.02 19.62 -15.34
CA ALA A 967 -0.73 20.47 -16.28
C ALA A 967 -1.45 19.63 -17.33
N GLN A 968 -2.28 20.29 -18.14
CA GLN A 968 -2.96 19.63 -19.24
C GLN A 968 -1.98 19.36 -20.37
N PRO A 969 -2.27 18.37 -21.22
CA PRO A 969 -1.35 18.08 -22.34
C PRO A 969 -1.35 19.18 -23.39
N ILE A 970 -0.16 19.73 -23.67
CA ILE A 970 -0.01 20.74 -24.72
C ILE A 970 0.40 20.10 -26.04
N THR A 971 0.39 20.90 -27.10
CA THR A 971 0.79 20.43 -28.42
C THR A 971 1.86 21.34 -29.00
N LEU A 972 3.05 20.80 -29.20
CA LEU A 972 4.18 21.59 -29.70
C LEU A 972 3.93 22.10 -31.11
N ASN A 973 4.61 23.19 -31.47
CA ASN A 973 4.44 23.82 -32.77
C ASN A 973 5.26 23.12 -33.85
N GLU A 974 5.47 23.80 -34.97
CA GLU A 974 6.25 23.26 -36.08
C GLU A 974 7.68 22.97 -35.67
N GLN A 975 8.26 23.88 -34.87
CA GLN A 975 9.64 23.74 -34.42
C GLN A 975 9.75 22.78 -33.24
N GLY A 976 8.63 22.20 -32.83
CA GLY A 976 8.61 21.29 -31.69
C GLY A 976 8.88 22.04 -30.40
N GLU A 977 8.25 23.20 -30.25
CA GLU A 977 8.42 24.06 -29.09
C GLU A 977 7.10 24.24 -28.36
N GLY A 978 7.17 24.48 -27.05
CA GLY A 978 5.99 24.65 -26.25
C GLY A 978 6.32 25.23 -24.88
N VAL A 979 5.30 25.74 -24.21
CA VAL A 979 5.47 26.34 -22.89
C VAL A 979 4.33 25.93 -21.97
N VAL A 980 4.64 25.66 -20.71
CA VAL A 980 3.64 25.34 -19.71
C VAL A 980 3.95 26.09 -18.41
N THR A 981 2.90 26.47 -17.70
CA THR A 981 3.04 27.17 -16.43
C THR A 981 2.50 26.29 -15.30
N LEU A 982 3.28 26.19 -14.23
CA LEU A 982 2.91 25.37 -13.08
C LEU A 982 2.88 26.22 -11.81
N PRO A 983 1.69 26.64 -11.37
CA PRO A 983 1.57 27.42 -10.14
C PRO A 983 2.13 26.70 -8.91
N ILE A 984 3.25 27.19 -8.40
CA ILE A 984 3.85 26.63 -7.19
C ILE A 984 3.29 27.32 -5.96
N GLY A 985 2.78 26.53 -5.01
CA GLY A 985 2.22 27.06 -3.78
C GLY A 985 3.30 27.52 -2.83
N ASP A 986 3.30 26.95 -1.62
CA ASP A 986 4.31 27.28 -0.63
C ASP A 986 5.59 26.49 -0.95
N PHE A 987 5.96 25.54 -0.08
CA PHE A 987 7.07 24.62 -0.32
C PHE A 987 8.45 25.30 -0.29
N ASN A 988 9.40 24.61 0.32
CA ASN A 988 10.78 25.05 0.39
C ASN A 988 11.71 23.85 0.23
N GLY A 989 12.16 23.61 -1.00
CA GLY A 989 12.97 22.45 -1.30
C GLY A 989 13.19 22.25 -2.78
N GLU A 990 13.29 20.99 -3.20
CA GLU A 990 13.63 20.63 -4.58
C GLU A 990 12.47 19.96 -5.31
N LEU A 991 12.00 20.60 -6.37
CA LEU A 991 10.98 20.02 -7.24
C LEU A 991 11.61 19.31 -8.43
N ARG A 992 11.16 18.09 -8.71
CA ARG A 992 11.55 17.39 -9.92
C ARG A 992 10.51 17.63 -11.01
N VAL A 993 10.85 18.48 -11.97
CA VAL A 993 10.00 18.71 -13.11
C VAL A 993 10.16 17.55 -14.08
N MET A 994 9.03 16.97 -14.50
CA MET A 994 9.02 15.81 -15.38
C MET A 994 8.08 16.05 -16.55
N ALA A 995 8.38 15.39 -17.67
CA ALA A 995 7.51 15.47 -18.84
C ALA A 995 7.58 14.21 -19.68
N GLN A 996 6.41 13.69 -20.06
CA GLN A 996 6.32 12.59 -21.01
C GLN A 996 5.72 13.12 -22.31
N ALA A 997 6.32 12.72 -23.44
CA ALA A 997 5.85 13.17 -24.74
C ALA A 997 5.56 11.99 -25.66
N TRP A 998 4.65 12.21 -26.60
CA TRP A 998 4.24 11.17 -27.53
C TRP A 998 3.64 11.74 -28.81
N THR A 999 3.85 11.05 -29.91
CA THR A 999 3.11 11.28 -31.14
C THR A 999 2.32 10.01 -31.42
N ALA A 1000 2.04 9.73 -32.69
CA ALA A 1000 1.38 8.49 -33.05
C ALA A 1000 2.37 7.33 -33.05
N ASP A 1001 3.62 7.61 -33.38
CA ASP A 1001 4.64 6.58 -33.54
C ASP A 1001 5.84 6.74 -32.61
N ASP A 1002 6.06 7.96 -32.12
CA ASP A 1002 7.25 8.27 -31.35
C ASP A 1002 6.93 8.65 -29.90
N PHE A 1003 7.92 8.51 -29.02
CA PHE A 1003 7.71 8.74 -27.57
C PHE A 1003 8.97 9.30 -26.90
N GLY A 1004 8.78 10.03 -25.80
CA GLY A 1004 9.90 10.64 -25.10
C GLY A 1004 9.68 10.96 -23.63
N ARG A 1005 10.78 11.23 -22.93
CA ARG A 1005 10.77 11.56 -21.50
C ARG A 1005 11.67 12.78 -21.25
N GLY A 1006 11.30 13.57 -20.25
CA GLY A 1006 12.07 14.74 -19.86
C GLY A 1006 12.10 14.95 -18.35
N GLU A 1007 13.30 15.23 -17.84
CA GLU A 1007 13.51 15.51 -16.42
C GLU A 1007 14.12 16.90 -16.22
N SER A 1008 13.83 17.50 -15.07
CA SER A 1008 14.46 18.75 -14.67
C SER A 1008 14.30 18.97 -13.17
N LYS A 1009 15.18 19.78 -12.60
CA LYS A 1009 15.19 20.02 -11.15
C LYS A 1009 15.17 21.51 -10.83
N VAL A 1010 14.18 21.92 -10.04
CA VAL A 1010 14.00 23.32 -9.67
C VAL A 1010 14.01 23.47 -8.15
N VAL A 1011 14.95 24.23 -7.64
CA VAL A 1011 15.05 24.49 -6.21
C VAL A 1011 14.13 25.63 -5.80
N VAL A 1012 13.04 25.30 -5.12
CA VAL A 1012 12.16 26.31 -4.56
C VAL A 1012 12.66 26.70 -3.19
N ALA A 1013 13.04 27.97 -3.04
CA ALA A 1013 13.58 28.47 -1.78
C ALA A 1013 13.00 29.84 -1.46
N ALA A 1014 12.65 30.04 -0.19
CA ALA A 1014 12.12 31.31 0.27
C ALA A 1014 13.20 32.11 0.98
N PRO A 1015 13.19 33.45 0.83
CA PRO A 1015 14.20 34.27 1.50
C PRO A 1015 14.07 34.21 3.02
N VAL A 1016 12.84 34.37 3.50
CA VAL A 1016 12.53 34.26 4.92
C VAL A 1016 11.42 33.24 5.11
N ILE A 1017 11.49 32.46 6.19
CA ILE A 1017 10.45 31.47 6.47
C ILE A 1017 9.73 31.81 7.78
N ALA A 1018 8.40 31.72 7.74
CA ALA A 1018 7.56 32.05 8.89
C ALA A 1018 6.60 30.91 9.19
N GLU A 1019 6.73 30.33 10.37
CA GLU A 1019 5.87 29.22 10.79
C GLU A 1019 5.11 29.55 12.07
N LEU A 1020 3.82 29.27 12.08
CA LEU A 1020 2.96 29.58 13.22
C LEU A 1020 2.43 28.32 13.89
N ASN A 1021 3.02 27.98 15.03
CA ASN A 1021 2.54 26.84 15.82
C ASN A 1021 1.35 27.24 16.69
N MET A 1022 0.30 26.44 16.57
CA MET A 1022 -0.96 26.67 17.25
C MET A 1022 -1.58 25.33 17.65
N PRO A 1023 -2.58 25.35 18.55
CA PRO A 1023 -3.21 24.06 18.89
C PRO A 1023 -4.04 23.51 17.73
N ARG A 1024 -4.41 22.24 17.82
CA ARG A 1024 -5.12 21.56 16.73
C ARG A 1024 -6.49 22.17 16.48
N PHE A 1025 -7.01 22.87 17.48
CA PHE A 1025 -8.28 23.57 17.37
C PHE A 1025 -8.41 24.58 18.50
N LEU A 1026 -9.54 25.28 18.54
CA LEU A 1026 -9.86 26.15 19.66
C LEU A 1026 -11.34 26.07 19.98
N ALA A 1027 -11.69 26.38 21.22
CA ALA A 1027 -13.09 26.45 21.63
C ALA A 1027 -13.45 27.91 21.90
N GLY A 1028 -14.70 28.26 21.61
CA GLY A 1028 -15.18 29.62 21.83
C GLY A 1028 -14.90 30.09 23.25
N GLY A 1029 -14.07 31.13 23.36
CA GLY A 1029 -13.72 31.69 24.65
C GLY A 1029 -12.31 31.33 25.09
N ASP A 1030 -11.74 30.31 24.47
CA ASP A 1030 -10.37 29.91 24.79
C ASP A 1030 -9.38 31.03 24.47
N VAL A 1031 -8.48 31.29 25.40
CA VAL A 1031 -7.36 32.18 25.16
C VAL A 1031 -6.12 31.31 24.99
N SER A 1032 -5.37 31.54 23.91
CA SER A 1032 -4.23 30.69 23.59
C SER A 1032 -3.03 31.48 23.08
N ARG A 1033 -1.84 31.03 23.47
CA ARG A 1033 -0.60 31.66 23.05
C ARG A 1033 -0.01 30.98 21.83
N LEU A 1034 -0.16 31.62 20.67
CA LEU A 1034 0.38 31.06 19.43
C LEU A 1034 1.85 31.41 19.30
N VAL A 1035 2.62 30.49 18.71
CA VAL A 1035 4.06 30.71 18.54
C VAL A 1035 4.41 30.93 17.08
N LEU A 1036 4.89 32.12 16.77
CA LEU A 1036 5.29 32.47 15.41
C LEU A 1036 6.81 32.52 15.29
N ASP A 1037 7.38 31.50 14.65
CA ASP A 1037 8.82 31.46 14.41
C ASP A 1037 9.15 32.06 13.05
N VAL A 1038 10.10 33.00 13.05
CA VAL A 1038 10.54 33.66 11.83
C VAL A 1038 12.05 33.48 11.66
N THR A 1039 12.45 32.99 10.49
CA THR A 1039 13.87 32.78 10.19
C THR A 1039 14.28 33.45 8.88
N ASN A 1040 15.42 34.14 8.94
CA ASN A 1040 16.00 34.83 7.79
C ASN A 1040 17.12 34.02 7.16
N LEU A 1041 16.89 33.55 5.94
CA LEU A 1041 17.82 32.66 5.25
C LEU A 1041 18.77 33.38 4.29
N THR A 1042 18.53 34.66 4.06
CA THR A 1042 19.37 35.44 3.15
C THR A 1042 20.78 35.61 3.72
N ASP A 1043 21.68 36.13 2.88
CA ASP A 1043 23.07 36.34 3.28
C ASP A 1043 23.26 37.66 4.01
N ARG A 1044 22.32 38.58 3.81
CA ARG A 1044 22.40 39.91 4.41
C ARG A 1044 21.54 40.01 5.67
N PRO A 1045 21.89 40.93 6.59
CA PRO A 1045 21.03 41.17 7.75
C PRO A 1045 19.74 41.86 7.32
N GLN A 1046 18.65 41.66 8.07
CA GLN A 1046 17.36 42.19 7.65
C GLN A 1046 16.55 42.82 8.79
N THR A 1047 15.90 43.93 8.47
CA THR A 1047 14.98 44.60 9.38
C THR A 1047 13.56 44.42 8.86
N LEU A 1048 12.84 43.45 9.41
CA LEU A 1048 11.53 43.07 8.89
C LEU A 1048 10.38 43.67 9.69
N ASN A 1049 9.31 44.04 8.98
CA ASN A 1049 8.08 44.52 9.60
C ASN A 1049 6.97 43.48 9.47
N ILE A 1050 6.73 42.76 10.56
CA ILE A 1050 5.72 41.70 10.59
C ILE A 1050 4.36 42.28 10.97
N ALA A 1051 3.34 41.96 10.17
CA ALA A 1051 1.98 42.44 10.39
C ALA A 1051 1.01 41.26 10.47
N LEU A 1052 0.35 41.13 11.61
CA LEU A 1052 -0.59 40.05 11.85
C LEU A 1052 -2.03 40.54 11.81
N ALA A 1053 -2.92 39.70 11.27
CA ALA A 1053 -4.34 40.02 11.21
C ALA A 1053 -5.19 38.79 11.42
N ALA A 1054 -6.10 38.85 12.39
CA ALA A 1054 -7.00 37.74 12.68
C ALA A 1054 -8.31 37.91 11.91
N SER A 1055 -8.80 36.81 11.35
CA SER A 1055 -10.06 36.80 10.61
C SER A 1055 -10.89 35.60 11.04
N GLY A 1056 -12.20 35.68 10.83
CA GLY A 1056 -13.10 34.61 11.18
C GLY A 1056 -13.39 34.56 12.66
N LEU A 1057 -13.76 33.38 13.15
CA LEU A 1057 -14.13 33.20 14.56
C LEU A 1057 -12.88 33.23 15.45
N LEU A 1058 -12.13 34.33 15.38
CA LEU A 1058 -10.88 34.43 16.12
C LEU A 1058 -10.38 35.88 16.13
N GLU A 1059 -9.82 36.30 17.26
CA GLU A 1059 -9.31 37.67 17.39
C GLU A 1059 -7.97 37.72 18.12
N LEU A 1060 -7.18 38.74 17.79
CA LEU A 1060 -5.91 39.00 18.47
C LEU A 1060 -6.17 39.73 19.78
N LEU A 1061 -5.24 39.59 20.72
CA LEU A 1061 -5.37 40.22 22.04
C LEU A 1061 -4.22 41.20 22.30
N SER A 1062 -3.11 41.02 21.59
CA SER A 1062 -1.93 41.86 21.77
C SER A 1062 -1.76 42.86 20.63
N GLN A 1063 -0.89 43.84 20.85
CA GLN A 1063 -0.61 44.85 19.84
C GLN A 1063 0.32 44.28 18.76
N GLN A 1064 0.49 45.01 17.68
CA GLN A 1064 1.34 44.57 16.58
C GLN A 1064 2.80 44.47 17.01
N PRO A 1065 3.57 43.56 16.38
CA PRO A 1065 4.97 43.40 16.79
C PRO A 1065 5.86 44.54 16.30
N GLN A 1066 6.91 44.83 17.07
CA GLN A 1066 7.90 45.82 16.67
C GLN A 1066 8.71 45.29 15.48
N PRO A 1067 9.35 46.19 14.73
CA PRO A 1067 10.23 45.74 13.64
C PRO A 1067 11.36 44.86 14.17
N VAL A 1068 11.68 43.79 13.46
CA VAL A 1068 12.65 42.80 13.93
C VAL A 1068 13.95 42.85 13.12
N ASN A 1069 15.07 42.90 13.83
CA ASN A 1069 16.39 42.85 13.20
C ASN A 1069 16.99 41.44 13.28
N LEU A 1070 16.97 40.74 12.14
CA LEU A 1070 17.51 39.38 12.07
C LEU A 1070 18.80 39.31 11.27
N ALA A 1071 19.83 38.72 11.86
CA ALA A 1071 21.08 38.48 11.17
C ALA A 1071 20.92 37.25 10.27
N PRO A 1072 21.81 37.08 9.28
CA PRO A 1072 21.72 35.95 8.35
C PRO A 1072 21.65 34.59 9.04
N GLY A 1073 20.53 33.88 8.85
CA GLY A 1073 20.36 32.54 9.37
C GLY A 1073 19.69 32.49 10.74
N VAL A 1074 19.55 33.64 11.38
CA VAL A 1074 19.01 33.71 12.72
C VAL A 1074 17.48 33.53 12.73
N ARG A 1075 16.99 32.90 13.80
CA ARG A 1075 15.56 32.71 14.00
C ARG A 1075 15.09 33.51 15.22
N THR A 1076 13.88 34.05 15.14
CA THR A 1076 13.26 34.73 16.27
C THR A 1076 11.87 34.16 16.51
N THR A 1077 11.40 34.30 17.75
CA THR A 1077 10.09 33.78 18.14
C THR A 1077 9.20 34.91 18.66
N LEU A 1078 8.03 35.05 18.02
CA LEU A 1078 7.02 36.01 18.47
C LEU A 1078 5.84 35.27 19.08
N PHE A 1079 5.30 35.82 20.16
CA PHE A 1079 4.12 35.26 20.80
C PHE A 1079 2.88 36.02 20.35
N VAL A 1080 1.86 35.26 19.94
CA VAL A 1080 0.60 35.84 19.49
C VAL A 1080 -0.55 35.29 20.35
N PRO A 1081 -0.89 36.02 21.43
CA PRO A 1081 -2.07 35.64 22.23
C PRO A 1081 -3.36 35.91 21.47
N VAL A 1082 -4.17 34.86 21.28
CA VAL A 1082 -5.43 34.98 20.56
C VAL A 1082 -6.59 34.48 21.40
N ARG A 1083 -7.79 34.90 21.03
CA ARG A 1083 -9.02 34.37 21.62
C ARG A 1083 -10.00 33.97 20.53
N ALA A 1084 -10.73 32.88 20.78
CA ALA A 1084 -11.72 32.39 19.82
C ALA A 1084 -13.08 33.03 20.11
N LEU A 1085 -13.95 33.00 19.10
CA LEU A 1085 -15.28 33.57 19.20
C LEU A 1085 -16.32 32.47 19.15
N GLU A 1086 -17.42 32.65 19.90
CA GLU A 1086 -18.47 31.65 19.92
C GLU A 1086 -19.07 31.47 18.53
N GLY A 1087 -19.20 30.21 18.12
CA GLY A 1087 -19.69 29.89 16.79
C GLY A 1087 -19.01 28.63 16.28
N PHE A 1088 -19.62 28.02 15.28
CA PHE A 1088 -19.07 26.81 14.66
C PHE A 1088 -18.47 27.15 13.31
N GLY A 1089 -17.14 27.13 13.22
CA GLY A 1089 -16.47 27.47 11.98
C GLY A 1089 -14.96 27.37 12.08
N GLU A 1090 -14.27 28.23 11.34
CA GLU A 1090 -12.81 28.24 11.34
C GLU A 1090 -12.28 29.67 11.42
N GLY A 1091 -11.17 29.83 12.13
CA GLY A 1091 -10.51 31.12 12.27
C GLY A 1091 -9.23 31.14 11.44
N GLU A 1092 -8.91 32.30 10.88
CA GLU A 1092 -7.74 32.44 10.00
C GLU A 1092 -6.77 33.50 10.53
N ILE A 1093 -5.50 33.10 10.65
CA ILE A 1093 -4.43 34.04 10.98
C ILE A 1093 -3.72 34.43 9.69
N GLN A 1094 -3.58 35.74 9.48
CA GLN A 1094 -2.91 36.27 8.29
C GLN A 1094 -1.67 37.06 8.67
N ALA A 1095 -0.54 36.70 8.07
CA ALA A 1095 0.74 37.33 8.35
C ALA A 1095 1.33 37.97 7.10
N THR A 1096 1.86 39.19 7.27
CA THR A 1096 2.50 39.93 6.18
C THR A 1096 3.85 40.47 6.62
N ILE A 1097 4.91 40.07 5.93
CA ILE A 1097 6.27 40.52 6.25
C ILE A 1097 6.75 41.55 5.23
N SER A 1098 7.00 42.78 5.71
CA SER A 1098 7.42 43.87 4.85
C SER A 1098 8.90 44.23 5.05
N GLY A 1099 9.50 44.78 4.00
CA GLY A 1099 10.89 45.17 4.01
C GLY A 1099 11.74 44.29 3.09
N LEU A 1100 12.46 43.37 3.70
CA LEU A 1100 13.19 42.31 3.00
C LEU A 1100 14.52 42.78 2.38
N ASN A 1101 14.45 43.71 1.43
CA ASN A 1101 15.64 44.22 0.73
C ASN A 1101 16.47 43.14 0.02
N LEU A 1102 16.46 43.17 -1.31
CA LEU A 1102 17.20 42.19 -2.10
C LEU A 1102 17.74 42.81 -3.39
N PRO A 1103 19.07 43.01 -3.48
CA PRO A 1103 19.65 43.48 -4.74
C PRO A 1103 19.44 42.48 -5.88
N GLY A 1104 18.82 42.94 -6.97
CA GLY A 1104 18.59 42.10 -8.13
C GLY A 1104 17.14 41.68 -8.27
N GLU A 1105 16.40 41.73 -7.16
CA GLU A 1105 14.99 41.35 -7.14
C GLU A 1105 14.13 42.46 -6.54
N THR A 1106 12.95 42.68 -7.11
CA THR A 1106 12.01 43.62 -6.53
C THR A 1106 11.24 42.93 -5.41
N LEU A 1107 10.64 41.78 -5.72
CA LEU A 1107 10.00 40.90 -4.74
C LEU A 1107 8.90 41.56 -3.89
N ASP A 1108 7.65 41.18 -4.16
CA ASP A 1108 6.53 41.64 -3.36
C ASP A 1108 6.59 41.04 -1.95
N ALA A 1109 6.09 41.77 -0.97
CA ALA A 1109 6.15 41.36 0.43
C ALA A 1109 5.62 39.94 0.65
N GLN A 1110 6.17 39.26 1.64
CA GLN A 1110 5.79 37.89 1.95
C GLN A 1110 4.44 37.83 2.67
N HIS A 1111 3.55 36.98 2.16
CA HIS A 1111 2.25 36.73 2.79
C HIS A 1111 2.14 35.28 3.24
N LYS A 1112 1.52 35.06 4.39
CA LYS A 1112 1.22 33.71 4.86
C LYS A 1112 -0.13 33.68 5.56
N GLN A 1113 -0.75 32.50 5.55
CA GLN A 1113 -2.09 32.34 6.12
C GLN A 1113 -2.28 30.96 6.76
N TRP A 1114 -2.74 30.96 8.00
CA TRP A 1114 -3.06 29.72 8.71
C TRP A 1114 -4.55 29.69 9.06
N GLN A 1115 -5.14 28.50 9.04
CA GLN A 1115 -6.51 28.30 9.48
C GLN A 1115 -6.55 27.41 10.71
N ILE A 1116 -7.58 27.57 11.53
CA ILE A 1116 -7.77 26.71 12.70
C ILE A 1116 -9.26 26.46 12.95
N GLY A 1117 -9.58 25.24 13.36
CA GLY A 1117 -10.96 24.87 13.63
C GLY A 1117 -11.47 25.43 14.94
N VAL A 1118 -12.67 25.98 14.91
CA VAL A 1118 -13.29 26.61 16.09
C VAL A 1118 -14.70 26.08 16.31
N ARG A 1119 -14.90 25.36 17.40
CA ARG A 1119 -16.21 24.81 17.77
C ARG A 1119 -16.61 25.29 19.17
N PRO A 1120 -17.92 25.48 19.41
CA PRO A 1120 -18.35 25.81 20.77
C PRO A 1120 -18.05 24.67 21.74
N ALA A 1121 -17.56 25.02 22.94
CA ALA A 1121 -17.15 24.03 23.93
C ALA A 1121 -18.35 23.21 24.41
N TRP A 1122 -19.53 23.82 24.42
CA TRP A 1122 -20.74 23.15 24.90
C TRP A 1122 -21.56 22.61 23.73
N PRO A 1123 -22.13 21.40 23.86
CA PRO A 1123 -22.97 20.86 22.78
C PRO A 1123 -24.12 21.78 22.42
N ALA A 1124 -24.53 21.76 21.15
CA ALA A 1124 -25.63 22.58 20.68
C ALA A 1124 -26.94 22.16 21.35
N GLN A 1125 -27.75 23.15 21.71
CA GLN A 1125 -29.07 22.90 22.30
C GLN A 1125 -30.17 23.18 21.27
N THR A 1126 -31.09 22.24 21.13
CA THR A 1126 -32.22 22.37 20.24
C THR A 1126 -33.52 22.39 21.04
N VAL A 1127 -34.52 23.12 20.55
CA VAL A 1127 -35.82 23.18 21.21
C VAL A 1127 -36.94 23.20 20.19
N ASN A 1128 -37.88 22.26 20.32
CA ASN A 1128 -38.95 22.10 19.34
C ASN A 1128 -40.32 22.34 19.95
N SER A 1129 -41.12 23.17 19.27
CA SER A 1129 -42.49 23.44 19.67
C SER A 1129 -43.41 23.29 18.46
N GLY A 1130 -44.70 23.15 18.70
CA GLY A 1130 -45.66 23.02 17.62
C GLY A 1130 -47.08 23.14 18.12
N ILE A 1131 -47.99 23.50 17.23
CA ILE A 1131 -49.39 23.64 17.59
C ILE A 1131 -50.29 23.73 16.37
N ALA A 1132 -51.56 23.37 16.56
CA ALA A 1132 -52.60 23.58 15.57
C ALA A 1132 -53.40 24.82 15.96
N LEU A 1133 -53.60 25.72 15.02
CA LEU A 1133 -54.31 26.96 15.28
C LEU A 1133 -55.63 27.01 14.52
N ALA A 1134 -56.73 27.13 15.26
CA ALA A 1134 -58.04 27.30 14.66
C ALA A 1134 -58.12 28.71 14.07
N PRO A 1135 -58.98 28.91 13.05
CA PRO A 1135 -59.14 30.24 12.46
C PRO A 1135 -59.36 31.33 13.50
N GLY A 1136 -58.50 32.35 13.48
CA GLY A 1136 -58.61 33.46 14.41
C GLY A 1136 -57.64 33.35 15.58
N GLU A 1137 -57.17 32.14 15.87
CA GLU A 1137 -56.26 31.93 16.99
C GLU A 1137 -54.90 32.56 16.72
N SER A 1138 -54.20 32.89 17.80
CA SER A 1138 -52.87 33.47 17.72
C SER A 1138 -51.88 32.60 18.46
N TRP A 1139 -50.60 32.85 18.23
CA TRP A 1139 -49.55 32.07 18.87
C TRP A 1139 -48.26 32.88 18.98
N HIS A 1140 -47.66 32.88 20.17
CA HIS A 1140 -46.42 33.59 20.41
C HIS A 1140 -45.32 32.57 20.71
N VAL A 1141 -44.07 32.98 20.56
CA VAL A 1141 -42.96 32.08 20.79
C VAL A 1141 -42.85 31.72 22.27
N PRO A 1142 -42.85 30.41 22.60
CA PRO A 1142 -42.60 30.00 23.99
C PRO A 1142 -41.26 30.50 24.51
N GLU A 1143 -41.23 30.98 25.74
CA GLU A 1143 -39.99 31.52 26.32
C GLU A 1143 -38.91 30.44 26.44
N GLN A 1144 -39.32 29.18 26.30
CA GLN A 1144 -38.40 28.05 26.34
C GLN A 1144 -37.34 28.13 25.23
N HIS A 1145 -37.73 28.71 24.10
CA HIS A 1145 -36.85 28.80 22.94
C HIS A 1145 -35.71 29.81 23.14
N LEU A 1146 -35.86 30.68 24.13
CA LEU A 1146 -34.95 31.81 24.31
C LEU A 1146 -34.07 31.64 25.56
N ALA A 1147 -34.66 31.07 26.61
CA ALA A 1147 -34.03 31.02 27.92
C ALA A 1147 -32.64 30.39 27.90
N ASN A 1148 -31.69 31.05 28.57
CA ASN A 1148 -30.35 30.54 28.79
C ASN A 1148 -29.53 30.26 27.52
N ILE A 1149 -30.09 30.62 26.36
CA ILE A 1149 -29.35 30.50 25.10
C ILE A 1149 -28.85 31.88 24.68
N SER A 1150 -27.62 31.92 24.17
CA SER A 1150 -27.00 33.17 23.75
C SER A 1150 -27.48 33.54 22.34
N PRO A 1151 -27.90 34.80 22.15
CA PRO A 1151 -28.26 35.26 20.79
C PRO A 1151 -27.09 35.17 19.81
N ALA A 1152 -27.34 35.46 18.54
CA ALA A 1152 -26.33 35.41 17.48
C ALA A 1152 -25.92 33.98 17.12
N THR A 1153 -26.05 33.05 18.07
CA THR A 1153 -25.88 31.63 17.81
C THR A 1153 -27.24 30.95 17.69
N LEU A 1154 -28.29 31.73 17.91
CA LEU A 1154 -29.66 31.21 17.95
C LEU A 1154 -30.33 31.23 16.57
N GLN A 1155 -30.42 30.05 15.96
CA GLN A 1155 -31.14 29.90 14.70
C GLN A 1155 -32.57 29.47 14.96
N GLY A 1156 -33.35 29.27 13.90
CA GLY A 1156 -34.71 28.80 14.02
C GLY A 1156 -35.38 28.59 12.68
N GLN A 1157 -36.20 27.56 12.59
CA GLN A 1157 -37.00 27.28 11.40
C GLN A 1157 -38.48 27.20 11.76
N LEU A 1158 -39.29 28.01 11.07
CA LEU A 1158 -40.74 28.01 11.22
C LEU A 1158 -41.40 27.31 10.04
N LEU A 1159 -42.12 26.23 10.34
CA LEU A 1159 -42.88 25.49 9.33
C LEU A 1159 -44.37 25.74 9.48
N LEU A 1160 -44.99 26.20 8.39
CA LEU A 1160 -46.42 26.45 8.33
C LEU A 1160 -47.05 25.54 7.29
N SER A 1161 -48.10 24.81 7.69
CA SER A 1161 -48.77 23.88 6.79
C SER A 1161 -50.29 23.86 6.97
N GLY A 1162 -50.99 23.55 5.89
CA GLY A 1162 -52.45 23.41 5.92
C GLY A 1162 -52.88 21.98 6.17
N LYS A 1163 -51.93 21.11 6.47
CA LYS A 1163 -52.20 19.71 6.78
C LYS A 1163 -51.18 19.20 7.79
N PRO A 1164 -51.49 18.09 8.48
CA PRO A 1164 -50.55 17.47 9.42
C PRO A 1164 -49.14 17.32 8.83
N PRO A 1165 -48.19 18.14 9.30
CA PRO A 1165 -46.89 18.27 8.62
C PRO A 1165 -45.82 17.29 9.09
N LEU A 1166 -44.68 17.33 8.40
CA LEU A 1166 -43.48 16.59 8.77
C LEU A 1166 -42.26 17.47 8.56
N ASN A 1167 -41.45 17.65 9.60
CA ASN A 1167 -40.30 18.53 9.53
C ASN A 1167 -39.18 17.96 8.66
N LEU A 1168 -39.37 18.04 7.35
CA LEU A 1168 -38.38 17.56 6.38
C LEU A 1168 -37.00 18.18 6.62
N ALA A 1169 -36.98 19.50 6.71
CA ALA A 1169 -35.73 20.25 6.90
C ALA A 1169 -35.06 19.86 8.21
N ARG A 1170 -35.85 19.49 9.21
CA ARG A 1170 -35.30 19.09 10.51
C ARG A 1170 -34.59 17.76 10.37
N TYR A 1171 -35.24 16.82 9.69
CA TYR A 1171 -34.67 15.50 9.46
C TYR A 1171 -33.36 15.66 8.68
N ILE A 1172 -33.43 16.40 7.57
CA ILE A 1172 -32.24 16.66 6.77
C ILE A 1172 -31.15 17.29 7.64
N ARG A 1173 -31.45 18.40 8.30
CA ARG A 1173 -30.46 19.12 9.10
C ARG A 1173 -29.92 18.28 10.25
N GLU A 1174 -30.73 17.38 10.79
CA GLU A 1174 -30.27 16.51 11.87
C GLU A 1174 -29.51 15.31 11.32
N LEU A 1175 -29.71 15.00 10.04
CA LEU A 1175 -28.86 14.00 9.37
C LEU A 1175 -27.51 14.55 8.90
N LYS A 1176 -27.12 15.72 9.41
CA LYS A 1176 -25.84 16.33 9.06
C LYS A 1176 -24.94 16.48 10.29
N ALA A 1177 -24.64 15.35 10.94
CA ALA A 1177 -23.92 15.36 12.20
C ALA A 1177 -22.42 15.08 12.03
N TYR A 1178 -21.72 15.06 13.16
CA TYR A 1178 -20.27 14.82 13.19
C TYR A 1178 -19.93 13.44 12.62
N PRO A 1179 -18.79 13.31 11.93
CA PRO A 1179 -18.41 12.06 11.27
C PRO A 1179 -18.45 10.80 12.15
N TYR A 1180 -17.45 10.61 13.01
CA TYR A 1180 -17.28 9.40 13.82
C TYR A 1180 -16.97 8.13 13.00
N GLY A 1181 -17.47 8.06 11.76
CA GLY A 1181 -17.07 7.01 10.84
C GLY A 1181 -17.93 5.77 10.90
N CYS A 1182 -19.02 5.83 11.64
CA CYS A 1182 -19.95 4.71 11.73
C CYS A 1182 -20.67 4.48 10.41
N LEU A 1183 -20.84 3.21 10.04
CA LEU A 1183 -21.52 2.86 8.79
C LEU A 1183 -22.91 3.47 8.72
N GLU A 1184 -23.80 2.96 9.56
CA GLU A 1184 -25.20 3.38 9.58
C GLU A 1184 -25.36 4.89 9.61
N MEQ A 1185 -24.52 5.56 10.40
CA MEQ A 1185 -24.51 6.99 10.46
CB MEQ A 1185 -23.50 7.56 11.47
CG MEQ A 1185 -24.11 7.66 12.86
CD MEQ A 1185 -23.46 8.77 13.68
OE1 MEQ A 1185 -22.79 8.48 14.69
NE2 MEQ A 1185 -23.66 10.09 13.32
CE MEQ A 1185 -24.39 10.58 12.19
C MEQ A 1185 -24.20 7.62 9.11
O MEQ A 1185 -24.78 8.62 8.66
H MEQ A 1185 -23.86 5.15 11.02
HA MEQ A 1185 -25.55 7.34 10.74
HB2 MEQ A 1185 -23.15 8.57 11.14
HB3 MEQ A 1185 -22.61 6.89 11.50
HG2 MEQ A 1185 -23.99 6.68 13.39
HG3 MEQ A 1185 -25.21 7.87 12.77
HE21 MEQ A 1185 -23.22 10.78 13.88
HE1 MEQ A 1185 -23.69 10.98 11.41
HE2 MEQ A 1185 -25.07 11.41 12.52
HE3 MEQ A 1185 -25.02 9.76 11.74
N THR A 1186 -23.26 6.99 8.40
CA THR A 1186 -22.80 7.49 7.11
C THR A 1186 -23.86 7.25 6.06
N THR A 1187 -24.48 6.08 6.12
CA THR A 1187 -25.50 5.68 5.15
C THR A 1187 -26.73 6.57 5.29
N SER A 1188 -27.27 6.65 6.49
CA SER A 1188 -28.46 7.44 6.76
C SER A 1188 -28.29 8.89 6.32
N GLY A 1189 -27.07 9.39 6.45
CA GLY A 1189 -26.77 10.77 6.08
C GLY A 1189 -26.75 10.99 4.58
N LEU A 1190 -26.68 9.91 3.81
CA LEU A 1190 -26.54 10.01 2.36
C LEU A 1190 -27.86 9.92 1.62
N PHE A 1191 -28.90 9.45 2.29
CA PHE A 1191 -30.23 9.32 1.68
C PHE A 1191 -30.81 10.66 1.23
N PRO A 1192 -30.72 11.69 2.09
CA PRO A 1192 -31.25 12.99 1.66
C PRO A 1192 -30.52 13.56 0.44
N ALA A 1193 -29.19 13.54 0.49
CA ALA A 1193 -28.38 14.03 -0.62
C ALA A 1193 -28.65 13.26 -1.91
N LEU A 1194 -29.20 12.06 -1.77
CA LEU A 1194 -29.46 11.19 -2.91
C LEU A 1194 -30.75 11.56 -3.64
N TYR A 1195 -31.66 12.25 -2.96
CA TYR A 1195 -32.99 12.52 -3.49
C TYR A 1195 -33.39 14.00 -3.48
N THR A 1196 -32.46 14.89 -3.17
CA THR A 1196 -32.77 16.32 -3.09
C THR A 1196 -31.69 17.18 -3.73
N ASN A 1197 -32.08 17.95 -4.74
CA ASN A 1197 -31.18 18.91 -5.37
C ASN A 1197 -31.28 20.27 -4.68
N ALA A 1198 -30.37 21.18 -5.00
CA ALA A 1198 -30.32 22.49 -4.36
C ALA A 1198 -31.62 23.26 -4.53
N ALA A 1199 -32.31 23.01 -5.65
CA ALA A 1199 -33.60 23.64 -5.92
C ALA A 1199 -34.62 23.27 -4.85
N GLN A 1200 -34.63 22.00 -4.48
CA GLN A 1200 -35.55 21.50 -3.46
C GLN A 1200 -35.04 21.86 -2.06
N LEU A 1201 -33.73 21.90 -1.91
CA LEU A 1201 -33.12 22.23 -0.62
C LEU A 1201 -33.40 23.68 -0.23
N GLN A 1202 -33.23 24.59 -1.18
CA GLN A 1202 -33.42 26.01 -0.90
C GLN A 1202 -34.87 26.34 -0.53
N SER A 1203 -35.80 25.57 -1.08
CA SER A 1203 -37.21 25.75 -0.77
C SER A 1203 -37.49 25.45 0.70
N LEU A 1204 -36.60 24.70 1.33
CA LEU A 1204 -36.74 24.32 2.74
C LEU A 1204 -35.87 25.21 3.63
N GLY A 1205 -35.14 26.15 3.02
CA GLY A 1205 -34.27 27.03 3.76
C GLY A 1205 -32.88 26.45 3.94
N ILE A 1206 -32.47 25.62 2.99
CA ILE A 1206 -31.16 24.96 3.02
C ILE A 1206 -30.37 25.33 1.77
N THR A 1207 -29.17 25.87 1.97
CA THR A 1207 -28.32 26.28 0.86
C THR A 1207 -26.90 25.76 1.04
N GLY A 1208 -26.22 25.55 -0.09
CA GLY A 1208 -24.89 24.99 -0.10
C GLY A 1208 -24.81 23.82 -1.06
N ASP A 1209 -23.60 23.50 -1.50
CA ASP A 1209 -23.35 22.40 -2.44
C ASP A 1209 -24.04 22.62 -3.79
N SER A 1210 -23.24 22.91 -4.81
CA SER A 1210 -23.75 23.19 -6.14
C SER A 1210 -24.01 21.91 -6.94
N ASP A 1211 -24.77 20.99 -6.34
CA ASP A 1211 -25.13 19.73 -6.99
C ASP A 1211 -23.93 18.86 -7.35
N GLU A 1212 -22.97 19.41 -8.09
CA GLU A 1212 -21.75 18.69 -8.41
C GLU A 1212 -21.00 18.34 -7.14
N LYS A 1213 -20.92 19.31 -6.22
CA LYS A 1213 -20.37 19.06 -4.89
C LYS A 1213 -21.16 17.96 -4.20
N ARG A 1214 -22.49 18.02 -4.34
CA ARG A 1214 -23.37 17.03 -3.73
C ARG A 1214 -23.04 15.65 -4.29
N ARG A 1215 -23.06 15.52 -5.61
CA ARG A 1215 -22.75 14.25 -6.25
C ARG A 1215 -21.37 13.74 -5.84
N ALA A 1216 -20.41 14.65 -5.76
CA ALA A 1216 -19.08 14.30 -5.26
C ALA A 1216 -19.17 13.80 -3.81
N ALA A 1217 -20.00 14.44 -3.01
CA ALA A 1217 -20.19 14.00 -1.62
C ALA A 1217 -20.82 12.60 -1.59
N VAL A 1218 -21.76 12.35 -2.49
CA VAL A 1218 -22.36 11.03 -2.62
C VAL A 1218 -21.27 10.01 -2.94
N ASP A 1219 -20.42 10.34 -3.93
CA ASP A 1219 -19.29 9.48 -4.27
C ASP A 1219 -18.43 9.19 -3.05
N ILE A 1220 -18.04 10.24 -2.33
CA ILE A 1220 -17.24 10.08 -1.12
C ILE A 1220 -17.94 9.14 -0.13
N GLY A 1221 -19.24 9.34 0.04
CA GLY A 1221 -20.03 8.45 0.88
C GLY A 1221 -19.94 7.01 0.44
N ILE A 1222 -20.16 6.79 -0.85
CA ILE A 1222 -20.09 5.44 -1.43
C ILE A 1222 -18.74 4.80 -1.15
N SER A 1223 -17.66 5.55 -1.37
CA SER A 1223 -16.33 5.06 -1.02
C SER A 1223 -16.29 4.67 0.45
N ARG A 1224 -16.70 5.60 1.32
CA ARG A 1224 -16.69 5.35 2.75
C ARG A 1224 -17.52 4.12 3.14
N ILE A 1225 -18.58 3.84 2.39
CA ILE A 1225 -19.35 2.63 2.59
C ILE A 1225 -18.55 1.41 2.15
N LEU A 1226 -18.00 1.46 0.94
CA LEU A 1226 -17.25 0.33 0.40
C LEU A 1226 -16.02 0.00 1.24
N GLN A 1227 -15.46 1.00 1.91
CA GLN A 1227 -14.31 0.79 2.77
C GLN A 1227 -14.61 -0.01 4.04
N MET A 1228 -15.86 -0.48 4.18
CA MET A 1228 -16.26 -1.24 5.35
C MET A 1228 -16.98 -2.55 4.98
N GLN A 1229 -17.06 -2.84 3.69
CA GLN A 1229 -17.59 -4.12 3.25
C GLN A 1229 -16.57 -5.22 3.55
N ARG A 1230 -17.02 -6.28 4.22
CA ARG A 1230 -16.14 -7.38 4.56
C ARG A 1230 -15.77 -8.19 3.32
N ASP A 1231 -14.83 -9.11 3.49
CA ASP A 1231 -14.36 -9.94 2.39
C ASP A 1231 -15.46 -10.90 1.91
N ASN A 1232 -16.40 -11.21 2.79
CA ASN A 1232 -17.47 -12.15 2.47
C ASN A 1232 -18.75 -11.48 1.96
N GLY A 1233 -18.67 -10.18 1.69
CA GLY A 1233 -19.79 -9.45 1.11
C GLY A 1233 -20.60 -8.69 2.13
N GLY A 1234 -20.60 -9.15 3.37
CA GLY A 1234 -21.31 -8.48 4.44
C GLY A 1234 -20.61 -7.19 4.87
N PHE A 1235 -21.32 -6.34 5.59
CA PHE A 1235 -20.76 -5.08 6.08
C PHE A 1235 -20.56 -5.13 7.59
N ALA A 1236 -19.75 -4.19 8.10
CA ALA A 1236 -19.51 -4.05 9.53
C ALA A 1236 -19.81 -2.63 9.98
N LEU A 1237 -20.02 -2.46 11.28
CA LEU A 1237 -20.44 -1.17 11.83
C LEU A 1237 -19.35 -0.12 11.77
N TRP A 1238 -18.15 -0.47 12.24
CA TRP A 1238 -17.07 0.52 12.41
C TRP A 1238 -15.92 0.33 11.42
N ASP A 1239 -15.37 -0.88 11.33
CA ASP A 1239 -14.26 -1.15 10.42
C ASP A 1239 -14.39 -2.50 9.74
N GLU A 1240 -13.64 -2.68 8.66
CA GLU A 1240 -13.73 -3.86 7.80
C GLU A 1240 -13.47 -5.16 8.55
N ASN A 1241 -12.70 -5.09 9.63
CA ASN A 1241 -12.35 -6.29 10.41
C ASN A 1241 -13.26 -6.47 11.62
N GLY A 1242 -14.29 -5.65 11.74
CA GLY A 1242 -15.21 -5.74 12.86
C GLY A 1242 -16.23 -6.85 12.67
N ALA A 1243 -17.01 -7.12 13.71
CA ALA A 1243 -18.04 -8.14 13.64
C ALA A 1243 -19.05 -7.81 12.55
N GLU A 1244 -19.73 -8.82 12.04
CA GLU A 1244 -20.66 -8.65 10.93
C GLU A 1244 -22.08 -8.41 11.43
N GLU A 1245 -22.78 -7.50 10.75
CA GLU A 1245 -24.16 -7.16 11.10
C GLU A 1245 -25.06 -7.22 9.87
N PRO A 1246 -25.86 -8.30 9.73
CA PRO A 1246 -26.73 -8.50 8.55
C PRO A 1246 -27.68 -7.34 8.23
N TRP A 1247 -28.35 -6.81 9.25
CA TRP A 1247 -29.31 -5.73 9.03
C TRP A 1247 -28.63 -4.53 8.37
N LEU A 1248 -27.43 -4.20 8.85
CA LEU A 1248 -26.65 -3.12 8.26
C LEU A 1248 -26.24 -3.46 6.83
N THR A 1249 -25.91 -4.72 6.58
CA THR A 1249 -25.59 -5.17 5.23
C THR A 1249 -26.78 -4.87 4.32
N ALA A 1250 -27.97 -5.29 4.76
CA ALA A 1250 -29.19 -5.02 4.01
C ALA A 1250 -29.38 -3.51 3.79
N TYR A 1251 -29.17 -2.74 4.85
CA TYR A 1251 -29.30 -1.28 4.77
C TYR A 1251 -28.37 -0.67 3.71
N ALA A 1252 -27.07 -0.88 3.90
CA ALA A 1252 -26.05 -0.36 3.00
C ALA A 1252 -26.32 -0.80 1.56
N MET A 1253 -26.63 -2.07 1.38
CA MET A 1253 -26.98 -2.59 0.08
C MET A 1253 -28.14 -1.79 -0.50
N ASP A 1254 -29.22 -1.67 0.27
CA ASP A 1254 -30.39 -0.90 -0.15
C ASP A 1254 -29.97 0.48 -0.64
N PHE A 1255 -29.15 1.17 0.14
CA PHE A 1255 -28.67 2.50 -0.27
C PHE A 1255 -27.86 2.42 -1.57
N LEU A 1256 -26.99 1.42 -1.69
CA LEU A 1256 -26.16 1.29 -2.89
C LEU A 1256 -27.00 1.03 -4.14
N ILE A 1257 -28.02 0.18 -4.02
CA ILE A 1257 -28.94 -0.04 -5.13
C ILE A 1257 -29.62 1.28 -5.47
N ARG A 1258 -30.16 1.94 -4.45
CA ARG A 1258 -30.79 3.25 -4.63
C ARG A 1258 -29.83 4.24 -5.29
N ALA A 1259 -28.56 4.17 -4.92
CA ALA A 1259 -27.56 5.07 -5.47
C ALA A 1259 -27.32 4.75 -6.94
N GLY A 1260 -27.27 3.45 -7.25
CA GLY A 1260 -27.18 3.02 -8.64
C GLY A 1260 -28.38 3.48 -9.44
N GLU A 1261 -29.56 3.44 -8.82
CA GLU A 1261 -30.78 3.89 -9.48
C GLU A 1261 -30.75 5.38 -9.84
N GLN A 1262 -29.88 6.15 -9.18
CA GLN A 1262 -29.78 7.58 -9.41
C GLN A 1262 -28.56 7.97 -10.23
N GLY A 1263 -27.91 6.99 -10.84
CA GLY A 1263 -26.83 7.25 -11.78
C GLY A 1263 -25.44 7.28 -11.16
N TYR A 1264 -25.34 6.99 -9.88
CA TYR A 1264 -24.05 6.90 -9.21
C TYR A 1264 -23.46 5.52 -9.47
N SER A 1265 -22.13 5.45 -9.60
CA SER A 1265 -21.46 4.19 -9.92
C SER A 1265 -21.04 3.43 -8.68
N VAL A 1266 -21.16 2.11 -8.72
CA VAL A 1266 -20.69 1.24 -7.65
C VAL A 1266 -20.11 -0.03 -8.28
N PRO A 1267 -18.87 -0.39 -7.89
CA PRO A 1267 -18.23 -1.58 -8.49
C PRO A 1267 -19.07 -2.85 -8.35
N PRO A 1268 -19.36 -3.54 -9.47
CA PRO A 1268 -20.22 -4.74 -9.44
C PRO A 1268 -19.76 -5.81 -8.46
N GLU A 1269 -18.47 -5.85 -8.14
CA GLU A 1269 -17.95 -6.82 -7.18
C GLU A 1269 -18.66 -6.65 -5.84
N ALA A 1270 -18.75 -5.41 -5.39
CA ALA A 1270 -19.40 -5.08 -4.12
C ALA A 1270 -20.87 -5.46 -4.14
N ILE A 1271 -21.58 -5.00 -5.16
CA ILE A 1271 -23.00 -5.29 -5.32
C ILE A 1271 -23.25 -6.80 -5.33
N ASN A 1272 -22.43 -7.51 -6.10
CA ASN A 1272 -22.63 -8.95 -6.27
C ASN A 1272 -22.31 -9.74 -5.00
N ARG A 1273 -21.18 -9.44 -4.36
CA ARG A 1273 -20.86 -10.13 -3.11
C ARG A 1273 -21.90 -9.78 -2.04
N GLY A 1274 -22.37 -8.54 -2.07
CA GLY A 1274 -23.46 -8.13 -1.20
C GLY A 1274 -24.70 -8.98 -1.42
N ASN A 1275 -25.15 -9.03 -2.66
CA ASN A 1275 -26.34 -9.83 -3.01
C ASN A 1275 -26.16 -11.30 -2.66
N GLU A 1276 -24.95 -11.82 -2.89
CA GLU A 1276 -24.63 -13.20 -2.52
C GLU A 1276 -24.79 -13.37 -1.01
N ARG A 1277 -24.24 -12.43 -0.25
CA ARG A 1277 -24.30 -12.49 1.20
C ARG A 1277 -25.75 -12.39 1.70
N LEU A 1278 -26.55 -11.52 1.09
CA LEU A 1278 -27.97 -11.43 1.44
C LEU A 1278 -28.69 -12.73 1.10
N LEU A 1279 -28.38 -13.28 -0.06
CA LEU A 1279 -28.98 -14.54 -0.48
C LEU A 1279 -28.60 -15.63 0.53
N ARG A 1280 -27.36 -15.60 1.00
CA ARG A 1280 -26.93 -16.56 2.01
C ARG A 1280 -27.57 -16.26 3.36
N TYR A 1281 -27.85 -14.98 3.63
CA TYR A 1281 -28.63 -14.63 4.81
C TYR A 1281 -30.00 -15.29 4.72
N LEU A 1282 -30.59 -15.27 3.52
CA LEU A 1282 -31.88 -15.92 3.31
C LEU A 1282 -31.83 -17.46 3.36
N GLN A 1283 -30.90 -18.05 2.61
CA GLN A 1283 -30.90 -19.50 2.40
C GLN A 1283 -30.06 -20.29 3.41
N ASP A 1284 -29.26 -19.59 4.21
CA ASP A 1284 -28.43 -20.24 5.21
C ASP A 1284 -28.40 -19.38 6.47
N PRO A 1285 -29.50 -19.36 7.22
CA PRO A 1285 -29.66 -18.49 8.39
C PRO A 1285 -28.62 -18.74 9.47
N GLY A 1286 -28.00 -19.92 9.47
CA GLY A 1286 -27.03 -20.29 10.47
C GLY A 1286 -25.73 -19.49 10.38
N THR A 1287 -25.40 -19.01 9.18
CA THR A 1287 -24.16 -18.27 8.98
C THR A 1287 -24.16 -16.97 9.76
N MET A 1288 -25.35 -16.44 10.03
CA MET A 1288 -25.49 -15.21 10.79
C MET A 1288 -24.96 -15.38 12.21
N LEU A 1289 -24.59 -14.26 12.82
CA LEU A 1289 -24.29 -14.22 14.23
C LEU A 1289 -24.62 -12.83 14.78
N ILE A 1290 -25.85 -12.68 15.27
CA ILE A 1290 -26.29 -11.41 15.82
C ILE A 1290 -25.88 -11.33 17.29
N ARG A 1291 -24.99 -10.38 17.58
CA ARG A 1291 -24.46 -10.22 18.92
C ARG A 1291 -25.33 -9.30 19.76
N TYR A 1292 -25.34 -9.54 21.07
CA TYR A 1292 -26.00 -8.65 22.03
C TYR A 1292 -27.51 -8.57 21.85
N SER A 1293 -28.09 -9.61 21.23
CA SER A 1293 -29.53 -9.62 20.99
C SER A 1293 -30.29 -10.16 22.19
N ASP A 1294 -31.55 -9.74 22.30
CA ASP A 1294 -32.43 -10.20 23.38
C ASP A 1294 -33.47 -11.17 22.81
N ASN A 1295 -33.64 -11.13 21.49
CA ASN A 1295 -34.55 -12.02 20.78
C ASN A 1295 -33.97 -12.38 19.42
N THR A 1296 -33.17 -13.45 19.38
CA THR A 1296 -32.43 -13.82 18.18
C THR A 1296 -33.33 -14.10 16.98
N GLN A 1297 -34.50 -14.69 17.23
CA GLN A 1297 -35.42 -15.01 16.15
C GLN A 1297 -35.97 -13.75 15.49
N ALA A 1298 -36.26 -12.74 16.31
CA ALA A 1298 -36.73 -11.46 15.80
C ALA A 1298 -35.64 -10.79 14.97
N SER A 1299 -34.40 -10.84 15.47
CA SER A 1299 -33.25 -10.32 14.74
C SER A 1299 -33.15 -10.98 13.38
N THR A 1300 -33.11 -12.31 13.41
CA THR A 1300 -33.00 -13.11 12.19
C THR A 1300 -34.13 -12.78 11.22
N PHE A 1301 -35.36 -12.71 11.73
CA PHE A 1301 -36.51 -12.44 10.88
C PHE A 1301 -36.40 -11.03 10.26
N ALA A 1302 -35.99 -10.07 11.06
CA ALA A 1302 -35.81 -8.69 10.58
C ALA A 1302 -34.78 -8.67 9.45
N ALA A 1303 -33.60 -9.23 9.73
CA ALA A 1303 -32.53 -9.29 8.74
C ALA A 1303 -32.99 -9.98 7.45
N GLN A 1304 -33.61 -11.14 7.60
CA GLN A 1304 -34.08 -11.91 6.45
C GLN A 1304 -35.15 -11.17 5.67
N ALA A 1305 -36.05 -10.48 6.38
CA ALA A 1305 -37.10 -9.73 5.72
C ALA A 1305 -36.52 -8.58 4.92
N TYR A 1306 -35.62 -7.82 5.54
CA TYR A 1306 -35.00 -6.69 4.86
C TYR A 1306 -34.19 -7.17 3.66
N ALA A 1307 -33.37 -8.20 3.86
CA ALA A 1307 -32.58 -8.79 2.78
C ALA A 1307 -33.49 -9.25 1.65
N ALA A 1308 -34.58 -9.92 2.02
CA ALA A 1308 -35.58 -10.37 1.07
C ALA A 1308 -36.09 -9.20 0.24
N LEU A 1309 -36.45 -8.11 0.90
CA LEU A 1309 -36.89 -6.92 0.19
C LEU A 1309 -35.81 -6.38 -0.76
N VAL A 1310 -34.61 -6.16 -0.22
CA VAL A 1310 -33.51 -5.61 -1.01
C VAL A 1310 -33.25 -6.43 -2.26
N LEU A 1311 -33.24 -7.75 -2.12
CA LEU A 1311 -33.03 -8.63 -3.27
C LEU A 1311 -34.25 -8.64 -4.18
N ALA A 1312 -35.44 -8.64 -3.58
CA ALA A 1312 -36.70 -8.67 -4.32
C ALA A 1312 -36.81 -7.45 -5.23
N ARG A 1313 -36.31 -6.31 -4.77
CA ARG A 1313 -36.26 -5.12 -5.61
C ARG A 1313 -35.44 -5.39 -6.87
N GLN A 1314 -34.34 -6.12 -6.73
CA GLN A 1314 -33.47 -6.44 -7.84
C GLN A 1314 -33.95 -7.65 -8.65
N GLN A 1315 -35.13 -8.16 -8.33
CA GLN A 1315 -35.66 -9.37 -8.95
C GLN A 1315 -34.68 -10.53 -8.74
N LYS A 1316 -34.26 -10.74 -7.50
CA LYS A 1316 -33.29 -11.78 -7.17
C LYS A 1316 -33.69 -12.54 -5.91
N ALA A 1317 -34.96 -12.42 -5.51
CA ALA A 1317 -35.44 -13.05 -4.29
C ALA A 1317 -36.27 -14.30 -4.61
N PRO A 1318 -35.70 -15.50 -4.37
CA PRO A 1318 -36.47 -16.72 -4.66
C PRO A 1318 -37.75 -16.83 -3.82
N LEU A 1319 -38.89 -16.85 -4.49
CA LEU A 1319 -40.19 -16.84 -3.84
C LEU A 1319 -40.35 -17.95 -2.80
N GLY A 1320 -39.80 -19.12 -3.12
CA GLY A 1320 -39.87 -20.27 -2.23
C GLY A 1320 -39.31 -19.94 -0.85
N THR A 1321 -38.20 -19.21 -0.84
CA THR A 1321 -37.56 -18.82 0.41
C THR A 1321 -38.41 -17.78 1.13
N LEU A 1322 -38.98 -16.85 0.36
CA LEU A 1322 -39.87 -15.84 0.93
C LEU A 1322 -41.03 -16.51 1.66
N ARG A 1323 -41.64 -17.51 1.01
CA ARG A 1323 -42.68 -18.28 1.64
C ARG A 1323 -42.14 -19.04 2.85
N GLU A 1324 -40.98 -19.66 2.67
CA GLU A 1324 -40.31 -20.40 3.73
C GLU A 1324 -40.10 -19.51 4.96
N ILE A 1325 -39.88 -18.22 4.70
CA ILE A 1325 -39.78 -17.24 5.78
C ILE A 1325 -41.17 -16.87 6.30
N TRP A 1326 -42.12 -16.70 5.39
CA TRP A 1326 -43.49 -16.34 5.75
C TRP A 1326 -44.08 -17.37 6.71
N GLU A 1327 -43.67 -18.63 6.56
CA GLU A 1327 -44.08 -19.67 7.50
C GLU A 1327 -43.36 -19.56 8.85
N ARG A 1328 -42.66 -18.44 9.07
CA ARG A 1328 -42.06 -18.14 10.37
C ARG A 1328 -42.40 -16.71 10.80
N ARG A 1329 -43.54 -16.23 10.32
CA ARG A 1329 -43.95 -14.84 10.53
C ARG A 1329 -44.24 -14.53 12.01
N SER A 1330 -44.57 -15.56 12.78
CA SER A 1330 -44.93 -15.37 14.18
C SER A 1330 -43.75 -14.87 15.02
N GLN A 1331 -42.54 -15.05 14.51
CA GLN A 1331 -41.34 -14.66 15.23
C GLN A 1331 -41.08 -13.16 15.15
N ALA A 1332 -41.83 -12.47 14.29
CA ALA A 1332 -41.66 -11.04 14.09
C ALA A 1332 -42.01 -10.25 15.34
N ALA A 1333 -41.09 -9.40 15.78
CA ALA A 1333 -41.32 -8.54 16.95
C ALA A 1333 -41.63 -7.12 16.50
N SER A 1334 -42.12 -6.97 15.28
CA SER A 1334 -42.45 -5.67 14.72
C SER A 1334 -43.20 -5.83 13.41
N GLY A 1335 -43.80 -4.75 12.94
CA GLY A 1335 -44.56 -4.77 11.70
C GLY A 1335 -43.69 -4.53 10.48
N LEU A 1336 -42.54 -3.89 10.69
CA LEU A 1336 -41.66 -3.51 9.60
C LEU A 1336 -41.14 -4.73 8.81
N PRO A 1337 -40.63 -5.76 9.51
CA PRO A 1337 -40.18 -6.93 8.76
C PRO A 1337 -41.32 -7.56 7.96
N LEU A 1338 -42.50 -7.62 8.55
CA LEU A 1338 -43.68 -8.16 7.88
C LEU A 1338 -44.03 -7.30 6.67
N MET A 1339 -43.91 -5.99 6.83
CA MET A 1339 -44.18 -5.06 5.75
C MET A 1339 -43.22 -5.31 4.59
N GLN A 1340 -41.92 -5.25 4.88
CA GLN A 1340 -40.88 -5.46 3.87
C GLN A 1340 -41.05 -6.80 3.17
N LEU A 1341 -41.17 -7.86 3.98
CA LEU A 1341 -41.41 -9.19 3.45
C LEU A 1341 -42.67 -9.21 2.60
N GLY A 1342 -43.68 -8.47 3.03
CA GLY A 1342 -44.91 -8.35 2.30
C GLY A 1342 -44.68 -7.75 0.92
N ILE A 1343 -43.92 -6.67 0.88
CA ILE A 1343 -43.55 -6.06 -0.41
C ILE A 1343 -42.75 -7.06 -1.25
N ALA A 1344 -41.84 -7.79 -0.61
CA ALA A 1344 -41.05 -8.79 -1.32
C ALA A 1344 -41.93 -9.85 -1.96
N LEU A 1345 -42.90 -10.37 -1.20
CA LEU A 1345 -43.84 -11.35 -1.71
C LEU A 1345 -44.68 -10.76 -2.84
N ASN A 1346 -45.20 -9.56 -2.60
CA ASN A 1346 -45.98 -8.86 -3.60
C ASN A 1346 -45.17 -8.62 -4.87
N THR A 1347 -43.86 -8.41 -4.69
CA THR A 1347 -42.96 -8.17 -5.81
C THR A 1347 -42.67 -9.44 -6.62
N MET A 1348 -42.43 -10.55 -5.92
CA MET A 1348 -42.01 -11.79 -6.58
C MET A 1348 -43.16 -12.77 -6.81
N GLY A 1349 -44.35 -12.23 -7.10
CA GLY A 1349 -45.49 -13.05 -7.49
C GLY A 1349 -46.61 -13.13 -6.46
N ASP A 1350 -46.41 -13.95 -5.43
CA ASP A 1350 -47.46 -14.22 -4.45
C ASP A 1350 -47.96 -12.93 -3.81
N ALA A 1351 -48.92 -12.29 -4.49
CA ALA A 1351 -49.50 -11.04 -4.01
C ALA A 1351 -50.37 -11.24 -2.78
N ARG A 1352 -51.05 -12.39 -2.72
CA ARG A 1352 -51.96 -12.70 -1.63
C ARG A 1352 -51.25 -12.62 -0.27
N ARG A 1353 -50.25 -13.47 -0.08
CA ARG A 1353 -49.49 -13.49 1.16
C ARG A 1353 -48.82 -12.15 1.42
N GLY A 1354 -48.55 -11.41 0.36
CA GLY A 1354 -48.02 -10.06 0.48
C GLY A 1354 -49.01 -9.16 1.16
N GLU A 1355 -50.22 -9.09 0.59
CA GLU A 1355 -51.29 -8.28 1.16
C GLU A 1355 -51.60 -8.74 2.60
N GLU A 1356 -51.55 -10.06 2.81
CA GLU A 1356 -51.73 -10.60 4.15
C GLU A 1356 -50.63 -10.09 5.09
N ALA A 1357 -49.39 -10.11 4.60
CA ALA A 1357 -48.26 -9.64 5.38
C ALA A 1357 -48.38 -8.15 5.70
N ILE A 1358 -48.86 -7.37 4.72
CA ILE A 1358 -49.08 -5.95 4.93
C ILE A 1358 -50.16 -5.71 5.98
N THR A 1359 -51.32 -6.33 5.77
CA THR A 1359 -52.45 -6.20 6.69
C THR A 1359 -52.04 -6.62 8.09
N LEU A 1360 -51.26 -7.69 8.19
CA LEU A 1360 -50.75 -8.15 9.48
C LEU A 1360 -49.77 -7.13 10.04
N ALA A 1361 -48.89 -6.62 9.19
CA ALA A 1361 -47.90 -5.62 9.59
C ALA A 1361 -48.57 -4.40 10.21
N LEU A 1362 -49.61 -3.91 9.56
CA LEU A 1362 -50.34 -2.75 10.05
C LEU A 1362 -51.09 -3.03 11.36
N ASN A 1363 -51.02 -4.28 11.83
CA ASN A 1363 -51.65 -4.67 13.09
C ASN A 1363 -50.72 -5.52 13.95
N THR A 1364 -49.42 -5.30 13.80
CA THR A 1364 -48.42 -5.98 14.62
C THR A 1364 -47.50 -4.94 15.29
N PRO A 1365 -47.96 -4.36 16.40
CA PRO A 1365 -47.18 -3.35 17.13
C PRO A 1365 -45.81 -3.86 17.57
N ARG A 1366 -44.84 -2.96 17.64
CA ARG A 1366 -43.49 -3.32 18.08
C ARG A 1366 -43.51 -3.68 19.55
N GLN A 1367 -43.25 -4.96 19.84
CA GLN A 1367 -43.30 -5.47 21.20
C GLN A 1367 -41.93 -5.93 21.68
N ASP A 1368 -41.36 -5.19 22.62
CA ASP A 1368 -40.09 -5.55 23.23
C ASP A 1368 -39.67 -4.54 24.30
N GLU A 1369 -39.33 -5.04 25.47
CA GLU A 1369 -38.63 -4.24 26.46
C GLU A 1369 -37.31 -3.85 25.82
N ARG A 1370 -37.14 -2.56 25.55
CA ARG A 1370 -36.02 -2.06 24.76
C ARG A 1370 -34.67 -2.61 25.24
N GLN A 1371 -34.23 -3.70 24.60
CA GLN A 1371 -32.93 -4.29 24.88
C GLN A 1371 -32.01 -4.13 23.68
N TRP A 1372 -32.37 -4.73 22.54
CA TRP A 1372 -31.56 -4.58 21.33
C TRP A 1372 -32.29 -5.01 20.05
N ILE A 1373 -32.45 -6.32 19.86
CA ILE A 1373 -33.08 -6.91 18.66
C ILE A 1373 -32.22 -6.75 17.40
N ALA A 1374 -31.28 -5.81 17.39
CA ALA A 1374 -30.35 -5.61 16.28
C ALA A 1374 -31.04 -5.20 15.00
N ASP A 1375 -32.03 -4.32 15.11
CA ASP A 1375 -32.66 -3.70 13.95
C ASP A 1375 -32.53 -2.18 14.04
N TYR A 1376 -31.83 -1.71 15.07
CA TYR A 1376 -31.54 -0.28 15.23
C TYR A 1376 -32.82 0.55 15.22
N GLY A 1377 -33.90 -0.04 15.73
CA GLY A 1377 -35.23 0.50 15.52
C GLY A 1377 -35.97 1.03 16.73
N SER A 1378 -37.21 1.45 16.46
CA SER A 1378 -38.10 2.03 17.44
C SER A 1378 -39.49 2.06 16.83
N SER A 1379 -40.52 2.27 17.65
CA SER A 1379 -41.89 2.34 17.15
C SER A 1379 -42.01 3.40 16.07
N LEU A 1380 -41.46 4.58 16.35
CA LEU A 1380 -41.49 5.71 15.44
C LEU A 1380 -40.89 5.38 14.08
N ARG A 1381 -39.63 4.94 14.09
CA ARG A 1381 -38.92 4.68 12.84
C ARG A 1381 -39.60 3.56 12.05
N ASP A 1382 -40.14 2.58 12.77
CA ASP A 1382 -40.85 1.48 12.12
C ASP A 1382 -42.10 2.01 11.43
N ASN A 1383 -42.91 2.76 12.16
CA ASN A 1383 -44.12 3.35 11.57
C ASN A 1383 -43.76 4.25 10.39
N ALA A 1384 -42.67 4.99 10.53
CA ALA A 1384 -42.18 5.87 9.47
C ALA A 1384 -41.83 5.06 8.22
N LEU A 1385 -41.01 4.03 8.40
CA LEU A 1385 -40.58 3.19 7.28
C LEU A 1385 -41.75 2.43 6.66
N MET A 1386 -42.71 2.04 7.48
CA MET A 1386 -43.90 1.36 6.98
C MET A 1386 -44.71 2.31 6.12
N LEU A 1387 -44.95 3.52 6.64
CA LEU A 1387 -45.60 4.56 5.85
C LEU A 1387 -44.82 4.81 4.56
N SER A 1388 -43.49 4.82 4.70
CA SER A 1388 -42.61 5.06 3.56
C SER A 1388 -42.78 3.97 2.50
N LEU A 1389 -42.79 2.71 2.93
CA LEU A 1389 -42.97 1.60 2.01
C LEU A 1389 -44.34 1.66 1.34
N LEU A 1390 -45.37 1.93 2.14
CA LEU A 1390 -46.72 2.12 1.62
C LEU A 1390 -46.75 3.18 0.53
N GLU A 1391 -46.23 4.36 0.85
CA GLU A 1391 -46.20 5.47 -0.10
C GLU A 1391 -45.34 5.14 -1.32
N GLU A 1392 -44.23 4.46 -1.08
CA GLU A 1392 -43.31 4.11 -2.16
C GLU A 1392 -43.92 3.11 -3.13
N ASN A 1393 -44.69 2.16 -2.59
CA ASN A 1393 -45.31 1.14 -3.42
C ASN A 1393 -46.74 1.46 -3.82
N ASN A 1394 -47.28 2.57 -3.30
CA ASN A 1394 -48.64 3.02 -3.65
C ASN A 1394 -49.66 1.93 -3.37
N LEU A 1395 -50.07 1.80 -2.11
CA LEU A 1395 -50.96 0.73 -1.69
C LEU A 1395 -52.19 1.27 -0.95
N ARG A 1396 -52.20 1.18 0.37
CA ARG A 1396 -53.36 1.56 1.16
C ARG A 1396 -53.38 3.07 1.40
N PRO A 1397 -54.44 3.77 0.97
CA PRO A 1397 -54.50 5.23 1.18
C PRO A 1397 -55.05 5.62 2.55
N ASP A 1398 -56.24 5.12 2.88
CA ASP A 1398 -56.91 5.49 4.13
C ASP A 1398 -56.12 5.00 5.35
N ALA A 1399 -55.14 4.14 5.11
CA ALA A 1399 -54.26 3.67 6.18
C ALA A 1399 -53.07 4.60 6.35
N GLN A 1400 -52.52 5.07 5.22
CA GLN A 1400 -51.34 5.93 5.27
C GLN A 1400 -51.72 7.36 5.64
N ASN A 1401 -52.96 7.75 5.35
CA ASN A 1401 -53.46 9.03 5.83
C ASN A 1401 -53.52 9.05 7.36
N ALA A 1402 -54.24 8.09 7.91
CA ALA A 1402 -54.37 7.94 9.36
C ALA A 1402 -53.00 7.77 10.01
N LEU A 1403 -52.17 6.91 9.40
CA LEU A 1403 -50.83 6.68 9.93
C LEU A 1403 -49.96 7.93 9.82
N LEU A 1404 -50.14 8.68 8.74
CA LEU A 1404 -49.39 9.92 8.56
C LEU A 1404 -49.74 10.91 9.65
N SER A 1405 -51.05 11.12 9.85
CA SER A 1405 -51.51 12.01 10.91
C SER A 1405 -51.00 11.54 12.27
N SER A 1406 -51.20 10.25 12.55
CA SER A 1406 -50.73 9.65 13.80
C SER A 1406 -49.22 9.81 13.94
N LEU A 1407 -48.51 9.75 12.82
CA LEU A 1407 -47.05 9.86 12.84
C LEU A 1407 -46.62 11.30 13.10
N SER A 1408 -47.31 12.25 12.47
CA SER A 1408 -47.05 13.67 12.69
C SER A 1408 -47.30 14.01 14.15
N GLU A 1409 -48.35 13.43 14.70
CA GLU A 1409 -48.62 13.55 16.14
C GLU A 1409 -47.55 12.81 16.94
N GLN A 1410 -47.15 11.63 16.45
CA GLN A 1410 -46.20 10.78 17.14
C GLN A 1410 -44.80 11.39 17.15
N ALA A 1411 -44.52 12.22 16.15
CA ALA A 1411 -43.21 12.87 16.04
C ALA A 1411 -42.88 13.73 17.25
N PHE A 1412 -43.85 13.90 18.14
CA PHE A 1412 -43.64 14.64 19.38
C PHE A 1412 -43.09 13.73 20.49
N GLY A 1413 -42.18 12.85 20.12
CA GLY A 1413 -41.26 12.22 21.05
C GLY A 1413 -39.89 12.76 20.67
N GLN A 1414 -39.79 14.07 20.69
CA GLN A 1414 -38.74 14.80 19.98
C GLN A 1414 -37.47 15.06 20.79
N ARG A 1415 -36.76 16.12 20.41
CA ARG A 1415 -35.52 16.57 21.04
C ARG A 1415 -34.36 15.62 20.73
N TRP A 1416 -34.53 14.34 21.03
CA TRP A 1416 -33.49 13.34 20.76
C TRP A 1416 -34.01 12.18 19.94
N LEU A 1417 -33.73 12.23 18.64
CA LEU A 1417 -34.04 11.14 17.72
C LEU A 1417 -32.75 10.50 17.24
N SER A 1418 -32.84 9.24 16.83
CA SER A 1418 -31.69 8.54 16.27
C SER A 1418 -31.56 8.88 14.78
N THR A 1419 -30.37 8.64 14.23
CA THR A 1419 -30.13 8.85 12.81
C THR A 1419 -31.07 7.99 11.98
N GLN A 1420 -31.33 6.79 12.47
CA GLN A 1420 -32.23 5.86 11.79
C GLN A 1420 -33.65 6.42 11.78
N GLU A 1421 -34.07 6.97 12.91
CA GLU A 1421 -35.38 7.60 13.03
C GLU A 1421 -35.50 8.80 12.09
N ASN A 1422 -34.47 9.64 12.07
CA ASN A 1422 -34.43 10.78 11.16
C ASN A 1422 -34.51 10.34 9.70
N ASN A 1423 -33.74 9.32 9.36
CA ASN A 1423 -33.74 8.78 8.00
C ASN A 1423 -35.12 8.24 7.63
N ALA A 1424 -35.70 7.44 8.52
CA ALA A 1424 -37.04 6.90 8.32
C ALA A 1424 -38.06 8.03 8.13
N LEU A 1425 -38.00 9.02 9.01
CA LEU A 1425 -38.90 10.17 8.93
C LEU A 1425 -38.73 10.91 7.62
N PHE A 1426 -37.48 11.08 7.18
CA PHE A 1426 -37.22 11.70 5.89
C PHE A 1426 -37.82 10.87 4.77
N LEU A 1427 -37.61 9.56 4.81
CA LEU A 1427 -38.13 8.67 3.78
C LEU A 1427 -39.65 8.71 3.75
N ALA A 1428 -40.25 8.83 4.93
CA ALA A 1428 -41.70 8.97 5.04
C ALA A 1428 -42.16 10.27 4.41
N ALA A 1429 -41.54 11.37 4.84
CA ALA A 1429 -41.93 12.71 4.36
C ALA A 1429 -41.61 12.90 2.88
N HIS A 1430 -40.57 12.23 2.40
CA HIS A 1430 -40.13 12.39 1.02
C HIS A 1430 -41.14 11.85 0.02
N SER A 1431 -41.55 10.60 0.20
CA SER A 1431 -42.49 9.96 -0.71
C SER A 1431 -43.92 10.40 -0.46
N ARG A 1432 -44.11 11.34 0.47
CA ARG A 1432 -45.43 11.87 0.79
C ARG A 1432 -45.94 12.74 -0.34
N GLN A 1433 -47.27 12.82 -0.46
CA GLN A 1433 -47.91 13.78 -1.35
C GLN A 1433 -49.14 14.36 -0.65
N ALA A 1434 -48.92 15.42 0.12
CA ALA A 1434 -49.97 16.00 0.94
C ALA A 1434 -51.02 16.75 0.10
N SER A 1435 -50.77 16.87 -1.20
CA SER A 1435 -51.69 17.54 -2.10
C SER A 1435 -51.89 19.00 -1.72
N ALA A 1436 -52.99 19.59 -2.17
CA ALA A 1436 -53.28 21.00 -1.90
C ALA A 1436 -53.84 21.20 -0.50
N GLY A 1437 -53.15 22.02 0.29
CA GLY A 1437 -53.59 22.38 1.62
C GLY A 1437 -53.49 23.88 1.82
N ALA A 1438 -54.60 24.57 1.60
CA ALA A 1438 -54.62 26.04 1.64
C ALA A 1438 -54.41 26.57 3.05
N TRP A 1439 -53.61 27.64 3.15
CA TRP A 1439 -53.37 28.31 4.43
C TRP A 1439 -52.94 29.76 4.22
N GLN A 1440 -53.49 30.63 5.06
CA GLN A 1440 -53.10 32.04 5.11
C GLN A 1440 -52.79 32.38 6.57
N VAL A 1441 -51.90 33.34 6.79
CA VAL A 1441 -51.52 33.70 8.15
C VAL A 1441 -50.93 35.11 8.23
N GLN A 1442 -51.22 35.78 9.34
CA GLN A 1442 -50.62 37.08 9.63
C GLN A 1442 -49.54 36.89 10.69
N THR A 1443 -48.39 37.51 10.45
CA THR A 1443 -47.21 37.31 11.30
C THR A 1443 -46.50 38.62 11.62
N SER A 1444 -45.56 38.54 12.56
CA SER A 1444 -44.76 39.68 12.95
C SER A 1444 -43.57 39.87 12.01
N LEU A 1445 -43.35 38.91 11.12
CA LEU A 1445 -42.20 38.91 10.23
C LEU A 1445 -42.34 39.94 9.11
N GLU A 1446 -43.54 40.03 8.54
CA GLU A 1446 -43.79 40.92 7.41
C GLU A 1446 -45.14 41.61 7.54
N ALA A 1447 -45.24 42.81 7.00
CA ALA A 1447 -46.49 43.57 7.02
C ALA A 1447 -47.60 42.81 6.30
N GLN A 1448 -47.27 42.25 5.15
CA GLN A 1448 -48.25 41.50 4.36
C GLN A 1448 -48.45 40.10 4.95
N PRO A 1449 -49.63 39.51 4.72
CA PRO A 1449 -49.86 38.13 5.20
C PRO A 1449 -49.05 37.10 4.42
N LEU A 1450 -48.71 35.99 5.08
CA LEU A 1450 -48.10 34.86 4.40
C LEU A 1450 -49.20 33.91 3.97
N SER A 1451 -49.08 33.34 2.78
CA SER A 1451 -50.11 32.48 2.24
C SER A 1451 -49.52 31.38 1.37
N GLY A 1452 -50.25 30.26 1.27
CA GLY A 1452 -49.80 29.17 0.42
C GLY A 1452 -50.76 27.99 0.41
N ASP A 1453 -50.53 27.07 -0.52
CA ASP A 1453 -51.33 25.84 -0.62
C ASP A 1453 -50.45 24.62 -0.38
N LYS A 1454 -49.15 24.85 -0.27
CA LYS A 1454 -48.20 23.81 0.12
C LYS A 1454 -47.43 24.27 1.35
N ALA A 1455 -46.96 23.32 2.15
CA ALA A 1455 -46.28 23.63 3.40
C ALA A 1455 -45.02 24.45 3.16
N LEU A 1456 -44.86 25.53 3.94
CA LEU A 1456 -43.74 26.45 3.79
C LEU A 1456 -42.84 26.43 5.01
N THR A 1457 -41.53 26.38 4.76
CA THR A 1457 -40.53 26.47 5.82
C THR A 1457 -39.74 27.76 5.66
N ARG A 1458 -39.60 28.52 6.74
CA ARG A 1458 -38.84 29.77 6.71
C ARG A 1458 -37.83 29.85 7.85
N ASN A 1459 -36.69 30.50 7.59
CA ASN A 1459 -35.65 30.66 8.59
C ASN A 1459 -35.86 31.93 9.42
N LEU A 1460 -35.32 31.91 10.64
CA LEU A 1460 -35.47 33.03 11.57
C LEU A 1460 -34.15 33.33 12.28
N ASP A 1461 -33.81 34.61 12.39
CA ASP A 1461 -32.63 35.02 13.15
C ASP A 1461 -33.00 35.18 14.62
N ALA A 1462 -32.01 35.47 15.46
CA ALA A 1462 -32.22 35.55 16.91
C ALA A 1462 -33.19 36.66 17.30
N ASP A 1463 -33.42 37.61 16.40
CA ASP A 1463 -34.34 38.70 16.66
C ASP A 1463 -35.76 38.34 16.23
N GLN A 1464 -35.91 37.91 14.98
CA GLN A 1464 -37.19 37.50 14.44
C GLN A 1464 -37.85 36.43 15.31
N LEU A 1465 -37.04 35.55 15.87
CA LEU A 1465 -37.53 34.43 16.65
C LEU A 1465 -37.97 34.86 18.04
N ALA A 1466 -37.29 35.86 18.60
CA ALA A 1466 -37.61 36.35 19.94
C ALA A 1466 -38.87 37.21 19.93
N ALA A 1467 -39.28 37.65 18.74
CA ALA A 1467 -40.42 38.55 18.59
C ALA A 1467 -41.53 37.91 17.75
N LEU A 1468 -41.50 36.58 17.65
CA LEU A 1468 -42.42 35.87 16.75
C LEU A 1468 -43.86 35.87 17.25
N GLU A 1469 -44.76 36.28 16.36
CA GLU A 1469 -46.20 36.21 16.61
C GLU A 1469 -46.87 35.69 15.34
N VAL A 1470 -47.78 34.74 15.51
CA VAL A 1470 -48.47 34.12 14.38
C VAL A 1470 -49.96 34.06 14.65
N THR A 1471 -50.75 34.48 13.66
CA THR A 1471 -52.21 34.47 13.78
C THR A 1471 -52.85 33.96 12.50
N ASN A 1472 -53.61 32.87 12.61
CA ASN A 1472 -54.30 32.29 11.47
C ASN A 1472 -55.40 33.22 10.95
N THR A 1473 -55.33 33.54 9.66
CA THR A 1473 -56.33 34.37 9.01
C THR A 1473 -56.99 33.61 7.85
N GLY A 1474 -56.93 32.29 7.92
CA GLY A 1474 -57.53 31.44 6.90
C GLY A 1474 -58.84 30.85 7.37
N SER A 1475 -59.64 30.37 6.43
CA SER A 1475 -60.95 29.81 6.75
C SER A 1475 -60.82 28.48 7.50
N GLN A 1476 -59.85 27.67 7.09
CA GLN A 1476 -59.61 26.36 7.68
C GLN A 1476 -58.46 26.42 8.69
N PRO A 1477 -58.26 25.34 9.47
CA PRO A 1477 -57.16 25.30 10.45
C PRO A 1477 -55.77 25.46 9.84
N LEU A 1478 -54.76 25.42 10.71
CA LEU A 1478 -53.39 25.69 10.32
C LEU A 1478 -52.43 24.98 11.27
N TRP A 1479 -51.56 24.14 10.72
CA TRP A 1479 -50.56 23.45 11.53
C TRP A 1479 -49.25 24.21 11.52
N LEU A 1480 -48.71 24.43 12.72
CA LEU A 1480 -47.51 25.24 12.90
C LEU A 1480 -46.45 24.47 13.70
N ARG A 1481 -45.23 24.47 13.16
CA ARG A 1481 -44.09 23.88 13.85
C ARG A 1481 -42.98 24.91 13.96
N LEU A 1482 -42.35 24.99 15.13
CA LEU A 1482 -41.23 25.89 15.33
C LEU A 1482 -40.05 25.15 15.93
N ASP A 1483 -38.96 25.08 15.17
CA ASP A 1483 -37.75 24.40 15.62
C ASP A 1483 -36.64 25.42 15.88
N SER A 1484 -36.02 25.32 17.05
CA SER A 1484 -34.98 26.26 17.44
C SER A 1484 -33.68 25.53 17.78
N SER A 1485 -32.57 26.24 17.60
CA SER A 1485 -31.25 25.69 17.87
C SER A 1485 -30.26 26.81 18.22
N GLY A 1486 -29.48 26.60 19.27
CA GLY A 1486 -28.51 27.59 19.69
C GLY A 1486 -27.50 27.04 20.69
N TYR A 1487 -26.59 27.89 21.13
CA TYR A 1487 -25.56 27.49 22.09
C TYR A 1487 -25.74 28.23 23.41
N PRO A 1488 -25.51 27.56 24.55
CA PRO A 1488 -25.79 28.17 25.86
C PRO A 1488 -24.94 29.39 26.18
N SER A 1489 -25.48 30.28 27.01
CA SER A 1489 -24.74 31.41 27.53
C SER A 1489 -24.14 31.05 28.89
N SER A 1490 -24.79 30.10 29.56
CA SER A 1490 -24.30 29.56 30.82
C SER A 1490 -24.04 28.07 30.66
N ALA A 1491 -23.08 27.53 31.41
CA ALA A 1491 -22.80 26.11 31.37
C ALA A 1491 -24.01 25.34 31.89
N PRO A 1492 -24.45 24.32 31.14
CA PRO A 1492 -25.66 23.60 31.57
C PRO A 1492 -25.42 22.66 32.75
N GLU A 1493 -26.48 22.33 33.48
CA GLU A 1493 -26.37 21.41 34.60
C GLU A 1493 -26.15 19.99 34.12
N PRO A 1494 -25.34 19.20 34.83
CA PRO A 1494 -25.23 17.78 34.48
C PRO A 1494 -26.57 17.07 34.61
N ALA A 1495 -26.97 16.34 33.57
CA ALA A 1495 -28.20 15.55 33.60
C ALA A 1495 -27.85 14.08 33.49
N SER A 1496 -28.87 13.23 33.54
CA SER A 1496 -28.65 11.78 33.51
C SER A 1496 -29.95 11.04 33.20
N ASN A 1497 -29.84 9.94 32.45
CA ASN A 1497 -30.98 9.10 32.14
C ASN A 1497 -30.51 7.72 31.69
N VAL A 1498 -30.86 6.69 32.44
CA VAL A 1498 -30.40 5.33 32.20
C VAL A 1498 -28.88 5.24 32.30
N LEU A 1499 -28.19 5.94 31.40
CA LEU A 1499 -26.73 5.97 31.41
C LEU A 1499 -26.22 6.96 32.45
N GLN A 1500 -25.01 6.69 32.96
CA GLN A 1500 -24.34 7.61 33.88
C GLN A 1500 -22.84 7.67 33.54
N ILE A 1501 -22.34 8.89 33.38
CA ILE A 1501 -20.93 9.13 33.03
C ILE A 1501 -20.24 9.96 34.09
N GLU A 1502 -18.98 9.62 34.38
CA GLU A 1502 -18.16 10.43 35.27
C GLU A 1502 -16.71 10.50 34.76
N ARG A 1503 -16.07 11.63 34.98
CA ARG A 1503 -14.68 11.83 34.55
C ARG A 1503 -13.79 12.30 35.72
N GLN A 1504 -12.60 11.72 35.80
CA GLN A 1504 -11.61 12.10 36.81
C GLN A 1504 -10.23 12.14 36.16
N ILE A 1505 -9.47 13.19 36.44
CA ILE A 1505 -8.13 13.34 35.87
C ILE A 1505 -7.07 12.96 36.90
N LEU A 1506 -6.24 12.00 36.53
CA LEU A 1506 -5.13 11.56 37.36
C LEU A 1506 -3.80 11.93 36.72
N GLY A 1507 -2.73 11.87 37.50
CA GLY A 1507 -1.38 11.98 36.97
C GLY A 1507 -0.89 10.58 36.63
N THR A 1508 0.25 10.50 35.95
CA THR A 1508 0.84 9.21 35.60
C THR A 1508 1.26 8.45 36.86
N ASP A 1509 1.36 9.17 37.98
CA ASP A 1509 1.70 8.56 39.27
C ASP A 1509 0.53 7.75 39.81
N GLY A 1510 -0.69 8.22 39.52
CA GLY A 1510 -1.90 7.54 39.97
C GLY A 1510 -2.76 8.44 40.85
N GLN A 1511 -2.20 9.55 41.31
CA GLN A 1511 -2.90 10.46 42.19
C GLN A 1511 -3.79 11.42 41.40
N ARG A 1512 -4.71 12.07 42.10
CA ARG A 1512 -5.59 13.05 41.48
C ARG A 1512 -4.77 14.26 41.04
N LYS A 1513 -5.22 14.94 39.98
CA LYS A 1513 -4.46 16.03 39.38
C LYS A 1513 -5.32 17.27 39.13
N SER A 1514 -4.74 18.44 39.36
CA SER A 1514 -5.41 19.70 39.12
C SER A 1514 -5.26 20.13 37.66
N LEU A 1515 -6.34 20.62 37.08
CA LEU A 1515 -6.33 21.12 35.70
C LEU A 1515 -6.11 22.62 35.68
N SER A 1516 -5.37 23.12 36.66
CA SER A 1516 -5.09 24.54 36.77
C SER A 1516 -3.62 24.80 37.11
N SER A 1517 -2.83 23.72 37.12
CA SER A 1517 -1.40 23.80 37.43
C SER A 1517 -0.58 23.07 36.39
N LEU A 1518 -1.20 22.75 35.25
CA LEU A 1518 -0.52 22.00 34.20
C LEU A 1518 0.49 22.86 33.47
N ARG A 1519 1.72 22.37 33.38
CA ARG A 1519 2.77 22.99 32.59
C ARG A 1519 2.86 22.29 31.23
N SER A 1520 3.44 22.95 30.24
CA SER A 1520 3.55 22.39 28.90
C SER A 1520 4.33 21.08 28.88
N GLY A 1521 3.88 20.14 28.07
CA GLY A 1521 4.58 18.88 27.89
C GLY A 1521 4.32 17.88 29.00
N GLU A 1522 3.37 18.20 29.87
CA GLU A 1522 3.04 17.34 31.01
C GLU A 1522 1.95 16.34 30.63
N LEU A 1523 2.08 15.12 31.13
CA LEU A 1523 1.12 14.05 30.83
C LEU A 1523 0.05 13.93 31.91
N VAL A 1524 -1.15 13.54 31.50
CA VAL A 1524 -2.26 13.31 32.42
C VAL A 1524 -3.12 12.15 31.96
N LEU A 1525 -3.62 11.37 32.91
CA LEU A 1525 -4.53 10.26 32.61
C LEU A 1525 -5.97 10.70 32.79
N VAL A 1526 -6.75 10.63 31.72
CA VAL A 1526 -8.17 10.96 31.79
C VAL A 1526 -8.98 9.68 32.02
N TRP A 1527 -9.49 9.54 33.25
CA TRP A 1527 -10.23 8.36 33.65
C TRP A 1527 -11.73 8.61 33.53
N LEU A 1528 -12.35 7.92 32.57
CA LEU A 1528 -13.81 7.94 32.40
C LEU A 1528 -14.42 6.69 33.00
N THR A 1529 -15.59 6.84 33.60
CA THR A 1529 -16.38 5.69 34.02
C THR A 1529 -17.83 5.86 33.58
N VAL A 1530 -18.34 4.82 32.94
CA VAL A 1530 -19.73 4.76 32.47
C VAL A 1530 -20.46 3.63 33.17
N VAL A 1531 -21.70 3.87 33.54
CA VAL A 1531 -22.52 2.82 34.15
C VAL A 1531 -23.99 3.00 33.79
N ALA A 1532 -24.72 1.89 33.75
CA ALA A 1532 -26.15 1.91 33.44
C ALA A 1532 -26.86 0.75 34.10
N ASP A 1533 -28.16 0.91 34.33
CA ASP A 1533 -28.98 -0.11 34.95
C ASP A 1533 -29.62 -1.04 33.92
N ARG A 1534 -28.99 -1.13 32.75
CA ARG A 1534 -29.51 -1.94 31.65
C ARG A 1534 -28.39 -2.50 30.81
N ASN A 1535 -28.76 -3.22 29.75
CA ASN A 1535 -27.82 -3.65 28.73
C ASN A 1535 -27.90 -2.71 27.53
N VAL A 1536 -26.90 -1.83 27.43
CA VAL A 1536 -26.83 -0.87 26.32
C VAL A 1536 -25.72 -1.28 25.37
N PRO A 1537 -26.08 -1.98 24.28
CA PRO A 1537 -25.05 -2.41 23.33
C PRO A 1537 -24.54 -1.29 22.44
N ASP A 1538 -25.41 -0.31 22.15
CA ASP A 1538 -25.06 0.77 21.24
C ASP A 1538 -24.70 2.06 22.01
N ALA A 1539 -23.87 1.92 23.03
CA ALA A 1539 -23.43 3.08 23.81
C ALA A 1539 -22.20 3.73 23.19
N LEU A 1540 -22.25 5.04 23.00
CA LEU A 1540 -21.14 5.79 22.42
C LEU A 1540 -20.64 6.89 23.36
N VAL A 1541 -19.40 6.76 23.80
CA VAL A 1541 -18.78 7.74 24.69
C VAL A 1541 -18.07 8.82 23.88
N VAL A 1542 -18.33 10.08 24.22
CA VAL A 1542 -17.71 11.22 23.56
C VAL A 1542 -17.23 12.21 24.61
N ASP A 1543 -15.92 12.45 24.64
CA ASP A 1543 -15.32 13.34 25.64
C ASP A 1543 -14.60 14.50 24.97
N LEU A 1544 -15.30 15.62 24.81
CA LEU A 1544 -14.73 16.80 24.15
C LEU A 1544 -13.48 17.30 24.88
N LEU A 1545 -12.42 17.51 24.11
CA LEU A 1545 -11.15 17.95 24.66
C LEU A 1545 -11.11 19.46 24.87
N PRO A 1546 -10.35 19.91 25.89
CA PRO A 1546 -9.94 21.31 25.93
C PRO A 1546 -8.77 21.52 24.97
N ALA A 1547 -8.74 22.63 24.24
CA ALA A 1547 -7.74 22.84 23.20
C ALA A 1547 -6.31 22.77 23.74
N GLY A 1548 -6.15 22.84 25.06
CA GLY A 1548 -4.84 22.80 25.67
C GLY A 1548 -4.31 21.38 25.87
N LEU A 1549 -5.12 20.38 25.53
CA LEU A 1549 -4.71 18.99 25.61
C LEU A 1549 -4.77 18.32 24.25
N GLU A 1550 -3.72 17.56 23.94
CA GLU A 1550 -3.67 16.75 22.73
C GLU A 1550 -3.58 15.28 23.12
N LEU A 1551 -4.17 14.41 22.31
CA LEU A 1551 -4.26 13.00 22.65
C LEU A 1551 -3.07 12.18 22.16
N GLU A 1552 -2.60 11.29 23.03
CA GLU A 1552 -1.68 10.24 22.62
C GLU A 1552 -2.49 9.09 22.05
N ASN A 1553 -2.20 8.69 20.82
CA ASN A 1553 -2.95 7.64 20.15
C ASN A 1553 -2.40 6.25 20.46
N GLN A 1554 -2.99 5.59 21.44
CA GLN A 1554 -2.64 4.20 21.76
C GLN A 1554 -3.70 3.56 22.64
N ASN A 1555 -4.22 2.42 22.20
CA ASN A 1555 -5.25 1.69 22.93
C ASN A 1555 -4.67 1.06 24.20
N LEU A 1556 -5.46 0.21 24.86
CA LEU A 1556 -5.04 -0.49 26.08
C LEU A 1556 -4.77 0.47 27.24
N ALA A 1557 -4.07 1.57 26.98
CA ALA A 1557 -3.83 2.60 27.97
C ALA A 1557 -4.27 3.97 27.45
N SER A 1566 3.21 3.98 34.80
CA SER A 1566 3.88 2.77 34.31
C SER A 1566 3.45 1.54 35.10
N GLY A 1567 2.88 1.77 36.28
CA GLY A 1567 2.41 0.68 37.12
C GLY A 1567 1.54 1.17 38.26
N SER A 1568 1.57 0.45 39.38
CA SER A 1568 0.81 0.81 40.57
C SER A 1568 -0.70 0.71 40.33
N GLU A 1569 -1.49 1.34 41.20
CA GLU A 1569 -2.95 1.25 41.14
C GLU A 1569 -3.52 1.71 39.80
N VAL A 1570 -2.69 2.33 38.97
CA VAL A 1570 -3.07 2.67 37.62
C VAL A 1570 -3.41 1.39 36.86
N GLN A 1571 -2.56 0.37 37.03
CA GLN A 1571 -2.75 -0.90 36.36
C GLN A 1571 -4.10 -1.50 36.73
N ASN A 1572 -4.50 -1.30 37.99
CA ASN A 1572 -5.78 -1.81 38.47
C ASN A 1572 -6.97 -1.12 37.81
N LEU A 1573 -6.71 -0.02 37.10
CA LEU A 1573 -7.74 0.61 36.29
C LEU A 1573 -7.67 0.04 34.88
N LEU A 1574 -6.50 0.18 34.26
CA LEU A 1574 -6.24 -0.36 32.93
C LEU A 1574 -6.85 -1.74 32.76
N ASN A 1575 -6.54 -2.65 33.69
CA ASN A 1575 -7.11 -3.98 33.69
C ASN A 1575 -8.62 -3.93 33.48
N GLN A 1576 -9.31 -3.04 34.20
CA GLN A 1576 -10.76 -2.95 34.09
C GLN A 1576 -11.13 -2.52 32.67
N MET A 1577 -10.24 -1.77 32.03
CA MET A 1577 -10.47 -1.35 30.66
C MET A 1577 -10.29 -2.55 29.74
N GLN A 1578 -9.49 -3.51 30.20
CA GLN A 1578 -9.23 -4.70 29.40
C GLN A 1578 -10.37 -5.69 29.55
N GLN A 1579 -11.27 -5.40 30.49
CA GLN A 1579 -12.46 -6.21 30.71
C GLN A 1579 -13.68 -5.59 30.03
N ALA A 1580 -13.54 -4.36 29.55
CA ALA A 1580 -14.61 -3.67 28.86
C ALA A 1580 -14.66 -4.06 27.39
N ASP A 1581 -15.82 -4.54 26.94
CA ASP A 1581 -15.99 -4.93 25.54
C ASP A 1581 -16.15 -3.69 24.66
N ILE A 1582 -15.01 -3.17 24.21
CA ILE A 1582 -14.98 -1.96 23.39
C ILE A 1582 -15.18 -2.31 21.91
N GLN A 1583 -16.22 -1.74 21.31
CA GLN A 1583 -16.52 -1.99 19.91
C GLN A 1583 -15.56 -1.24 19.00
N TYR A 1584 -15.40 0.06 19.24
CA TYR A 1584 -14.48 0.87 18.47
C TYR A 1584 -13.95 2.01 19.33
N MET A 1585 -12.82 2.57 18.93
CA MET A 1585 -12.19 3.64 19.69
C MET A 1585 -11.29 4.48 18.78
N GLU A 1586 -11.49 5.79 18.82
CA GLU A 1586 -10.75 6.72 17.96
C GLU A 1586 -10.35 7.98 18.70
N PHE A 1587 -9.07 8.33 18.60
CA PHE A 1587 -8.52 9.51 19.27
C PHE A 1587 -8.43 10.68 18.29
N ARG A 1588 -9.45 11.53 18.28
CA ARG A 1588 -9.49 12.64 17.33
C ARG A 1588 -8.73 13.87 17.82
N ASP A 1589 -8.73 14.92 17.01
CA ASP A 1589 -8.02 16.15 17.35
C ASP A 1589 -8.66 16.89 18.51
N ASP A 1590 -9.98 16.78 18.62
CA ASP A 1590 -10.74 17.55 19.62
C ASP A 1590 -11.69 16.68 20.43
N ARG A 1591 -11.57 15.36 20.27
CA ARG A 1591 -12.48 14.42 20.92
C ARG A 1591 -11.80 13.13 21.32
N PHE A 1592 -12.32 12.50 22.37
CA PHE A 1592 -12.07 11.09 22.63
C PHE A 1592 -13.37 10.36 22.42
N VAL A 1593 -13.37 9.39 21.52
CA VAL A 1593 -14.57 8.62 21.19
C VAL A 1593 -14.35 7.16 21.52
N ALA A 1594 -15.43 6.48 21.89
CA ALA A 1594 -15.35 5.06 22.25
C ALA A 1594 -16.72 4.40 22.16
N ALA A 1595 -16.89 3.55 21.16
CA ALA A 1595 -18.08 2.71 21.06
C ALA A 1595 -17.90 1.50 21.95
N VAL A 1596 -18.83 1.29 22.86
CA VAL A 1596 -18.71 0.25 23.87
C VAL A 1596 -20.09 -0.28 24.25
N VAL A 1597 -20.14 -1.52 24.75
CA VAL A 1597 -21.37 -2.07 25.30
C VAL A 1597 -21.36 -1.89 26.83
N VAL A 1598 -22.48 -1.45 27.38
CA VAL A 1598 -22.63 -1.28 28.82
C VAL A 1598 -23.56 -2.35 29.36
N ASN A 1599 -22.99 -3.38 29.97
CA ASN A 1599 -23.77 -4.45 30.55
C ASN A 1599 -24.39 -4.05 31.88
N GLU A 1600 -25.49 -4.71 32.24
CA GLU A 1600 -26.21 -4.39 33.46
C GLU A 1600 -25.37 -4.64 34.71
N GLY A 1601 -25.19 -3.59 35.50
CA GLY A 1601 -24.57 -3.72 36.82
C GLY A 1601 -23.09 -4.03 36.84
N GLN A 1602 -22.39 -3.72 35.75
CA GLN A 1602 -20.93 -3.77 35.76
C GLN A 1602 -20.35 -2.50 35.11
N PRO A 1603 -19.81 -1.59 35.94
CA PRO A 1603 -19.28 -0.31 35.43
C PRO A 1603 -18.21 -0.47 34.35
N VAL A 1604 -18.37 0.28 33.26
CA VAL A 1604 -17.39 0.32 32.19
C VAL A 1604 -16.32 1.35 32.52
N THR A 1605 -15.06 0.91 32.56
CA THR A 1605 -13.93 1.79 32.85
C THR A 1605 -13.15 2.09 31.58
N LEU A 1606 -12.90 3.37 31.34
CA LEU A 1606 -12.14 3.81 30.17
C LEU A 1606 -11.09 4.83 30.59
N VAL A 1607 -9.84 4.56 30.23
CA VAL A 1607 -8.74 5.48 30.51
C VAL A 1607 -7.98 5.76 29.23
N TYR A 1608 -7.62 7.03 29.03
CA TYR A 1608 -6.84 7.42 27.86
C TYR A 1608 -5.81 8.48 28.21
N LEU A 1609 -4.66 8.39 27.55
CA LEU A 1609 -3.54 9.28 27.82
C LEU A 1609 -3.69 10.58 27.04
N ALA A 1610 -3.28 11.68 27.66
CA ALA A 1610 -3.36 13.00 27.03
C ALA A 1610 -2.19 13.86 27.49
N ARG A 1611 -1.67 14.67 26.57
CA ARG A 1611 -0.52 15.53 26.84
C ARG A 1611 -0.88 17.00 26.70
N ALA A 1612 -0.49 17.80 27.69
CA ALA A 1612 -0.69 19.24 27.62
C ALA A 1612 0.41 19.87 26.78
N VAL A 1613 0.04 20.86 25.97
CA VAL A 1613 0.99 21.48 25.06
C VAL A 1613 0.91 23.01 25.08
N THR A 1614 -0.07 23.58 24.38
CA THR A 1614 -0.15 25.02 24.19
C THR A 1614 -0.59 25.73 25.48
N PRO A 1615 0.25 26.66 25.99
CA PRO A 1615 -0.18 27.42 27.17
C PRO A 1615 -1.40 28.29 26.90
N GLY A 1616 -2.29 28.38 27.88
CA GLY A 1616 -3.48 29.20 27.76
C GLY A 1616 -4.59 28.83 28.72
N THR A 1617 -5.69 29.56 28.65
CA THR A 1617 -6.88 29.29 29.43
C THR A 1617 -7.98 28.73 28.54
N TYR A 1618 -8.23 27.44 28.65
CA TYR A 1618 -9.14 26.74 27.75
C TYR A 1618 -10.43 26.31 28.45
N GLN A 1619 -11.55 26.51 27.75
CA GLN A 1619 -12.84 26.01 28.21
C GLN A 1619 -12.78 24.49 28.35
N LEU A 1620 -13.58 23.95 29.27
CA LEU A 1620 -13.61 22.51 29.51
C LEU A 1620 -15.05 21.99 29.49
N ALA A 1621 -15.32 21.07 28.58
CA ALA A 1621 -16.66 20.55 28.38
C ALA A 1621 -16.92 19.33 29.24
N GLN A 1622 -18.20 19.02 29.43
CA GLN A 1622 -18.62 17.87 30.23
C GLN A 1622 -18.47 16.58 29.45
N PRO A 1623 -18.19 15.46 30.14
CA PRO A 1623 -18.25 14.16 29.47
C PRO A 1623 -19.64 13.91 28.90
N GLN A 1624 -19.76 12.97 27.97
CA GLN A 1624 -21.03 12.74 27.30
C GLN A 1624 -21.14 11.31 26.83
N VAL A 1625 -22.24 10.65 27.19
CA VAL A 1625 -22.53 9.31 26.71
C VAL A 1625 -24.01 9.17 26.39
N GLU A 1626 -24.30 8.41 25.33
CA GLU A 1626 -25.67 8.19 24.89
C GLU A 1626 -25.84 6.82 24.25
N SER A 1627 -27.09 6.41 24.07
CA SER A 1627 -27.40 5.24 23.25
C SER A 1627 -27.64 5.74 21.83
N MET A 1628 -26.91 5.20 20.87
CA MET A 1628 -26.93 5.72 19.51
C MET A 1628 -28.30 5.61 18.85
N TYR A 1629 -29.09 4.62 19.26
CA TYR A 1629 -30.37 4.34 18.62
C TYR A 1629 -31.52 4.29 19.62
N ALA A 1630 -31.22 4.66 20.85
CA ALA A 1630 -32.23 5.02 21.84
C ALA A 1630 -31.73 6.29 22.54
N PRO A 1631 -31.46 7.35 21.76
CA PRO A 1631 -30.74 8.52 22.24
C PRO A 1631 -31.50 9.36 23.26
N GLN A 1632 -32.62 8.87 23.79
CA GLN A 1632 -33.23 9.51 24.95
C GLN A 1632 -32.46 9.07 26.18
N TRP A 1633 -31.71 7.97 26.05
CA TRP A 1633 -30.81 7.51 27.11
C TRP A 1633 -29.48 8.25 27.01
N ARG A 1634 -29.35 9.34 27.76
CA ARG A 1634 -28.16 10.19 27.69
C ARG A 1634 -27.57 10.49 29.06
N ALA A 1635 -26.31 10.90 29.08
CA ALA A 1635 -25.69 11.38 30.30
C ALA A 1635 -24.53 12.33 30.04
N THR A 1636 -24.56 13.45 30.76
CA THR A 1636 -23.45 14.40 30.81
C THR A 1636 -23.08 14.57 32.28
N GLY A 1637 -21.80 14.48 32.59
CA GLY A 1637 -21.36 14.36 33.98
C GLY A 1637 -20.28 15.31 34.46
N ALA A 1638 -20.70 16.52 34.84
CA ALA A 1638 -19.85 17.46 35.58
C ALA A 1638 -18.64 17.96 34.79
N SER A 1639 -18.01 19.00 35.32
CA SER A 1639 -16.81 19.57 34.70
C SER A 1639 -16.17 20.57 35.67
N GLU A 1640 -14.85 20.59 35.70
CA GLU A 1640 -14.13 21.51 36.58
C GLU A 1640 -14.25 22.95 36.07
N GLY A 1641 -14.76 23.12 34.86
CA GLY A 1641 -15.03 24.43 34.29
C GLY A 1641 -13.98 24.91 33.31
N LEU A 1642 -12.71 24.85 33.73
CA LEU A 1642 -11.62 25.40 32.92
C LEU A 1642 -10.34 24.59 32.99
N LEU A 1643 -9.49 24.80 31.99
CA LEU A 1643 -8.16 24.20 31.93
C LEU A 1643 -7.12 25.30 31.79
N ILE A 1644 -6.08 25.26 32.63
CA ILE A 1644 -4.99 26.22 32.55
C ILE A 1644 -3.69 25.52 32.19
N VAL A 1645 -3.09 25.94 31.08
CA VAL A 1645 -1.78 25.42 30.67
C VAL A 1645 -0.77 26.56 30.72
N THR A 1646 0.36 26.31 31.39
CA THR A 1646 1.43 27.29 31.50
C THR A 1646 2.69 26.77 30.80
N PRO A 1647 3.60 27.69 30.44
CA PRO A 1647 4.84 27.28 29.76
C PRO A 1647 5.71 26.33 30.60
#